data_1GQJ
#
_entry.id   1GQJ
#
_cell.length_a   69.561
_cell.length_b   74.609
_cell.length_c   87.450
_cell.angle_alpha   115.23
_cell.angle_beta   93.15
_cell.angle_gamma   109.17
#
_symmetry.space_group_name_H-M   'P 1'
#
loop_
_entity.id
_entity.type
_entity.pdbx_description
1 polymer ALPHA-D-GLUCURONIDASE
2 branched beta-D-xylopyranose-(1-4)-beta-D-xylopyranose
3 non-polymer 1,2-ETHANEDIOL
4 non-polymer 'COBALT (II) ION'
5 water water
#
_entity_poly.entity_id   1
_entity_poly.type   'polypeptide(L)'
_entity_poly.pdbx_seq_one_letter_code
;EDGYDMWLRYQPIADQTLLKTYQKQIRHLHVAGDSPTINAAAAELQRGLSGLLNKPIVARDEKLKDYSLVIGTPDNSPLI
ASLNLGERLQALGAEGYLLEQTRINKRHVVIVAANSDVGVLYGSFHLLRLIQTQHALEKLSLSSAPRLQHRVVNHWDNLN
RVVERGYAGLSLWDWGSLPNYLAPRYTDYARINASLGINGTVINNVNADPRVLSDQFLQKIAALADAFRPYGIKMYLSIN
FNSPRAFGDVDTADPLDPRVQQWWKTRAQKIYSYIPDFGGFLVKADSEGQPGPQGYGRDHAEGANMLAAALKPFGGVVFW
RAFVYHPDIEDRFRGAYDEFMPLDGKFADNVILQIKNGPIDFQPREPFSALFAGMSRTNMMMEFQITQEYFGFATHLAYQ
GPLFEESLKTETHARGEGSTIGNILEGKVFKTRHTGMAGVINPGTDRNWTGHPFVQSSWYAFGRMAWDHQISAATAADEW
LRMTFSNQPAFIEPVKQMMLVSREAGVNYRSPLGLTHLYSQGDHYGPAPWTDDLPRADWTAVYYHRASKTGIGFNRTKTG
SNALAQYPEPIAKAWGDLNSVPEDLILWFHHLSWDHRMQSGRNLWQELVHKYYQGVEQVRAMQRTWDQQEAYVDAARFAQ
VKALLQVQEREAVRWRNSCVLYFQSVAGRPIPANYEQPEHDLEYYKMLARTTYVPEPWHPASSSRVLK
;
_entity_poly.pdbx_strand_id   A,B
#
loop_
_chem_comp.id
_chem_comp.type
_chem_comp.name
_chem_comp.formula
CO non-polymer 'COBALT (II) ION' 'Co 2'
EDO non-polymer 1,2-ETHANEDIOL 'C2 H6 O2'
XYP D-saccharide, beta linking beta-D-xylopyranose 'C5 H10 O5'
#
# COMPACT_ATOMS: atom_id res chain seq x y z
N GLU A 1 3.58 5.66 -18.68
CA GLU A 1 3.34 4.29 -18.33
C GLU A 1 3.74 4.07 -16.87
N ASP A 2 2.71 3.73 -16.07
CA ASP A 2 2.95 3.42 -14.69
C ASP A 2 2.57 1.98 -14.34
N GLY A 3 2.38 1.17 -15.40
CA GLY A 3 2.13 -0.25 -15.21
C GLY A 3 0.72 -0.68 -14.76
N TYR A 4 -0.21 0.29 -14.57
CA TYR A 4 -1.55 -0.09 -14.09
C TYR A 4 -2.32 -1.01 -15.05
N ASP A 5 -2.10 -0.78 -16.36
CA ASP A 5 -2.80 -1.58 -17.37
C ASP A 5 -2.13 -2.94 -17.58
N MET A 6 -0.89 -3.06 -17.06
CA MET A 6 -0.12 -4.27 -17.26
C MET A 6 -0.01 -4.64 -18.75
N TRP A 7 -0.42 -5.86 -19.12
CA TRP A 7 -0.23 -6.24 -20.51
C TRP A 7 -1.44 -5.92 -21.40
N LEU A 8 -2.47 -5.32 -20.78
CA LEU A 8 -3.61 -4.87 -21.57
C LEU A 8 -3.47 -3.39 -21.98
N ARG A 9 -2.36 -3.10 -22.70
CA ARG A 9 -2.12 -1.74 -23.17
C ARG A 9 -2.69 -1.51 -24.58
N TYR A 10 -3.83 -0.82 -24.63
CA TYR A 10 -4.49 -0.64 -25.90
C TYR A 10 -4.11 0.70 -26.54
N GLN A 11 -2.85 0.69 -27.00
CA GLN A 11 -2.25 1.85 -27.65
C GLN A 11 -2.19 1.56 -29.13
N PRO A 12 -2.27 2.60 -29.95
CA PRO A 12 -2.34 2.41 -31.42
C PRO A 12 -1.15 1.59 -31.95
N ILE A 13 -1.50 0.66 -32.88
CA ILE A 13 -0.46 -0.16 -33.46
C ILE A 13 0.53 0.77 -34.12
N ALA A 14 1.81 0.54 -33.74
CA ALA A 14 2.91 1.42 -34.13
C ALA A 14 3.31 1.30 -35.58
N ASP A 15 3.25 0.03 -36.09
CA ASP A 15 3.56 -0.22 -37.49
C ASP A 15 2.38 0.23 -38.32
N GLN A 16 2.58 1.39 -38.99
CA GLN A 16 1.52 2.00 -39.79
C GLN A 16 0.93 1.15 -40.92
N THR A 17 1.77 0.31 -41.58
CA THR A 17 1.25 -0.58 -42.64
C THR A 17 0.31 -1.62 -42.05
N LEU A 18 0.80 -2.20 -40.93
CA LEU A 18 -0.01 -3.14 -40.19
C LEU A 18 -1.27 -2.49 -39.63
N LEU A 19 -1.16 -1.25 -39.10
CA LEU A 19 -2.38 -0.61 -38.56
C LEU A 19 -3.49 -0.50 -39.60
N LYS A 20 -3.07 -0.10 -40.84
CA LYS A 20 -4.01 0.07 -41.94
C LYS A 20 -4.72 -1.23 -42.27
N THR A 21 -3.92 -2.31 -42.27
CA THR A 21 -4.48 -3.63 -42.51
C THR A 21 -5.56 -4.02 -41.54
N TYR A 22 -5.29 -3.83 -40.21
CA TYR A 22 -6.31 -4.12 -39.19
C TYR A 22 -7.57 -3.23 -39.33
N GLN A 23 -7.30 -1.93 -39.64
CA GLN A 23 -8.37 -0.97 -39.87
C GLN A 23 -9.31 -1.35 -41.02
N LYS A 24 -8.74 -1.96 -42.10
CA LYS A 24 -9.56 -2.42 -43.21
C LYS A 24 -10.36 -3.67 -42.83
N GLN A 25 -9.71 -4.51 -41.99
CA GLN A 25 -10.31 -5.78 -41.56
C GLN A 25 -11.45 -5.65 -40.53
N ILE A 26 -11.23 -4.80 -39.50
CA ILE A 26 -12.22 -4.69 -38.43
C ILE A 26 -12.78 -3.29 -38.44
N ARG A 27 -13.94 -3.16 -39.09
CA ARG A 27 -14.55 -1.85 -39.19
C ARG A 27 -15.76 -1.66 -38.27
N HIS A 28 -16.36 -2.82 -37.88
CA HIS A 28 -17.49 -2.83 -36.97
C HIS A 28 -17.36 -4.01 -36.01
N LEU A 29 -18.05 -3.81 -34.87
CA LEU A 29 -18.12 -4.82 -33.82
C LEU A 29 -19.58 -5.19 -33.58
N HIS A 30 -19.84 -6.46 -33.96
CA HIS A 30 -21.20 -7.04 -33.87
C HIS A 30 -21.35 -8.01 -32.70
N VAL A 31 -22.23 -7.59 -31.76
CA VAL A 31 -22.54 -8.38 -30.58
C VAL A 31 -24.05 -8.39 -30.36
N ALA A 32 -24.64 -9.58 -30.56
CA ALA A 32 -26.08 -9.76 -30.40
C ALA A 32 -26.46 -10.06 -28.94
N GLY A 33 -25.56 -10.83 -28.29
CA GLY A 33 -25.79 -11.23 -26.90
C GLY A 33 -25.73 -10.04 -25.93
N ASP A 34 -26.32 -10.27 -24.73
CA ASP A 34 -26.33 -9.22 -23.72
C ASP A 34 -26.25 -9.69 -22.26
N SER A 35 -25.75 -10.93 -22.10
CA SER A 35 -25.48 -11.45 -20.75
C SER A 35 -24.29 -10.68 -20.18
N PRO A 36 -24.19 -10.66 -18.83
CA PRO A 36 -23.07 -9.97 -18.18
C PRO A 36 -21.68 -10.28 -18.78
N THR A 37 -21.45 -11.60 -19.05
CA THR A 37 -20.18 -12.03 -19.61
C THR A 37 -19.99 -11.55 -21.05
N ILE A 38 -21.09 -11.66 -21.85
CA ILE A 38 -20.97 -11.12 -23.20
C ILE A 38 -20.74 -9.61 -23.19
N ASN A 39 -21.49 -8.91 -22.29
CA ASN A 39 -21.27 -7.46 -22.10
C ASN A 39 -19.83 -7.10 -21.72
N ALA A 40 -19.22 -7.95 -20.85
CA ALA A 40 -17.82 -7.73 -20.47
C ALA A 40 -16.85 -7.90 -21.68
N ALA A 41 -17.22 -8.91 -22.53
CA ALA A 41 -16.43 -9.17 -23.74
C ALA A 41 -16.53 -8.00 -24.71
N ALA A 42 -17.79 -7.54 -24.92
CA ALA A 42 -18.04 -6.39 -25.81
C ALA A 42 -17.33 -5.13 -25.34
N ALA A 43 -17.43 -4.91 -24.02
CA ALA A 43 -16.74 -3.76 -23.43
C ALA A 43 -15.23 -3.80 -23.65
N GLU A 44 -14.61 -5.01 -23.48
CA GLU A 44 -13.16 -5.13 -23.68
C GLU A 44 -12.75 -4.90 -25.12
N LEU A 45 -13.52 -5.55 -26.06
CA LEU A 45 -13.27 -5.36 -27.49
C LEU A 45 -13.42 -3.90 -27.92
N GLN A 46 -14.47 -3.25 -27.36
CA GLN A 46 -14.70 -1.85 -27.70
C GLN A 46 -13.54 -0.94 -27.30
N ARG A 47 -13.09 -1.06 -26.02
CA ARG A 47 -11.96 -0.28 -25.55
C ARG A 47 -10.65 -0.69 -26.20
N GLY A 48 -10.50 -2.03 -26.37
CA GLY A 48 -9.28 -2.59 -26.97
C GLY A 48 -9.11 -2.28 -28.45
N LEU A 49 -10.14 -2.61 -29.25
CA LEU A 49 -10.06 -2.29 -30.68
C LEU A 49 -9.97 -0.78 -30.97
N SER A 50 -10.73 0.04 -30.18
CA SER A 50 -10.65 1.50 -30.37
C SER A 50 -9.25 2.08 -30.11
N GLY A 51 -8.61 1.56 -29.04
CA GLY A 51 -7.28 2.02 -28.69
C GLY A 51 -6.21 1.58 -29.70
N LEU A 52 -6.23 0.25 -29.95
CA LEU A 52 -5.29 -0.39 -30.86
C LEU A 52 -5.40 0.10 -32.29
N LEU A 53 -6.66 0.34 -32.76
CA LEU A 53 -6.87 0.72 -34.15
C LEU A 53 -7.02 2.25 -34.36
N ASN A 54 -6.91 2.96 -33.22
CA ASN A 54 -6.97 4.44 -33.18
C ASN A 54 -8.18 5.05 -33.90
N LYS A 55 -9.36 4.44 -33.60
CA LYS A 55 -10.63 4.92 -34.15
C LYS A 55 -11.79 4.34 -33.36
N PRO A 56 -12.95 5.05 -33.34
CA PRO A 56 -14.03 4.61 -32.45
C PRO A 56 -14.72 3.37 -33.02
N ILE A 57 -14.55 2.25 -32.27
CA ILE A 57 -15.25 1.03 -32.60
C ILE A 57 -16.19 0.81 -31.44
N VAL A 58 -17.51 0.81 -31.76
CA VAL A 58 -18.56 0.64 -30.72
C VAL A 58 -19.29 -0.67 -30.96
N ALA A 59 -19.49 -1.46 -29.88
CA ALA A 59 -20.18 -2.72 -30.03
C ALA A 59 -21.65 -2.47 -30.31
N ARG A 60 -22.14 -3.11 -31.38
CA ARG A 60 -23.52 -2.83 -31.77
C ARG A 60 -24.28 -4.10 -32.18
N ASP A 61 -25.57 -4.11 -31.81
CA ASP A 61 -26.45 -5.12 -32.36
C ASP A 61 -27.25 -4.55 -33.53
N GLU A 62 -26.69 -4.72 -34.74
CA GLU A 62 -27.36 -4.23 -35.92
C GLU A 62 -27.19 -5.18 -37.10
N LYS A 63 -27.93 -4.88 -38.18
CA LYS A 63 -27.74 -5.66 -39.37
C LYS A 63 -26.26 -5.76 -39.73
N LEU A 64 -25.80 -6.99 -40.01
CA LEU A 64 -24.37 -7.21 -40.23
C LEU A 64 -23.84 -6.36 -41.37
N LYS A 65 -22.74 -5.65 -41.03
CA LYS A 65 -22.04 -4.87 -42.04
C LYS A 65 -20.77 -5.60 -42.49
N ASP A 66 -20.30 -5.19 -43.70
CA ASP A 66 -19.06 -5.76 -44.27
C ASP A 66 -17.89 -5.33 -43.37
N TYR A 67 -16.91 -6.27 -43.22
CA TYR A 67 -15.70 -6.09 -42.39
C TYR A 67 -15.93 -5.89 -40.90
N SER A 68 -16.61 -6.91 -40.32
CA SER A 68 -17.03 -6.86 -38.92
C SER A 68 -16.34 -7.93 -38.10
N LEU A 69 -16.24 -7.62 -36.77
CA LEU A 69 -15.85 -8.67 -35.82
C LEU A 69 -17.13 -9.07 -35.16
N VAL A 70 -17.47 -10.37 -35.29
CA VAL A 70 -18.76 -10.87 -34.78
C VAL A 70 -18.48 -11.87 -33.69
N ILE A 71 -19.05 -11.62 -32.50
CA ILE A 71 -18.81 -12.54 -31.38
C ILE A 71 -20.10 -13.14 -30.89
N GLY A 72 -19.96 -14.39 -30.35
CA GLY A 72 -21.11 -15.04 -29.71
C GLY A 72 -21.01 -16.57 -29.73
N THR A 73 -22.12 -17.14 -29.20
CA THR A 73 -22.31 -18.60 -29.25
C THR A 73 -23.49 -18.83 -30.19
N PRO A 74 -23.64 -20.07 -30.69
CA PRO A 74 -24.82 -20.41 -31.49
C PRO A 74 -26.16 -20.05 -30.78
N ASP A 75 -26.13 -20.20 -29.43
CA ASP A 75 -27.30 -19.90 -28.60
C ASP A 75 -27.65 -18.41 -28.55
N ASN A 76 -26.60 -17.52 -28.56
CA ASN A 76 -26.90 -16.07 -28.44
C ASN A 76 -26.71 -15.18 -29.67
N SER A 77 -26.17 -15.76 -30.75
CA SER A 77 -25.95 -14.96 -31.96
C SER A 77 -26.39 -15.77 -33.18
N PRO A 78 -27.56 -15.42 -33.71
CA PRO A 78 -28.06 -16.06 -34.95
C PRO A 78 -27.03 -16.15 -36.08
N LEU A 79 -26.20 -15.07 -36.22
CA LEU A 79 -25.16 -15.08 -37.25
C LEU A 79 -24.15 -16.23 -37.10
N ILE A 80 -23.64 -16.42 -35.85
CA ILE A 80 -22.73 -17.54 -35.56
C ILE A 80 -23.39 -18.91 -35.79
N ALA A 81 -24.66 -19.02 -35.33
CA ALA A 81 -25.42 -20.24 -35.58
C ALA A 81 -25.52 -20.62 -37.06
N SER A 82 -25.72 -19.57 -37.94
CA SER A 82 -25.86 -19.79 -39.41
C SER A 82 -24.68 -20.46 -40.13
N LEU A 83 -23.47 -20.32 -39.50
CA LEU A 83 -22.28 -20.96 -40.05
C LEU A 83 -22.26 -22.48 -39.92
N ASN A 84 -23.18 -23.02 -39.07
CA ASN A 84 -23.26 -24.46 -38.79
C ASN A 84 -21.90 -25.09 -38.54
N LEU A 85 -21.19 -24.49 -37.56
CA LEU A 85 -19.83 -24.94 -37.25
C LEU A 85 -19.75 -26.38 -36.74
N GLY A 86 -20.87 -26.83 -36.14
CA GLY A 86 -21.02 -28.23 -35.69
C GLY A 86 -19.93 -28.74 -34.73
N GLU A 87 -19.44 -29.96 -35.11
CA GLU A 87 -18.44 -30.69 -34.31
C GLU A 87 -17.18 -29.89 -34.03
N ARG A 88 -16.81 -29.07 -35.02
CA ARG A 88 -15.59 -28.27 -34.92
C ARG A 88 -15.59 -27.36 -33.72
N LEU A 89 -16.77 -26.69 -33.52
CA LEU A 89 -16.97 -25.78 -32.38
C LEU A 89 -17.20 -26.56 -31.10
N GLN A 90 -18.05 -27.61 -31.22
CA GLN A 90 -18.41 -28.42 -30.05
C GLN A 90 -17.26 -29.11 -29.32
N ALA A 91 -16.26 -29.56 -30.11
CA ALA A 91 -15.09 -30.18 -29.51
C ALA A 91 -14.30 -29.29 -28.55
N LEU A 92 -14.47 -27.95 -28.74
CA LEU A 92 -13.79 -26.95 -27.92
C LEU A 92 -14.36 -26.82 -26.47
N GLY A 93 -15.45 -27.55 -26.19
CA GLY A 93 -15.95 -27.62 -24.81
C GLY A 93 -16.51 -26.31 -24.28
N ALA A 94 -16.59 -26.32 -22.92
CA ALA A 94 -17.26 -25.26 -22.16
C ALA A 94 -16.46 -23.97 -21.94
N GLU A 95 -15.14 -23.98 -22.31
CA GLU A 95 -14.31 -22.78 -22.18
C GLU A 95 -13.52 -22.41 -23.46
N GLY A 96 -13.57 -23.30 -24.48
CA GLY A 96 -12.79 -23.05 -25.69
C GLY A 96 -13.48 -22.09 -26.66
N TYR A 97 -12.75 -21.80 -27.74
CA TYR A 97 -13.27 -20.86 -28.73
C TYR A 97 -12.55 -21.05 -30.05
N LEU A 98 -13.20 -20.48 -31.10
CA LEU A 98 -12.67 -20.51 -32.47
C LEU A 98 -12.58 -19.07 -32.94
N LEU A 99 -11.37 -18.73 -33.45
CA LEU A 99 -11.21 -17.44 -34.09
C LEU A 99 -10.96 -17.73 -35.55
N GLU A 100 -11.81 -17.12 -36.41
CA GLU A 100 -11.77 -17.42 -37.86
C GLU A 100 -12.23 -16.26 -38.75
N GLN A 101 -11.37 -15.97 -39.76
CA GLN A 101 -11.81 -15.08 -40.84
C GLN A 101 -12.67 -15.91 -41.79
N THR A 102 -13.91 -15.43 -42.00
CA THR A 102 -14.84 -16.19 -42.84
C THR A 102 -15.85 -15.25 -43.51
N ARG A 103 -16.98 -15.81 -44.01
CA ARG A 103 -18.02 -14.96 -44.60
C ARG A 103 -19.34 -15.35 -44.01
N ILE A 104 -20.18 -14.33 -43.77
CA ILE A 104 -21.59 -14.51 -43.43
C ILE A 104 -22.47 -13.62 -44.29
N ASN A 105 -23.37 -14.28 -45.04
CA ASN A 105 -24.22 -13.53 -45.95
C ASN A 105 -23.39 -12.65 -46.89
N LYS A 106 -22.26 -13.22 -47.34
CA LYS A 106 -21.43 -12.54 -48.33
C LYS A 106 -20.57 -11.43 -47.70
N ARG A 107 -20.83 -11.17 -46.41
CA ARG A 107 -20.08 -10.12 -45.72
C ARG A 107 -18.76 -10.65 -45.17
N HIS A 108 -17.71 -9.81 -45.32
CA HIS A 108 -16.41 -10.17 -44.76
C HIS A 108 -16.43 -10.12 -43.24
N VAL A 109 -16.07 -11.19 -42.49
CA VAL A 109 -16.18 -11.06 -41.06
C VAL A 109 -15.16 -11.90 -40.31
N VAL A 110 -14.82 -11.45 -39.10
CA VAL A 110 -13.93 -12.23 -38.25
C VAL A 110 -14.63 -12.66 -36.97
N ILE A 111 -14.80 -13.99 -36.82
CA ILE A 111 -15.71 -14.47 -35.79
C ILE A 111 -14.99 -14.99 -34.54
N VAL A 112 -15.53 -14.55 -33.38
CA VAL A 112 -15.05 -15.10 -32.12
C VAL A 112 -16.09 -16.06 -31.53
N ALA A 113 -16.08 -17.29 -32.09
CA ALA A 113 -17.15 -18.23 -31.76
C ALA A 113 -16.77 -19.14 -30.59
N ALA A 114 -17.81 -19.55 -29.84
CA ALA A 114 -17.61 -20.46 -28.73
C ALA A 114 -18.93 -21.11 -28.33
N ASN A 115 -18.85 -22.07 -27.39
CA ASN A 115 -20.07 -22.72 -26.94
C ASN A 115 -20.66 -22.00 -25.72
N SER A 116 -19.78 -21.32 -24.97
CA SER A 116 -20.24 -20.60 -23.78
C SER A 116 -19.93 -19.13 -23.89
N ASP A 117 -20.55 -18.41 -22.97
CA ASP A 117 -20.27 -17.01 -22.94
C ASP A 117 -18.83 -16.74 -22.47
N VAL A 118 -18.36 -17.52 -21.47
CA VAL A 118 -16.96 -17.32 -21.03
C VAL A 118 -15.95 -17.67 -22.12
N GLY A 119 -16.33 -18.66 -22.97
CA GLY A 119 -15.54 -19.03 -24.16
C GLY A 119 -15.36 -17.84 -25.11
N VAL A 120 -16.48 -17.10 -25.33
CA VAL A 120 -16.42 -15.88 -26.14
C VAL A 120 -15.52 -14.82 -25.52
N LEU A 121 -15.62 -14.69 -24.16
CA LEU A 121 -14.74 -13.72 -23.48
C LEU A 121 -13.25 -14.06 -23.63
N TYR A 122 -12.91 -15.38 -23.42
CA TYR A 122 -11.52 -15.81 -23.57
C TYR A 122 -11.03 -15.61 -25.00
N GLY A 123 -11.95 -15.94 -25.94
CA GLY A 123 -11.67 -15.79 -27.35
C GLY A 123 -11.44 -14.36 -27.76
N SER A 124 -12.22 -13.46 -27.09
CA SER A 124 -12.11 -12.02 -27.31
C SER A 124 -10.74 -11.50 -26.84
N PHE A 125 -10.31 -11.96 -25.65
CA PHE A 125 -8.97 -11.58 -25.19
C PHE A 125 -7.86 -12.04 -26.12
N HIS A 126 -8.03 -13.30 -26.66
CA HIS A 126 -7.04 -13.81 -27.63
C HIS A 126 -7.07 -12.98 -28.91
N LEU A 127 -8.30 -12.68 -29.41
CA LEU A 127 -8.40 -11.77 -30.58
C LEU A 127 -7.57 -10.50 -30.38
N LEU A 128 -7.78 -9.83 -29.21
CA LEU A 128 -6.98 -8.64 -28.92
C LEU A 128 -5.46 -8.88 -28.85
N ARG A 129 -5.09 -9.99 -28.18
CA ARG A 129 -3.67 -10.34 -28.10
C ARG A 129 -3.01 -10.49 -29.48
N LEU A 130 -3.77 -11.10 -30.44
CA LEU A 130 -3.20 -11.23 -31.79
C LEU A 130 -2.77 -9.89 -32.40
N ILE A 131 -3.65 -8.87 -32.14
CA ILE A 131 -3.43 -7.52 -32.62
C ILE A 131 -2.30 -6.84 -31.84
N GLN A 132 -2.43 -6.97 -30.49
CA GLN A 132 -1.37 -6.50 -29.57
C GLN A 132 0.01 -7.00 -29.95
N THR A 133 0.07 -8.22 -30.50
CA THR A 133 1.37 -8.75 -30.84
C THR A 133 1.62 -8.72 -32.35
N GLN A 134 0.76 -7.97 -33.06
CA GLN A 134 1.03 -7.74 -34.47
C GLN A 134 1.06 -9.02 -35.28
N HIS A 135 0.09 -9.91 -34.98
CA HIS A 135 -0.12 -11.07 -35.84
C HIS A 135 -1.24 -10.78 -36.86
N ALA A 136 -1.13 -11.43 -38.03
CA ALA A 136 -2.06 -11.16 -39.11
C ALA A 136 -3.38 -11.87 -38.93
N LEU A 137 -4.47 -11.12 -39.25
CA LEU A 137 -5.79 -11.72 -39.21
C LEU A 137 -6.21 -12.42 -40.53
N GLU A 138 -5.44 -12.10 -41.61
CA GLU A 138 -5.79 -12.71 -42.89
C GLU A 138 -5.50 -14.21 -42.86
N LYS A 139 -6.58 -14.91 -43.28
CA LYS A 139 -6.66 -16.35 -43.29
C LYS A 139 -6.66 -16.95 -41.88
N LEU A 140 -7.05 -16.11 -40.87
CA LEU A 140 -7.10 -16.62 -39.49
C LEU A 140 -8.11 -17.74 -39.35
N SER A 141 -7.62 -18.81 -38.72
CA SER A 141 -8.45 -19.95 -38.38
C SER A 141 -7.72 -20.69 -37.28
N LEU A 142 -8.08 -20.37 -36.03
CA LEU A 142 -7.46 -21.05 -34.91
C LEU A 142 -8.47 -21.27 -33.83
N SER A 143 -8.30 -22.40 -33.16
CA SER A 143 -9.15 -22.74 -32.03
C SER A 143 -8.23 -23.13 -30.89
N SER A 144 -8.77 -22.94 -29.66
CA SER A 144 -8.03 -23.32 -28.46
C SER A 144 -9.02 -23.63 -27.35
N ALA A 145 -8.58 -24.54 -26.46
CA ALA A 145 -9.36 -24.88 -25.27
C ALA A 145 -8.34 -25.12 -24.17
N PRO A 146 -8.71 -24.76 -22.93
CA PRO A 146 -7.75 -24.89 -21.83
C PRO A 146 -7.51 -26.37 -21.55
N ARG A 147 -6.26 -26.67 -21.13
CA ARG A 147 -5.91 -28.06 -20.83
C ARG A 147 -6.05 -28.45 -19.36
N LEU A 148 -6.33 -27.44 -18.50
CA LEU A 148 -6.60 -27.75 -17.10
C LEU A 148 -7.90 -27.05 -16.72
N GLN A 149 -8.62 -27.73 -15.81
CA GLN A 149 -9.93 -27.32 -15.35
C GLN A 149 -9.90 -26.08 -14.42
N HIS A 150 -9.13 -26.17 -13.34
CA HIS A 150 -9.08 -25.03 -12.43
C HIS A 150 -7.80 -24.27 -12.66
N ARG A 151 -7.96 -23.10 -13.20
CA ARG A 151 -6.77 -22.31 -13.37
C ARG A 151 -6.86 -21.10 -12.44
N VAL A 152 -6.19 -21.19 -11.27
CA VAL A 152 -6.45 -20.25 -10.18
C VAL A 152 -5.21 -19.53 -9.72
N VAL A 153 -5.48 -18.36 -9.15
CA VAL A 153 -4.45 -17.67 -8.43
C VAL A 153 -4.73 -17.72 -6.94
N ASN A 154 -3.61 -17.59 -6.16
CA ASN A 154 -3.70 -17.56 -4.69
C ASN A 154 -3.05 -16.26 -4.17
N HIS A 155 -3.75 -15.67 -3.16
CA HIS A 155 -3.24 -14.48 -2.50
C HIS A 155 -3.09 -14.78 -1.03
N TRP A 156 -1.84 -14.63 -0.52
CA TRP A 156 -1.61 -14.87 0.89
C TRP A 156 -1.86 -13.60 1.71
N ASP A 157 -3.14 -13.14 1.62
CA ASP A 157 -3.50 -11.84 2.21
C ASP A 157 -4.16 -12.00 3.59
N ASN A 158 -3.57 -11.23 4.54
CA ASN A 158 -4.16 -11.17 5.88
C ASN A 158 -5.26 -10.11 5.84
N LEU A 159 -6.24 -10.25 6.78
CA LEU A 159 -7.40 -9.35 6.79
C LEU A 159 -7.06 -7.90 7.16
N ASN A 160 -5.94 -7.74 7.92
CA ASN A 160 -5.41 -6.39 8.15
C ASN A 160 -4.87 -5.69 6.89
N ARG A 161 -4.83 -6.48 5.80
CA ARG A 161 -4.39 -6.04 4.46
C ARG A 161 -2.88 -6.13 4.18
N VAL A 162 -2.13 -6.70 5.18
CA VAL A 162 -0.71 -6.99 4.94
C VAL A 162 -0.65 -8.36 4.27
N VAL A 163 0.14 -8.41 3.17
CA VAL A 163 0.28 -9.66 2.40
C VAL A 163 1.53 -10.44 2.85
N GLU A 164 1.30 -11.74 3.18
CA GLU A 164 2.42 -12.59 3.58
C GLU A 164 3.17 -13.05 2.32
N ARG A 165 4.50 -12.75 2.33
CA ARG A 165 5.32 -12.84 1.12
C ARG A 165 4.79 -11.97 0.00
N GLY A 166 4.57 -10.68 0.41
CA GLY A 166 3.95 -9.68 -0.44
C GLY A 166 4.86 -8.47 -0.58
N TYR A 167 5.28 -8.29 -1.85
CA TYR A 167 6.30 -7.31 -2.13
C TYR A 167 5.79 -6.22 -3.07
N ALA A 168 4.45 -6.14 -3.17
CA ALA A 168 3.81 -5.23 -4.12
C ALA A 168 2.67 -4.42 -3.50
N GLY A 169 2.76 -4.25 -2.16
CA GLY A 169 1.78 -3.40 -1.46
C GLY A 169 0.74 -4.17 -0.62
N LEU A 170 -0.24 -3.37 -0.17
CA LEU A 170 -1.30 -3.91 0.66
C LEU A 170 -2.24 -4.76 -0.19
N SER A 171 -2.97 -5.65 0.51
CA SER A 171 -4.01 -6.42 -0.18
C SER A 171 -4.98 -5.52 -0.91
N LEU A 172 -5.39 -5.99 -2.11
CA LEU A 172 -6.28 -5.20 -2.93
C LEU A 172 -7.65 -5.03 -2.29
N TRP A 173 -8.00 -5.97 -1.37
CA TRP A 173 -9.37 -6.00 -0.83
C TRP A 173 -9.54 -5.00 0.32
N ASP A 174 -10.33 -3.94 0.02
CA ASP A 174 -10.51 -2.86 0.99
C ASP A 174 -11.72 -3.12 1.88
N TRP A 175 -11.47 -4.04 2.84
CA TRP A 175 -12.53 -4.52 3.71
C TRP A 175 -13.34 -3.42 4.42
N GLY A 176 -12.64 -2.34 4.79
CA GLY A 176 -13.31 -1.24 5.46
C GLY A 176 -14.42 -0.54 4.68
N SER A 177 -14.27 -0.54 3.31
CA SER A 177 -15.27 0.06 2.43
C SER A 177 -16.18 -0.95 1.72
N LEU A 178 -15.86 -2.25 1.92
CA LEU A 178 -16.76 -3.28 1.36
C LEU A 178 -17.90 -3.56 2.33
N PRO A 179 -19.09 -3.96 1.87
CA PRO A 179 -19.43 -4.22 0.45
C PRO A 179 -19.82 -3.00 -0.37
N ASN A 180 -20.01 -1.83 0.32
CA ASN A 180 -20.62 -0.65 -0.29
C ASN A 180 -19.91 -0.10 -1.51
N TYR A 181 -18.56 -0.08 -1.40
CA TYR A 181 -17.74 0.43 -2.52
C TYR A 181 -17.13 -0.64 -3.43
N LEU A 182 -17.75 -0.72 -4.64
CA LEU A 182 -17.30 -1.57 -5.70
C LEU A 182 -16.26 -0.82 -6.54
N ALA A 183 -15.03 -0.85 -5.98
CA ALA A 183 -13.93 -0.12 -6.62
C ALA A 183 -13.66 -0.63 -8.04
N PRO A 184 -13.38 0.32 -8.96
CA PRO A 184 -12.98 -0.02 -10.34
C PRO A 184 -11.84 -1.08 -10.41
N ARG A 185 -10.90 -0.99 -9.44
CA ARG A 185 -9.77 -1.92 -9.45
C ARG A 185 -10.14 -3.41 -9.35
N TYR A 186 -11.29 -3.69 -8.68
CA TYR A 186 -11.75 -5.06 -8.55
C TYR A 186 -12.09 -5.65 -9.93
N THR A 187 -12.71 -4.78 -10.76
CA THR A 187 -13.00 -5.15 -12.16
C THR A 187 -11.73 -5.26 -13.03
N ASP A 188 -10.77 -4.32 -12.82
CA ASP A 188 -9.52 -4.45 -13.55
C ASP A 188 -8.72 -5.72 -13.20
N TYR A 189 -8.80 -6.09 -11.89
CA TYR A 189 -8.21 -7.36 -11.43
C TYR A 189 -8.83 -8.52 -12.14
N ALA A 190 -10.20 -8.46 -12.24
CA ALA A 190 -10.89 -9.51 -12.97
C ALA A 190 -10.47 -9.57 -14.44
N ARG A 191 -10.29 -8.36 -15.05
CA ARG A 191 -9.93 -8.31 -16.47
C ARG A 191 -8.52 -8.88 -16.71
N ILE A 192 -7.60 -8.55 -15.76
CA ILE A 192 -6.23 -9.09 -15.86
C ILE A 192 -6.24 -10.59 -15.90
N ASN A 193 -6.94 -11.20 -14.91
CA ASN A 193 -6.95 -12.66 -14.83
C ASN A 193 -7.74 -13.36 -15.93
N ALA A 194 -8.90 -12.76 -16.29
CA ALA A 194 -9.67 -13.30 -17.42
C ALA A 194 -8.91 -13.25 -18.73
N SER A 195 -8.04 -12.21 -18.87
CA SER A 195 -7.22 -12.11 -20.10
C SER A 195 -6.30 -13.30 -20.37
N LEU A 196 -5.98 -14.02 -19.25
CA LEU A 196 -5.16 -15.23 -19.29
C LEU A 196 -5.96 -16.54 -19.23
N GLY A 197 -7.27 -16.39 -18.99
CA GLY A 197 -8.13 -17.55 -18.91
C GLY A 197 -8.21 -18.09 -17.49
N ILE A 198 -7.60 -17.32 -16.52
CA ILE A 198 -7.70 -17.70 -15.10
C ILE A 198 -9.17 -17.61 -14.63
N ASN A 199 -9.68 -18.75 -14.09
CA ASN A 199 -11.10 -18.81 -13.73
C ASN A 199 -11.41 -18.98 -12.24
N GLY A 200 -10.39 -18.71 -11.40
CA GLY A 200 -10.66 -18.82 -9.97
C GLY A 200 -9.58 -18.11 -9.14
N THR A 201 -9.96 -17.75 -7.90
CA THR A 201 -9.03 -17.01 -7.05
C THR A 201 -9.30 -17.24 -5.55
N VAL A 202 -8.20 -17.55 -4.84
CA VAL A 202 -8.26 -17.60 -3.38
C VAL A 202 -7.68 -16.32 -2.80
N ILE A 203 -8.58 -15.48 -2.23
CA ILE A 203 -8.20 -14.11 -1.92
C ILE A 203 -7.57 -13.94 -0.54
N ASN A 204 -7.60 -15.02 0.26
CA ASN A 204 -7.09 -14.88 1.62
C ASN A 204 -6.01 -15.91 1.98
N ASN A 205 -5.20 -15.51 2.97
CA ASN A 205 -4.04 -16.31 3.37
C ASN A 205 -4.43 -17.73 3.78
N VAL A 206 -3.50 -18.64 3.36
CA VAL A 206 -3.57 -20.04 3.75
C VAL A 206 -3.36 -20.23 5.24
N ASN A 207 -2.57 -19.28 5.84
CA ASN A 207 -2.55 -19.20 7.29
C ASN A 207 -3.82 -18.45 7.63
N ALA A 208 -4.85 -19.30 7.77
CA ALA A 208 -6.18 -18.80 7.58
C ALA A 208 -6.85 -18.19 8.80
N ASP A 209 -7.59 -17.09 8.48
CA ASP A 209 -8.32 -16.29 9.47
C ASP A 209 -9.79 -16.71 9.42
N PRO A 210 -10.29 -17.20 10.57
CA PRO A 210 -11.68 -17.67 10.66
C PRO A 210 -12.78 -16.63 10.30
N ARG A 211 -12.42 -15.33 10.44
CA ARG A 211 -13.39 -14.26 10.18
C ARG A 211 -14.00 -14.27 8.78
N VAL A 212 -13.25 -14.85 7.80
CA VAL A 212 -13.76 -14.86 6.42
C VAL A 212 -15.09 -15.60 6.25
N LEU A 213 -15.39 -16.54 7.23
CA LEU A 213 -16.63 -17.29 7.20
C LEU A 213 -17.77 -16.65 8.00
N SER A 214 -17.49 -15.49 8.66
CA SER A 214 -18.58 -14.80 9.36
C SER A 214 -19.38 -13.99 8.37
N ASP A 215 -20.64 -13.71 8.77
CA ASP A 215 -21.53 -12.89 7.94
C ASP A 215 -20.90 -11.55 7.56
N GLN A 216 -20.24 -10.92 8.56
CA GLN A 216 -19.58 -9.64 8.33
C GLN A 216 -18.70 -9.65 7.07
N PHE A 217 -17.82 -10.67 7.01
CA PHE A 217 -16.92 -10.79 5.87
C PHE A 217 -17.52 -11.44 4.63
N LEU A 218 -18.47 -12.41 4.81
CA LEU A 218 -19.14 -13.00 3.65
C LEU A 218 -19.86 -11.96 2.79
N GLN A 219 -20.47 -10.93 3.45
CA GLN A 219 -21.07 -9.83 2.69
C GLN A 219 -20.05 -9.06 1.86
N LYS A 220 -18.86 -8.85 2.46
CA LYS A 220 -17.82 -8.15 1.73
C LYS A 220 -17.32 -8.97 0.53
N ILE A 221 -17.04 -10.27 0.83
CA ILE A 221 -16.55 -11.24 -0.16
C ILE A 221 -17.50 -11.46 -1.35
N ALA A 222 -18.81 -11.48 -1.01
CA ALA A 222 -19.85 -11.58 -2.04
C ALA A 222 -19.79 -10.43 -3.04
N ALA A 223 -19.47 -9.21 -2.52
CA ALA A 223 -19.37 -8.08 -3.45
C ALA A 223 -18.22 -8.25 -4.43
N LEU A 224 -17.13 -8.86 -3.89
CA LEU A 224 -15.99 -9.15 -4.74
C LEU A 224 -16.37 -10.22 -5.76
N ALA A 225 -17.03 -11.29 -5.23
CA ALA A 225 -17.49 -12.36 -6.10
C ALA A 225 -18.33 -11.84 -7.26
N ASP A 226 -19.26 -10.89 -6.94
CA ASP A 226 -20.12 -10.26 -7.97
C ASP A 226 -19.33 -9.53 -9.07
N ALA A 227 -18.29 -8.80 -8.62
CA ALA A 227 -17.43 -8.10 -9.56
C ALA A 227 -16.64 -9.02 -10.49
N PHE A 228 -16.29 -10.22 -9.94
CA PHE A 228 -15.46 -11.16 -10.67
C PHE A 228 -16.26 -12.07 -11.60
N ARG A 229 -17.54 -12.31 -11.20
CA ARG A 229 -18.43 -13.23 -11.91
C ARG A 229 -18.55 -13.02 -13.40
N PRO A 230 -18.81 -11.79 -13.87
CA PRO A 230 -19.01 -11.65 -15.29
C PRO A 230 -17.76 -11.99 -16.11
N TYR A 231 -16.60 -12.07 -15.39
CA TYR A 231 -15.32 -12.39 -16.01
C TYR A 231 -14.90 -13.87 -15.85
N GLY A 232 -15.88 -14.70 -15.44
CA GLY A 232 -15.66 -16.16 -15.35
C GLY A 232 -14.83 -16.66 -14.15
N ILE A 233 -14.55 -15.74 -13.21
CA ILE A 233 -13.74 -16.11 -12.06
C ILE A 233 -14.57 -16.41 -10.81
N LYS A 234 -14.41 -17.68 -10.37
CA LYS A 234 -15.08 -18.09 -9.15
C LYS A 234 -14.26 -17.69 -7.96
N MET A 235 -15.03 -17.43 -6.89
CA MET A 235 -14.42 -17.11 -5.59
C MET A 235 -14.11 -18.38 -4.80
N TYR A 236 -12.88 -18.39 -4.20
CA TYR A 236 -12.52 -19.45 -3.25
C TYR A 236 -11.98 -18.81 -1.98
N LEU A 237 -12.09 -19.56 -0.87
CA LEU A 237 -11.50 -19.04 0.37
C LEU A 237 -10.62 -20.09 1.03
N SER A 238 -9.54 -19.58 1.66
CA SER A 238 -8.74 -20.45 2.50
C SER A 238 -9.47 -20.55 3.82
N ILE A 239 -9.54 -21.77 4.38
CA ILE A 239 -10.25 -21.95 5.66
C ILE A 239 -9.32 -22.41 6.77
N ASN A 240 -9.75 -22.07 8.00
CA ASN A 240 -9.06 -22.52 9.19
C ASN A 240 -9.81 -23.75 9.69
N PHE A 241 -9.06 -24.87 9.79
CA PHE A 241 -9.75 -26.12 10.14
C PHE A 241 -10.44 -26.12 11.52
N ASN A 242 -9.90 -25.28 12.44
CA ASN A 242 -10.50 -25.09 13.78
C ASN A 242 -11.68 -24.08 13.85
N SER A 243 -12.24 -23.73 12.68
CA SER A 243 -13.31 -22.75 12.64
C SER A 243 -14.49 -23.00 13.60
N PRO A 244 -15.00 -24.25 13.69
CA PRO A 244 -16.11 -24.52 14.61
C PRO A 244 -15.86 -24.04 16.05
N ARG A 245 -14.56 -24.17 16.49
CA ARG A 245 -14.15 -23.72 17.82
C ARG A 245 -13.85 -22.23 17.92
N ALA A 246 -13.31 -21.68 16.80
CA ALA A 246 -13.02 -20.24 16.80
C ALA A 246 -14.28 -19.38 16.91
N PHE A 247 -15.40 -19.89 16.28
CA PHE A 247 -16.72 -19.27 16.36
C PHE A 247 -17.49 -19.58 17.67
N GLY A 248 -16.87 -20.43 18.52
CA GLY A 248 -17.44 -20.79 19.82
C GLY A 248 -18.68 -21.68 19.78
N ASP A 249 -18.85 -22.37 18.63
CA ASP A 249 -20.05 -23.19 18.45
C ASP A 249 -19.91 -24.69 18.81
N VAL A 250 -18.64 -25.16 18.77
CA VAL A 250 -18.36 -26.57 19.07
C VAL A 250 -17.05 -26.61 19.83
N ASP A 251 -17.00 -27.54 20.81
CA ASP A 251 -15.79 -27.68 21.63
C ASP A 251 -14.67 -28.53 21.03
N THR A 252 -14.79 -28.86 19.72
CA THR A 252 -13.76 -29.63 19.01
C THR A 252 -13.90 -29.33 17.54
N ALA A 253 -12.84 -29.69 16.78
CA ALA A 253 -12.90 -29.61 15.32
C ALA A 253 -12.67 -30.96 14.62
N ASP A 254 -12.75 -32.01 15.46
CA ASP A 254 -12.55 -33.39 14.98
C ASP A 254 -13.53 -33.68 13.85
N PRO A 255 -13.00 -34.00 12.66
CA PRO A 255 -13.84 -34.22 11.48
C PRO A 255 -14.81 -35.41 11.59
N LEU A 256 -14.50 -36.39 12.50
CA LEU A 256 -15.43 -37.50 12.72
C LEU A 256 -16.59 -37.19 13.70
N ASP A 257 -16.52 -36.00 14.36
CA ASP A 257 -17.62 -35.64 15.27
C ASP A 257 -18.78 -35.05 14.48
N PRO A 258 -19.98 -35.66 14.64
CA PRO A 258 -21.20 -35.21 13.96
C PRO A 258 -21.53 -33.71 14.03
N ARG A 259 -21.23 -33.07 15.21
CA ARG A 259 -21.49 -31.64 15.34
C ARG A 259 -20.56 -30.79 14.45
N VAL A 260 -19.30 -31.30 14.25
CA VAL A 260 -18.32 -30.63 13.36
C VAL A 260 -18.76 -30.75 11.90
N GLN A 261 -19.24 -31.97 11.58
CA GLN A 261 -19.72 -32.24 10.23
C GLN A 261 -20.87 -31.33 9.88
N GLN A 262 -21.78 -31.19 10.87
CA GLN A 262 -22.97 -30.32 10.73
C GLN A 262 -22.60 -28.84 10.66
N TRP A 263 -21.61 -28.42 11.49
CA TRP A 263 -21.17 -27.02 11.47
C TRP A 263 -20.77 -26.57 10.06
N TRP A 264 -19.94 -27.43 9.41
CA TRP A 264 -19.45 -27.07 8.09
C TRP A 264 -20.51 -27.16 7.00
N LYS A 265 -21.48 -28.10 7.19
CA LYS A 265 -22.61 -28.17 6.26
C LYS A 265 -23.43 -26.89 6.35
N THR A 266 -23.73 -26.47 7.59
CA THR A 266 -24.47 -25.22 7.79
C THR A 266 -23.71 -23.99 7.29
N ARG A 267 -22.38 -23.98 7.52
CA ARG A 267 -21.58 -22.87 7.02
C ARG A 267 -21.52 -22.80 5.50
N ALA A 268 -21.40 -23.99 4.84
CA ALA A 268 -21.45 -24.03 3.37
C ALA A 268 -22.79 -23.49 2.85
N GLN A 269 -23.89 -23.89 3.55
CA GLN A 269 -25.17 -23.32 3.14
C GLN A 269 -25.16 -21.79 3.24
N LYS A 270 -24.58 -21.27 4.37
CA LYS A 270 -24.49 -19.81 4.49
C LYS A 270 -23.67 -19.19 3.37
N ILE A 271 -22.47 -19.76 3.11
CA ILE A 271 -21.64 -19.23 2.02
C ILE A 271 -22.38 -19.18 0.69
N TYR A 272 -23.01 -20.34 0.35
CA TYR A 272 -23.72 -20.44 -0.92
C TYR A 272 -24.94 -19.52 -1.07
N SER A 273 -25.54 -19.12 0.09
CA SER A 273 -26.64 -18.16 0.02
C SER A 273 -26.13 -16.79 -0.41
N TYR A 274 -24.84 -16.52 -0.04
CA TYR A 274 -24.19 -15.26 -0.44
C TYR A 274 -23.56 -15.29 -1.83
N ILE A 275 -22.97 -16.45 -2.15
CA ILE A 275 -22.26 -16.60 -3.41
C ILE A 275 -22.68 -17.95 -3.97
N PRO A 276 -23.75 -17.93 -4.80
CA PRO A 276 -24.40 -19.17 -5.30
C PRO A 276 -23.53 -20.12 -6.13
N ASP A 277 -22.46 -19.55 -6.72
CA ASP A 277 -21.51 -20.33 -7.51
C ASP A 277 -20.11 -20.40 -6.87
N PHE A 278 -20.08 -20.28 -5.52
CA PHE A 278 -18.79 -20.32 -4.81
C PHE A 278 -18.02 -21.57 -5.22
N GLY A 279 -16.72 -21.35 -5.47
CA GLY A 279 -15.87 -22.43 -5.96
C GLY A 279 -15.51 -23.51 -4.92
N GLY A 280 -15.22 -23.02 -3.68
CA GLY A 280 -14.79 -23.95 -2.63
C GLY A 280 -13.64 -23.40 -1.77
N PHE A 281 -12.89 -24.40 -1.19
CA PHE A 281 -11.92 -24.09 -0.11
C PHE A 281 -10.49 -24.51 -0.50
N LEU A 282 -9.54 -23.66 -0.01
CA LEU A 282 -8.10 -24.00 -0.02
C LEU A 282 -7.78 -24.27 1.43
N VAL A 283 -7.05 -25.37 1.66
CA VAL A 283 -6.77 -25.73 3.04
C VAL A 283 -5.28 -26.01 3.27
N LYS A 284 -4.74 -25.17 4.20
CA LYS A 284 -3.45 -25.48 4.79
C LYS A 284 -3.73 -25.99 6.18
N ALA A 285 -3.44 -27.31 6.31
CA ALA A 285 -3.69 -27.98 7.58
C ALA A 285 -2.47 -28.81 8.03
N ASP A 286 -2.29 -28.79 9.39
CA ASP A 286 -1.26 -29.58 10.10
C ASP A 286 0.15 -29.33 9.56
N SER A 287 0.43 -28.02 9.34
CA SER A 287 1.69 -27.61 8.75
C SER A 287 2.07 -26.27 9.32
N GLU A 288 3.31 -26.21 9.85
CA GLU A 288 3.84 -24.95 10.36
C GLU A 288 2.99 -24.30 11.46
N GLY A 289 2.38 -25.17 12.32
CA GLY A 289 1.53 -24.66 13.39
C GLY A 289 0.05 -24.37 13.01
N GLN A 290 -0.33 -24.68 11.75
CA GLN A 290 -1.71 -24.44 11.36
C GLN A 290 -2.52 -25.67 11.72
N PRO A 291 -3.73 -25.42 12.25
CA PRO A 291 -4.62 -26.48 12.75
C PRO A 291 -5.00 -27.49 11.66
N GLY A 292 -5.36 -28.72 12.10
CA GLY A 292 -5.72 -29.74 11.12
C GLY A 292 -6.23 -31.03 11.79
N PRO A 293 -6.58 -32.00 10.93
CA PRO A 293 -7.12 -33.28 11.39
C PRO A 293 -6.21 -34.00 12.39
N GLN A 294 -4.89 -33.94 12.12
CA GLN A 294 -3.99 -34.72 12.96
C GLN A 294 -3.95 -34.22 14.40
N GLY A 295 -4.49 -32.99 14.59
CA GLY A 295 -4.58 -32.45 15.95
C GLY A 295 -5.68 -33.16 16.75
N TYR A 296 -6.50 -33.94 16.03
CA TYR A 296 -7.55 -34.68 16.72
C TYR A 296 -7.40 -36.18 16.49
N GLY A 297 -6.17 -36.49 16.04
CA GLY A 297 -5.75 -37.86 15.78
C GLY A 297 -6.36 -38.49 14.53
N ARG A 298 -6.80 -37.61 13.58
CA ARG A 298 -7.40 -38.05 12.31
C ARG A 298 -6.42 -37.84 11.15
N ASP A 299 -6.75 -38.45 9.97
CA ASP A 299 -5.89 -38.24 8.82
C ASP A 299 -6.42 -37.17 7.88
N HIS A 300 -5.59 -36.89 6.87
CA HIS A 300 -5.92 -35.84 5.93
C HIS A 300 -7.09 -36.16 4.99
N ALA A 301 -7.24 -37.46 4.68
CA ALA A 301 -8.43 -37.83 3.93
C ALA A 301 -9.72 -37.60 4.75
N GLU A 302 -9.68 -38.02 6.04
CA GLU A 302 -10.80 -37.76 6.96
C GLU A 302 -11.20 -36.27 7.09
N GLY A 303 -10.18 -35.42 7.24
CA GLY A 303 -10.44 -33.98 7.31
C GLY A 303 -10.95 -33.40 5.99
N ALA A 304 -10.25 -33.74 4.90
CA ALA A 304 -10.64 -33.24 3.59
C ALA A 304 -12.04 -33.69 3.17
N ASN A 305 -12.32 -34.99 3.40
CA ASN A 305 -13.62 -35.52 3.01
C ASN A 305 -14.82 -34.93 3.76
N MET A 306 -14.58 -34.60 5.05
CA MET A 306 -15.63 -33.94 5.83
C MET A 306 -15.98 -32.58 5.20
N LEU A 307 -14.91 -31.76 4.92
CA LEU A 307 -15.12 -30.48 4.19
C LEU A 307 -15.78 -30.65 2.80
N ALA A 308 -15.27 -31.68 2.08
CA ALA A 308 -15.80 -31.99 0.77
C ALA A 308 -17.31 -32.37 0.77
N ALA A 309 -17.71 -33.17 1.79
CA ALA A 309 -19.12 -33.56 1.95
C ALA A 309 -20.05 -32.35 2.15
N ALA A 310 -19.51 -31.32 2.85
CA ALA A 310 -20.25 -30.07 3.06
C ALA A 310 -20.43 -29.25 1.78
N LEU A 311 -19.42 -29.32 0.89
CA LEU A 311 -19.50 -28.55 -0.35
C LEU A 311 -20.13 -29.30 -1.52
N LYS A 312 -20.11 -30.66 -1.43
CA LYS A 312 -20.59 -31.49 -2.54
C LYS A 312 -21.96 -31.14 -3.11
N PRO A 313 -23.01 -30.96 -2.27
CA PRO A 313 -24.35 -30.59 -2.77
C PRO A 313 -24.39 -29.28 -3.57
N PHE A 314 -23.38 -28.40 -3.31
CA PHE A 314 -23.32 -27.13 -4.00
C PHE A 314 -22.32 -27.07 -5.17
N GLY A 315 -21.64 -28.21 -5.41
CA GLY A 315 -20.72 -28.30 -6.54
C GLY A 315 -19.32 -27.73 -6.23
N GLY A 316 -19.07 -27.54 -4.91
CA GLY A 316 -17.78 -26.98 -4.48
C GLY A 316 -16.67 -28.06 -4.38
N VAL A 317 -15.44 -27.54 -4.46
CA VAL A 317 -14.29 -28.44 -4.32
C VAL A 317 -13.38 -27.97 -3.18
N VAL A 318 -12.63 -29.00 -2.62
CA VAL A 318 -11.57 -28.75 -1.64
C VAL A 318 -10.20 -28.93 -2.30
N PHE A 319 -9.44 -27.81 -2.25
CA PHE A 319 -8.03 -27.84 -2.65
C PHE A 319 -7.24 -28.01 -1.36
N TRP A 320 -6.79 -29.25 -1.13
CA TRP A 320 -6.11 -29.56 0.13
C TRP A 320 -4.62 -29.60 -0.16
N ARG A 321 -3.91 -28.67 0.51
CA ARG A 321 -2.47 -28.59 0.24
C ARG A 321 -1.63 -29.69 0.87
N ALA A 322 -0.72 -30.22 0.04
CA ALA A 322 0.21 -31.26 0.44
C ALA A 322 1.52 -30.74 1.03
N PHE A 323 1.55 -29.40 1.24
CA PHE A 323 2.72 -28.80 1.88
C PHE A 323 2.63 -29.07 3.38
N VAL A 324 3.07 -30.31 3.70
CA VAL A 324 3.05 -30.81 5.08
C VAL A 324 4.39 -31.49 5.32
N TYR A 325 4.94 -31.26 6.54
CA TYR A 325 6.23 -31.84 6.93
C TYR A 325 6.48 -31.70 8.44
N HIS A 326 6.57 -32.89 9.11
CA HIS A 326 6.73 -32.88 10.58
C HIS A 326 8.21 -32.70 10.93
N PRO A 327 8.50 -31.96 12.03
CA PRO A 327 9.90 -31.71 12.46
C PRO A 327 10.73 -32.96 12.79
N ASP A 328 10.03 -34.09 13.17
CA ASP A 328 10.69 -35.33 13.63
C ASP A 328 11.24 -36.30 12.58
N ILE A 329 10.96 -36.02 11.29
CA ILE A 329 11.38 -36.96 10.25
C ILE A 329 12.85 -36.78 9.95
N GLU A 330 13.46 -37.86 9.39
CA GLU A 330 14.89 -37.75 9.14
C GLU A 330 15.23 -36.86 7.96
N ASP A 331 14.33 -36.84 6.95
CA ASP A 331 14.61 -36.01 5.79
C ASP A 331 13.36 -35.33 5.27
N ARG A 332 13.32 -33.98 5.47
CA ARG A 332 12.18 -33.19 5.00
C ARG A 332 11.73 -33.48 3.57
N PHE A 333 12.73 -33.68 2.67
CA PHE A 333 12.48 -34.03 1.27
C PHE A 333 11.46 -35.13 1.09
N ARG A 334 11.55 -36.14 1.98
CA ARG A 334 10.69 -37.31 1.93
C ARG A 334 9.23 -37.11 2.40
N GLY A 335 9.03 -36.01 3.19
CA GLY A 335 7.81 -35.70 3.99
C GLY A 335 6.44 -35.89 3.31
N ALA A 336 6.17 -35.02 2.31
CA ALA A 336 4.87 -35.03 1.67
C ALA A 336 4.49 -36.39 1.09
N TYR A 337 5.47 -37.00 0.35
CA TYR A 337 5.22 -38.32 -0.27
C TYR A 337 4.86 -39.33 0.78
N ASP A 338 5.67 -39.39 1.87
CA ASP A 338 5.39 -40.35 2.93
C ASP A 338 4.07 -40.13 3.71
N GLU A 339 3.60 -38.87 3.68
CA GLU A 339 2.34 -38.51 4.35
C GLU A 339 1.10 -38.86 3.53
N PHE A 340 1.22 -38.64 2.20
CA PHE A 340 0.05 -38.77 1.35
C PHE A 340 -0.08 -40.07 0.54
N MET A 341 1.07 -40.74 0.25
CA MET A 341 0.97 -42.01 -0.47
C MET A 341 0.05 -43.06 0.14
N PRO A 342 0.12 -43.26 1.47
CA PRO A 342 -0.82 -44.16 2.15
C PRO A 342 -2.31 -43.78 2.03
N LEU A 343 -2.58 -42.51 1.61
CA LEU A 343 -3.96 -42.01 1.53
C LEU A 343 -4.48 -41.96 0.09
N ASP A 344 -3.59 -42.36 -0.86
CA ASP A 344 -3.99 -42.37 -2.28
C ASP A 344 -5.21 -43.24 -2.44
N GLY A 345 -6.25 -42.64 -3.07
CA GLY A 345 -7.50 -43.36 -3.24
C GLY A 345 -8.54 -43.10 -2.15
N LYS A 346 -8.09 -42.50 -1.01
CA LYS A 346 -9.05 -42.30 0.09
C LYS A 346 -9.81 -40.97 0.10
N PHE A 347 -9.40 -40.09 -0.85
CA PHE A 347 -10.00 -38.77 -0.92
C PHE A 347 -11.22 -38.81 -1.82
N ALA A 348 -12.25 -38.06 -1.37
CA ALA A 348 -13.47 -37.96 -2.17
C ALA A 348 -13.17 -37.29 -3.51
N ASP A 349 -14.10 -37.54 -4.47
CA ASP A 349 -13.91 -37.07 -5.84
C ASP A 349 -13.81 -35.55 -6.04
N ASN A 350 -14.33 -34.76 -5.07
CA ASN A 350 -14.24 -33.29 -5.14
C ASN A 350 -13.16 -32.70 -4.23
N VAL A 351 -12.22 -33.61 -3.83
CA VAL A 351 -10.97 -33.19 -3.18
C VAL A 351 -9.85 -33.30 -4.21
N ILE A 352 -9.06 -32.20 -4.28
CA ILE A 352 -7.89 -32.13 -5.15
C ILE A 352 -6.70 -31.75 -4.27
N LEU A 353 -5.64 -32.59 -4.35
CA LEU A 353 -4.42 -32.36 -3.55
C LEU A 353 -3.53 -31.41 -4.30
N GLN A 354 -3.31 -30.25 -3.62
CA GLN A 354 -2.49 -29.17 -4.19
C GLN A 354 -1.05 -29.25 -3.71
N ILE A 355 -0.17 -29.54 -4.69
CA ILE A 355 1.23 -29.87 -4.45
C ILE A 355 2.14 -28.83 -5.11
N LYS A 356 3.09 -28.34 -4.26
CA LYS A 356 4.12 -27.47 -4.82
C LYS A 356 4.98 -28.21 -5.84
N ASN A 357 5.64 -27.43 -6.71
CA ASN A 357 6.36 -28.11 -7.77
C ASN A 357 7.48 -29.01 -7.21
N GLY A 358 8.02 -28.62 -6.05
CA GLY A 358 9.09 -29.39 -5.43
C GLY A 358 8.76 -29.78 -3.98
N PRO A 359 9.57 -30.68 -3.40
CA PRO A 359 9.28 -31.24 -2.09
C PRO A 359 9.62 -30.32 -0.92
N ILE A 360 10.44 -29.28 -1.19
CA ILE A 360 10.83 -28.41 -0.08
C ILE A 360 9.94 -27.16 0.02
N ASP A 361 10.38 -26.07 -0.64
CA ASP A 361 9.61 -24.83 -0.55
C ASP A 361 10.04 -23.79 -1.60
N PHE A 362 9.57 -24.00 -2.85
CA PHE A 362 9.70 -22.94 -3.86
C PHE A 362 11.16 -22.48 -4.08
N GLN A 363 12.13 -23.35 -3.78
CA GLN A 363 13.52 -22.90 -3.96
C GLN A 363 13.87 -22.73 -5.44
N PRO A 364 14.89 -21.87 -5.70
CA PRO A 364 15.25 -21.49 -7.06
C PRO A 364 15.28 -22.66 -8.03
N ARG A 365 15.82 -23.80 -7.54
CA ARG A 365 15.63 -25.03 -8.29
C ARG A 365 15.37 -26.22 -7.37
N GLU A 366 14.25 -26.89 -7.63
CA GLU A 366 13.98 -28.13 -6.93
C GLU A 366 13.65 -29.25 -7.92
N PRO A 367 13.96 -30.50 -7.58
CA PRO A 367 13.50 -31.63 -8.41
C PRO A 367 11.98 -31.73 -8.22
N PHE A 368 11.29 -32.43 -9.16
CA PHE A 368 9.84 -32.48 -9.07
C PHE A 368 9.36 -33.23 -7.86
N SER A 369 8.22 -32.75 -7.31
CA SER A 369 7.60 -33.45 -6.18
C SER A 369 7.23 -34.87 -6.59
N ALA A 370 7.75 -35.84 -5.80
CA ALA A 370 7.53 -37.25 -6.10
C ALA A 370 6.06 -37.66 -6.11
N LEU A 371 5.24 -36.96 -5.25
CA LEU A 371 3.79 -37.24 -5.25
C LEU A 371 3.13 -37.20 -6.63
N PHE A 372 3.66 -36.28 -7.52
CA PHE A 372 3.10 -36.19 -8.88
C PHE A 372 3.15 -37.50 -9.66
N ALA A 373 4.26 -38.25 -9.52
CA ALA A 373 4.40 -39.53 -10.21
C ALA A 373 3.93 -40.74 -9.41
N GLY A 374 3.58 -40.48 -8.13
CA GLY A 374 3.22 -41.57 -7.27
C GLY A 374 1.72 -41.73 -7.07
N MET A 375 0.97 -40.59 -6.93
CA MET A 375 -0.48 -40.69 -6.63
C MET A 375 -1.30 -40.95 -7.89
N SER A 376 -1.86 -42.19 -7.94
CA SER A 376 -2.54 -42.63 -9.15
C SER A 376 -4.08 -42.71 -9.06
N ARG A 377 -4.60 -42.42 -7.85
CA ARG A 377 -6.02 -42.57 -7.60
C ARG A 377 -6.61 -41.35 -6.87
N THR A 378 -5.85 -40.22 -6.98
CA THR A 378 -6.21 -38.96 -6.29
C THR A 378 -6.06 -37.79 -7.28
N ASN A 379 -7.03 -36.85 -7.18
CA ASN A 379 -6.95 -35.66 -8.03
C ASN A 379 -5.84 -34.79 -7.51
N MET A 380 -5.05 -34.30 -8.49
CA MET A 380 -3.93 -33.43 -8.15
C MET A 380 -3.99 -32.11 -8.90
N MET A 381 -3.32 -31.12 -8.28
CA MET A 381 -3.08 -29.86 -8.96
C MET A 381 -1.76 -29.27 -8.49
N MET A 382 -1.19 -28.45 -9.39
CA MET A 382 0.13 -27.85 -9.14
C MET A 382 -0.03 -26.52 -8.40
N GLU A 383 0.99 -26.26 -7.53
CA GLU A 383 1.12 -24.94 -6.89
C GLU A 383 2.50 -24.38 -7.21
N PHE A 384 2.48 -23.25 -7.97
CA PHE A 384 3.72 -22.55 -8.33
C PHE A 384 3.71 -21.21 -7.62
N GLN A 385 4.95 -20.71 -7.39
CA GLN A 385 5.08 -19.40 -6.77
C GLN A 385 5.49 -18.34 -7.80
N ILE A 386 4.70 -17.23 -7.82
CA ILE A 386 5.03 -16.09 -8.70
C ILE A 386 5.70 -15.00 -7.88
N THR A 387 5.07 -14.64 -6.73
CA THR A 387 5.70 -13.65 -5.85
C THR A 387 7.13 -14.12 -5.51
N GLN A 388 8.06 -13.17 -5.49
CA GLN A 388 9.45 -13.60 -5.38
C GLN A 388 10.01 -13.76 -3.96
N GLU A 389 9.39 -14.70 -3.22
CA GLU A 389 9.86 -14.97 -1.86
C GLU A 389 11.34 -15.37 -1.83
N TYR A 390 11.70 -16.15 -2.86
CA TYR A 390 13.02 -16.72 -2.90
C TYR A 390 13.84 -16.21 -4.09
N PHE A 391 13.25 -15.22 -4.80
CA PHE A 391 13.89 -14.68 -5.98
C PHE A 391 14.08 -13.16 -5.91
N GLY A 392 14.01 -12.63 -4.67
CA GLY A 392 14.49 -11.25 -4.45
C GLY A 392 13.41 -10.17 -4.36
N PHE A 393 12.22 -10.59 -3.85
CA PHE A 393 11.16 -9.67 -3.46
C PHE A 393 10.75 -8.82 -4.67
N ALA A 394 10.82 -7.47 -4.51
CA ALA A 394 10.48 -6.59 -5.64
C ALA A 394 11.68 -5.83 -6.22
N THR A 395 12.90 -6.25 -5.79
CA THR A 395 14.09 -5.59 -6.29
C THR A 395 14.88 -6.36 -7.35
N HIS A 396 14.71 -7.72 -7.39
CA HIS A 396 15.39 -8.65 -8.27
C HIS A 396 14.59 -8.92 -9.55
N LEU A 397 15.23 -8.80 -10.72
CA LEU A 397 14.53 -9.17 -11.94
C LEU A 397 14.62 -10.69 -12.16
N ALA A 398 13.43 -11.33 -12.24
CA ALA A 398 13.44 -12.79 -12.35
C ALA A 398 12.16 -13.34 -12.99
N TYR A 399 12.17 -13.37 -14.33
CA TYR A 399 11.14 -14.07 -15.10
C TYR A 399 11.03 -15.54 -14.67
N GLN A 400 9.84 -15.98 -14.24
CA GLN A 400 9.73 -17.33 -13.71
C GLN A 400 9.25 -18.32 -14.78
N GLY A 401 8.99 -17.80 -15.98
CA GLY A 401 8.50 -18.65 -17.05
C GLY A 401 9.26 -19.99 -17.12
N PRO A 402 10.60 -19.87 -17.17
CA PRO A 402 11.46 -21.04 -17.35
C PRO A 402 11.35 -22.04 -16.20
N LEU A 403 11.21 -21.51 -14.97
CA LEU A 403 11.02 -22.41 -13.84
C LEU A 403 9.77 -23.28 -14.04
N PHE A 404 8.67 -22.59 -14.45
CA PHE A 404 7.40 -23.29 -14.68
C PHE A 404 7.53 -24.23 -15.88
N GLU A 405 8.10 -23.71 -16.99
CA GLU A 405 8.35 -24.58 -18.13
C GLU A 405 9.16 -25.82 -17.75
N GLU A 406 10.28 -25.58 -17.02
CA GLU A 406 11.12 -26.72 -16.63
C GLU A 406 10.35 -27.82 -15.92
N SER A 407 9.54 -27.36 -14.94
CA SER A 407 8.70 -28.26 -14.17
C SER A 407 7.73 -29.01 -15.04
N LEU A 408 6.92 -28.25 -15.84
CA LEU A 408 5.85 -28.84 -16.65
C LEU A 408 6.32 -29.82 -17.73
N LYS A 409 7.52 -29.56 -18.30
CA LYS A 409 8.09 -30.50 -19.28
C LYS A 409 8.94 -31.62 -18.68
N THR A 410 9.04 -31.68 -17.33
CA THR A 410 9.89 -32.74 -16.73
C THR A 410 9.25 -34.11 -16.91
N GLU A 411 10.07 -35.02 -17.52
CA GLU A 411 9.66 -36.42 -17.64
C GLU A 411 9.87 -37.09 -16.30
N THR A 412 8.74 -37.68 -15.81
CA THR A 412 8.77 -38.41 -14.54
C THR A 412 8.87 -39.94 -14.69
N HIS A 413 8.58 -40.47 -15.90
CA HIS A 413 8.45 -41.93 -16.14
C HIS A 413 7.41 -42.65 -15.27
N ALA A 414 6.43 -41.88 -14.72
CA ALA A 414 5.42 -42.49 -13.85
C ALA A 414 4.76 -43.72 -14.45
N ARG A 415 4.37 -43.59 -15.75
CA ARG A 415 3.86 -44.72 -16.52
C ARG A 415 4.56 -44.78 -17.88
N GLY A 416 5.91 -44.82 -17.74
CA GLY A 416 6.78 -44.83 -18.90
C GLY A 416 6.95 -43.43 -19.48
N GLU A 417 7.58 -43.45 -20.69
CA GLU A 417 7.85 -42.19 -21.37
C GLU A 417 6.56 -41.49 -21.73
N GLY A 418 6.66 -40.14 -21.68
CA GLY A 418 5.52 -39.30 -21.91
C GLY A 418 4.80 -38.89 -20.63
N SER A 419 5.30 -39.40 -19.47
CA SER A 419 4.69 -39.03 -18.21
C SER A 419 5.28 -37.72 -17.67
N THR A 420 5.14 -36.64 -18.50
CA THR A 420 5.63 -35.32 -18.05
C THR A 420 4.72 -34.79 -16.95
N ILE A 421 5.25 -33.81 -16.18
CA ILE A 421 4.42 -33.21 -15.15
C ILE A 421 3.13 -32.62 -15.74
N GLY A 422 3.29 -31.94 -16.89
CA GLY A 422 2.14 -31.36 -17.58
C GLY A 422 1.07 -32.38 -17.98
N ASN A 423 1.55 -33.52 -18.53
CA ASN A 423 0.63 -34.58 -18.93
C ASN A 423 -0.06 -35.22 -17.73
N ILE A 424 0.68 -35.32 -16.60
CA ILE A 424 0.07 -35.82 -15.35
C ILE A 424 -1.04 -34.88 -14.92
N LEU A 425 -0.68 -33.57 -14.89
CA LEU A 425 -1.67 -32.58 -14.45
C LEU A 425 -2.92 -32.58 -15.32
N GLU A 426 -2.72 -32.72 -16.65
CA GLU A 426 -3.85 -32.72 -17.59
C GLU A 426 -4.84 -33.89 -17.42
N GLY A 427 -4.30 -34.99 -16.84
CA GLY A 427 -5.11 -36.18 -16.59
C GLY A 427 -4.86 -37.32 -17.59
N LYS A 428 -3.85 -37.10 -18.49
CA LYS A 428 -3.54 -38.10 -19.51
C LYS A 428 -2.83 -39.35 -18.98
N VAL A 429 -2.11 -39.20 -17.82
CA VAL A 429 -1.29 -40.30 -17.29
C VAL A 429 -2.10 -41.24 -16.41
N PHE A 430 -2.60 -40.66 -15.28
CA PHE A 430 -3.53 -41.37 -14.41
C PHE A 430 -4.89 -40.77 -14.71
N LYS A 431 -5.92 -41.63 -14.79
CA LYS A 431 -7.21 -41.07 -15.17
C LYS A 431 -7.80 -40.40 -13.94
N THR A 432 -8.13 -39.11 -14.12
CA THR A 432 -8.52 -38.35 -12.94
C THR A 432 -9.69 -37.42 -13.22
N ARG A 433 -10.39 -37.03 -12.12
CA ARG A 433 -11.64 -36.25 -12.24
C ARG A 433 -11.48 -34.73 -12.35
N HIS A 434 -10.48 -34.18 -11.63
CA HIS A 434 -10.34 -32.73 -11.53
C HIS A 434 -8.86 -32.40 -11.71
N THR A 435 -8.60 -31.33 -12.52
CA THR A 435 -7.22 -30.94 -12.84
C THR A 435 -7.03 -29.43 -12.65
N GLY A 436 -5.76 -29.04 -12.45
CA GLY A 436 -5.57 -27.61 -12.24
C GLY A 436 -4.15 -27.22 -11.88
N MET A 437 -3.97 -25.89 -11.86
CA MET A 437 -2.79 -25.29 -11.26
C MET A 437 -3.12 -23.95 -10.59
N ALA A 438 -2.38 -23.73 -9.48
CA ALA A 438 -2.55 -22.51 -8.70
C ALA A 438 -1.25 -21.75 -8.66
N GLY A 439 -1.37 -20.41 -8.70
CA GLY A 439 -0.19 -19.58 -8.74
C GLY A 439 -0.28 -18.54 -7.64
N VAL A 440 0.75 -18.57 -6.77
CA VAL A 440 0.77 -17.64 -5.66
C VAL A 440 1.38 -16.32 -6.12
N ILE A 441 0.44 -15.38 -6.42
CA ILE A 441 0.83 -14.14 -7.10
C ILE A 441 1.17 -13.01 -6.16
N ASN A 442 0.37 -12.94 -5.07
CA ASN A 442 0.52 -11.91 -4.05
C ASN A 442 0.77 -10.48 -4.52
N PRO A 443 -0.09 -9.99 -5.45
CA PRO A 443 0.01 -8.61 -5.88
C PRO A 443 -0.55 -7.68 -4.79
N GLY A 444 -0.40 -6.37 -5.02
CA GLY A 444 -0.90 -5.45 -4.00
C GLY A 444 -1.32 -4.13 -4.62
N THR A 445 -1.49 -3.13 -3.72
CA THR A 445 -2.00 -1.83 -4.15
C THR A 445 -0.99 -0.94 -4.90
N ASP A 446 0.30 -1.41 -5.02
CA ASP A 446 1.22 -0.64 -5.86
C ASP A 446 0.55 -0.43 -7.21
N ARG A 447 0.83 0.79 -7.74
CA ARG A 447 0.27 1.18 -9.04
C ARG A 447 0.42 0.14 -10.14
N ASN A 448 1.61 -0.53 -10.19
CA ASN A 448 1.83 -1.55 -11.21
C ASN A 448 1.50 -3.00 -10.81
N TRP A 449 0.75 -3.13 -9.66
CA TRP A 449 0.25 -4.43 -9.14
C TRP A 449 1.28 -5.38 -8.53
N THR A 450 2.51 -5.38 -9.10
CA THR A 450 3.51 -6.39 -8.74
C THR A 450 4.81 -5.84 -8.13
N GLY A 451 4.91 -4.49 -8.02
CA GLY A 451 6.09 -3.87 -7.43
C GLY A 451 7.18 -3.75 -8.50
N HIS A 452 7.86 -4.91 -8.71
CA HIS A 452 8.82 -4.97 -9.83
C HIS A 452 8.06 -5.23 -11.12
N PRO A 453 8.27 -4.37 -12.14
CA PRO A 453 7.58 -4.53 -13.44
C PRO A 453 7.57 -5.96 -14.05
N PHE A 454 8.75 -6.62 -13.95
CA PHE A 454 8.94 -7.96 -14.50
C PHE A 454 8.25 -9.11 -13.74
N VAL A 455 7.75 -8.82 -12.49
CA VAL A 455 6.94 -9.84 -11.83
C VAL A 455 5.63 -10.05 -12.63
N GLN A 456 5.22 -8.98 -13.36
CA GLN A 456 4.05 -9.09 -14.25
C GLN A 456 4.22 -10.22 -15.29
N SER A 457 5.49 -10.40 -15.76
CA SER A 457 5.81 -11.40 -16.79
C SER A 457 5.64 -12.83 -16.29
N SER A 458 5.91 -12.97 -14.98
CA SER A 458 5.69 -14.24 -14.31
C SER A 458 4.20 -14.60 -14.15
N TRP A 459 3.42 -13.63 -13.65
CA TRP A 459 1.97 -13.67 -13.65
C TRP A 459 1.43 -14.17 -14.99
N TYR A 460 1.91 -13.44 -16.01
CA TYR A 460 1.50 -13.73 -17.37
C TYR A 460 1.86 -15.17 -17.77
N ALA A 461 3.15 -15.50 -17.61
CA ALA A 461 3.60 -16.83 -17.97
C ALA A 461 2.77 -17.92 -17.26
N PHE A 462 2.57 -17.69 -15.95
CA PHE A 462 1.78 -18.65 -15.19
C PHE A 462 0.39 -18.84 -15.81
N GLY A 463 -0.26 -17.70 -16.11
CA GLY A 463 -1.62 -17.76 -16.62
C GLY A 463 -1.70 -18.49 -17.97
N ARG A 464 -0.73 -18.19 -18.84
CA ARG A 464 -0.71 -18.82 -20.16
C ARG A 464 -0.51 -20.34 -20.07
N MET A 465 0.38 -20.74 -19.13
CA MET A 465 0.71 -22.16 -19.03
C MET A 465 -0.41 -22.95 -18.33
N ALA A 466 -1.15 -22.25 -17.47
CA ALA A 466 -2.33 -22.89 -16.88
C ALA A 466 -3.35 -23.23 -17.97
N TRP A 467 -3.38 -22.36 -19.00
CA TRP A 467 -4.23 -22.63 -20.15
C TRP A 467 -3.67 -23.74 -21.05
N ASP A 468 -2.34 -23.68 -21.30
CA ASP A 468 -1.69 -24.71 -22.09
C ASP A 468 -0.28 -24.93 -21.56
N HIS A 469 -0.13 -26.10 -20.86
CA HIS A 469 1.11 -26.40 -20.15
C HIS A 469 2.37 -26.62 -20.98
N GLN A 470 2.15 -26.78 -22.32
CA GLN A 470 3.27 -26.90 -23.25
C GLN A 470 3.74 -25.56 -23.83
N ILE A 471 3.02 -24.45 -23.45
CA ILE A 471 3.53 -23.15 -23.93
C ILE A 471 4.86 -22.91 -23.25
N SER A 472 5.85 -22.46 -24.08
CA SER A 472 7.21 -22.22 -23.57
C SER A 472 7.35 -20.86 -22.93
N ALA A 473 8.42 -20.77 -22.06
CA ALA A 473 8.78 -19.51 -21.42
C ALA A 473 9.11 -18.45 -22.43
N ALA A 474 9.75 -18.90 -23.53
CA ALA A 474 10.09 -17.99 -24.62
C ALA A 474 8.85 -17.39 -25.31
N THR A 475 7.85 -18.27 -25.60
CA THR A 475 6.62 -17.80 -26.26
C THR A 475 5.87 -16.77 -25.40
N ALA A 476 5.75 -17.12 -24.10
CA ALA A 476 5.04 -16.25 -23.17
C ALA A 476 5.72 -14.90 -23.01
N ALA A 477 7.07 -14.94 -23.03
CA ALA A 477 7.83 -13.70 -22.91
C ALA A 477 7.75 -12.81 -24.13
N ASP A 478 7.79 -13.46 -25.31
CA ASP A 478 7.60 -12.71 -26.55
C ASP A 478 6.29 -11.95 -26.55
N GLU A 479 5.22 -12.70 -26.22
CA GLU A 479 3.90 -12.09 -26.15
C GLU A 479 3.83 -10.94 -25.16
N TRP A 480 4.33 -11.22 -23.92
CA TRP A 480 4.29 -10.21 -22.84
C TRP A 480 5.05 -8.94 -23.17
N LEU A 481 6.23 -9.10 -23.81
CA LEU A 481 7.07 -7.95 -24.10
C LEU A 481 6.45 -7.02 -25.15
N ARG A 482 5.84 -7.70 -26.17
CA ARG A 482 5.09 -6.98 -27.19
C ARG A 482 3.87 -6.24 -26.63
N MET A 483 3.13 -6.92 -25.71
CA MET A 483 1.94 -6.29 -25.13
C MET A 483 2.27 -5.16 -24.15
N THR A 484 3.44 -5.32 -23.45
CA THR A 484 3.83 -4.47 -22.31
C THR A 484 4.70 -3.29 -22.68
N PHE A 485 5.62 -3.55 -23.65
CA PHE A 485 6.67 -2.57 -23.96
C PHE A 485 6.74 -2.16 -25.43
N SER A 486 6.98 -3.14 -26.32
CA SER A 486 7.27 -2.73 -27.69
C SER A 486 7.22 -3.94 -28.58
N ASN A 487 6.88 -3.65 -29.85
CA ASN A 487 6.89 -4.67 -30.89
C ASN A 487 8.14 -4.60 -31.78
N GLN A 488 9.09 -3.74 -31.40
CA GLN A 488 10.33 -3.66 -32.17
C GLN A 488 11.20 -4.90 -31.99
N PRO A 489 11.53 -5.55 -33.13
CA PRO A 489 12.31 -6.78 -33.13
C PRO A 489 13.67 -6.61 -32.43
N ALA A 490 14.26 -5.41 -32.59
CA ALA A 490 15.58 -5.18 -32.01
C ALA A 490 15.50 -5.12 -30.47
N PHE A 491 14.29 -4.84 -29.97
CA PHE A 491 14.09 -4.80 -28.54
C PHE A 491 13.73 -6.18 -27.97
N ILE A 492 12.87 -6.88 -28.74
CA ILE A 492 12.30 -8.12 -28.24
C ILE A 492 13.35 -9.21 -27.99
N GLU A 493 14.21 -9.44 -29.00
CA GLU A 493 15.19 -10.52 -28.89
C GLU A 493 16.12 -10.33 -27.69
N PRO A 494 16.85 -9.22 -27.52
CA PRO A 494 17.73 -9.10 -26.36
C PRO A 494 17.00 -9.18 -25.00
N VAL A 495 15.86 -8.43 -24.91
CA VAL A 495 15.12 -8.45 -23.66
C VAL A 495 14.46 -9.78 -23.35
N LYS A 496 14.04 -10.49 -24.41
CA LYS A 496 13.53 -11.83 -24.18
C LYS A 496 14.62 -12.76 -23.63
N GLN A 497 15.83 -12.69 -24.26
CA GLN A 497 16.92 -13.53 -23.76
C GLN A 497 17.33 -13.19 -22.31
N MET A 498 17.36 -11.85 -22.02
CA MET A 498 17.57 -11.38 -20.63
C MET A 498 16.58 -11.98 -19.63
N MET A 499 15.28 -11.93 -20.02
CA MET A 499 14.26 -12.57 -19.19
C MET A 499 14.54 -14.06 -19.00
N LEU A 500 14.90 -14.72 -20.12
CA LEU A 500 15.10 -16.15 -20.08
C LEU A 500 16.27 -16.62 -19.22
N VAL A 501 17.29 -15.73 -19.06
CA VAL A 501 18.46 -16.07 -18.23
C VAL A 501 18.29 -15.67 -16.76
N SER A 502 17.35 -14.71 -16.50
CA SER A 502 17.14 -14.19 -15.15
C SER A 502 16.90 -15.23 -14.05
N ARG A 503 16.07 -16.24 -14.36
CA ARG A 503 15.85 -17.29 -13.38
C ARG A 503 17.16 -17.98 -12.99
N GLU A 504 17.92 -18.40 -14.06
CA GLU A 504 19.18 -19.14 -13.82
C GLU A 504 20.23 -18.32 -13.07
N ALA A 505 20.27 -16.99 -13.42
CA ALA A 505 21.12 -16.08 -12.65
C ALA A 505 20.77 -16.14 -11.17
N GLY A 506 19.45 -16.10 -10.87
CA GLY A 506 18.97 -16.20 -9.49
C GLY A 506 19.31 -17.52 -8.78
N VAL A 507 19.42 -18.59 -9.59
CA VAL A 507 19.92 -19.85 -9.02
C VAL A 507 21.41 -19.72 -8.71
N ASN A 508 22.14 -19.16 -9.72
CA ASN A 508 23.59 -19.16 -9.68
C ASN A 508 24.21 -18.37 -8.53
N TYR A 509 23.70 -17.13 -8.29
CA TYR A 509 24.26 -16.36 -7.18
C TYR A 509 23.73 -16.71 -5.79
N ARG A 510 22.77 -17.66 -5.74
CA ARG A 510 22.21 -18.05 -4.44
C ARG A 510 22.60 -19.45 -3.97
N SER A 511 22.40 -20.41 -4.88
CA SER A 511 22.53 -21.80 -4.51
C SER A 511 22.49 -22.71 -5.74
N PRO A 512 23.62 -22.76 -6.47
CA PRO A 512 23.74 -23.60 -7.67
C PRO A 512 24.04 -25.06 -7.31
N LEU A 513 24.09 -25.91 -8.37
CA LEU A 513 24.53 -27.30 -8.29
C LEU A 513 23.72 -28.27 -7.40
N GLY A 514 22.48 -27.86 -7.08
CA GLY A 514 21.66 -28.68 -6.21
C GLY A 514 21.67 -28.18 -4.77
N LEU A 515 22.49 -27.11 -4.53
CA LEU A 515 22.39 -26.47 -3.23
C LEU A 515 21.03 -25.82 -3.16
N THR A 516 20.61 -25.62 -1.91
CA THR A 516 19.27 -25.12 -1.63
C THR A 516 19.19 -24.58 -0.21
N HIS A 517 18.19 -23.70 -0.01
CA HIS A 517 17.77 -23.28 1.33
C HIS A 517 18.89 -22.58 2.12
N LEU A 518 19.56 -21.66 1.42
CA LEU A 518 20.65 -20.92 2.01
C LEU A 518 20.27 -19.49 2.43
N TYR A 519 18.93 -19.26 2.53
CA TYR A 519 18.38 -17.92 2.86
C TYR A 519 18.45 -17.55 4.35
N SER A 520 18.55 -16.21 4.56
CA SER A 520 18.25 -15.65 5.87
C SER A 520 16.86 -16.08 6.32
N GLN A 521 16.83 -16.62 7.55
CA GLN A 521 15.55 -17.04 8.13
C GLN A 521 15.12 -16.02 9.16
N GLY A 522 13.78 -15.67 9.17
CA GLY A 522 12.77 -16.24 8.28
C GLY A 522 12.29 -15.34 7.14
N ASP A 523 13.01 -14.21 6.90
CA ASP A 523 12.56 -13.23 5.92
C ASP A 523 12.80 -13.61 4.47
N HIS A 524 13.88 -14.39 4.25
CA HIS A 524 14.26 -14.89 2.92
C HIS A 524 14.80 -13.91 1.88
N TYR A 525 15.24 -12.71 2.34
CA TYR A 525 15.74 -11.73 1.35
C TYR A 525 17.17 -12.02 0.92
N GLY A 526 18.05 -12.12 1.94
CA GLY A 526 19.51 -12.10 1.86
C GLY A 526 20.12 -13.48 2.12
N PRO A 527 21.44 -13.58 1.90
CA PRO A 527 22.16 -14.82 2.11
C PRO A 527 22.36 -15.14 3.59
N ALA A 528 22.43 -16.44 3.89
CA ALA A 528 22.62 -16.87 5.27
C ALA A 528 22.89 -18.38 5.34
N PRO A 529 23.91 -18.80 4.57
CA PRO A 529 24.23 -20.21 4.41
C PRO A 529 24.72 -20.85 5.71
N TRP A 530 24.98 -19.99 6.72
CA TRP A 530 25.54 -20.50 7.97
C TRP A 530 24.45 -20.76 9.01
N THR A 531 23.20 -20.40 8.64
CA THR A 531 22.09 -20.60 9.57
C THR A 531 22.10 -21.99 10.20
N ASP A 532 22.04 -21.92 11.55
CA ASP A 532 21.85 -23.12 12.35
C ASP A 532 21.05 -22.82 13.62
N ASP A 533 20.95 -23.83 14.49
CA ASP A 533 20.31 -23.62 15.77
C ASP A 533 18.96 -22.90 15.65
N LEU A 534 18.05 -23.51 14.89
CA LEU A 534 16.67 -23.05 14.93
C LEU A 534 15.77 -24.09 15.60
N PRO A 535 14.62 -23.66 16.17
CA PRO A 535 13.74 -24.61 16.85
C PRO A 535 13.62 -25.92 16.07
N ARG A 536 13.42 -25.79 14.75
CA ARG A 536 13.44 -26.97 13.90
C ARG A 536 14.61 -26.95 12.92
N ALA A 537 15.33 -28.09 12.87
CA ALA A 537 16.56 -28.14 12.07
C ALA A 537 16.29 -28.01 10.57
N ASP A 538 15.13 -28.53 10.13
CA ASP A 538 14.80 -28.48 8.72
C ASP A 538 14.31 -27.09 8.30
N TRP A 539 14.45 -26.04 9.11
CA TRP A 539 14.33 -24.65 8.68
C TRP A 539 15.71 -23.95 8.59
N THR A 540 16.78 -24.67 8.86
CA THR A 540 18.14 -24.08 8.79
C THR A 540 18.74 -24.30 7.43
N ALA A 541 19.94 -23.77 7.23
CA ALA A 541 20.70 -23.91 5.98
C ALA A 541 21.62 -25.15 6.03
N VAL A 542 22.32 -25.33 7.16
CA VAL A 542 23.29 -26.43 7.31
C VAL A 542 22.68 -27.82 7.16
N TYR A 543 21.42 -27.94 7.54
CA TYR A 543 20.65 -29.16 7.39
C TYR A 543 20.68 -29.65 5.94
N TYR A 544 20.59 -28.73 4.98
CA TYR A 544 20.50 -29.04 3.55
C TYR A 544 21.82 -29.25 2.83
N HIS A 545 22.82 -28.40 3.11
CA HIS A 545 24.03 -28.55 2.30
C HIS A 545 25.08 -29.42 3.00
N ARG A 546 24.95 -29.55 4.34
CA ARG A 546 25.82 -30.48 5.05
C ARG A 546 27.28 -30.33 4.66
N ALA A 547 27.71 -29.07 4.47
CA ALA A 547 29.10 -28.83 4.10
C ALA A 547 30.06 -29.18 5.23
N SER A 548 31.19 -29.80 4.83
CA SER A 548 32.28 -30.03 5.77
C SER A 548 33.64 -29.80 5.08
N LYS A 549 34.72 -30.13 5.81
CA LYS A 549 36.04 -29.98 5.22
C LYS A 549 36.24 -30.93 4.02
N THR A 550 35.56 -32.09 4.10
CA THR A 550 35.79 -33.12 3.10
C THR A 550 34.85 -33.01 1.89
N GLY A 551 33.62 -32.51 2.14
CA GLY A 551 32.69 -32.45 1.02
C GLY A 551 31.42 -31.66 1.32
N ILE A 552 30.46 -31.81 0.40
CA ILE A 552 29.19 -31.09 0.50
C ILE A 552 28.08 -31.85 -0.23
N GLY A 553 26.83 -31.61 0.17
CA GLY A 553 25.67 -32.24 -0.43
C GLY A 553 24.93 -33.12 0.52
N PHE A 554 23.74 -33.54 0.12
CA PHE A 554 22.85 -34.36 0.96
C PHE A 554 22.61 -35.70 0.26
N ASN A 555 22.94 -36.79 0.96
CA ASN A 555 22.84 -38.14 0.43
C ASN A 555 21.38 -38.62 0.52
N ARG A 556 20.76 -38.73 -0.63
CA ARG A 556 19.38 -39.16 -0.77
C ARG A 556 19.28 -40.42 -1.60
N THR A 557 20.42 -41.07 -1.83
CA THR A 557 20.47 -42.38 -2.51
C THR A 557 20.16 -43.48 -1.49
N LYS A 558 20.25 -44.74 -1.95
CA LYS A 558 20.10 -45.95 -1.11
C LYS A 558 21.03 -45.98 0.12
N THR A 559 22.20 -45.33 0.04
CA THR A 559 23.11 -45.27 1.21
C THR A 559 22.80 -44.12 2.18
N GLY A 560 21.82 -43.29 1.87
CA GLY A 560 21.45 -42.16 2.71
C GLY A 560 19.98 -42.21 3.12
N SER A 561 19.22 -41.16 2.82
CA SER A 561 17.82 -41.09 3.24
C SER A 561 16.93 -41.90 2.30
N ASN A 562 17.46 -42.30 1.15
CA ASN A 562 16.77 -43.08 0.14
C ASN A 562 15.48 -42.46 -0.37
N ALA A 563 15.49 -41.13 -0.48
CA ALA A 563 14.38 -40.39 -1.05
C ALA A 563 14.25 -40.73 -2.50
N LEU A 564 15.35 -41.09 -3.17
CA LEU A 564 15.32 -41.53 -4.57
C LEU A 564 14.35 -42.71 -4.85
N ALA A 565 14.17 -43.58 -3.86
CA ALA A 565 13.24 -44.69 -3.92
C ALA A 565 11.77 -44.25 -3.94
N GLN A 566 11.48 -42.98 -3.69
CA GLN A 566 10.13 -42.44 -3.80
C GLN A 566 9.78 -42.05 -5.23
N TYR A 567 10.79 -42.09 -6.12
CA TYR A 567 10.61 -41.81 -7.53
C TYR A 567 10.47 -43.08 -8.39
N PRO A 568 9.90 -42.96 -9.59
CA PRO A 568 9.87 -44.11 -10.49
C PRO A 568 11.29 -44.56 -10.80
N GLU A 569 11.44 -45.87 -10.96
CA GLU A 569 12.73 -46.50 -11.18
C GLU A 569 13.70 -45.79 -12.13
N PRO A 570 13.26 -45.37 -13.32
CA PRO A 570 14.17 -44.69 -14.26
C PRO A 570 14.76 -43.38 -13.73
N ILE A 571 13.98 -42.67 -12.92
CA ILE A 571 14.45 -41.43 -12.28
C ILE A 571 15.41 -41.79 -11.14
N ALA A 572 15.02 -42.74 -10.30
CA ALA A 572 15.93 -43.22 -9.24
C ALA A 572 17.29 -43.66 -9.79
N LYS A 573 17.26 -44.39 -10.91
CA LYS A 573 18.48 -44.86 -11.56
C LYS A 573 19.31 -43.71 -12.08
N ALA A 574 18.69 -42.83 -12.86
CA ALA A 574 19.39 -41.71 -13.49
C ALA A 574 20.01 -40.75 -12.48
N TRP A 575 19.26 -40.47 -11.40
CA TRP A 575 19.70 -39.49 -10.39
C TRP A 575 20.65 -40.09 -9.38
N GLY A 576 20.61 -41.40 -9.21
CA GLY A 576 21.45 -42.08 -8.26
C GLY A 576 22.82 -42.46 -8.82
N ASP A 577 23.00 -42.41 -10.14
CA ASP A 577 24.28 -42.71 -10.77
C ASP A 577 25.00 -41.41 -11.04
N LEU A 578 26.18 -41.25 -10.48
CA LEU A 578 27.01 -40.04 -10.70
C LEU A 578 27.32 -39.73 -12.17
N ASN A 579 27.28 -40.78 -12.98
CA ASN A 579 27.50 -40.67 -14.41
C ASN A 579 26.35 -39.96 -15.14
N SER A 580 25.11 -40.03 -14.62
CA SER A 580 23.91 -39.53 -15.33
C SER A 580 23.11 -38.47 -14.59
N VAL A 581 23.32 -38.30 -13.29
CA VAL A 581 22.63 -37.26 -12.54
C VAL A 581 22.94 -35.87 -13.10
N PRO A 582 21.91 -35.03 -13.34
CA PRO A 582 22.16 -33.70 -13.85
C PRO A 582 22.94 -32.89 -12.82
N GLU A 583 23.96 -32.18 -13.25
CA GLU A 583 24.76 -31.39 -12.35
C GLU A 583 23.94 -30.30 -11.68
N ASP A 584 22.88 -29.80 -12.36
CA ASP A 584 22.02 -28.77 -11.77
C ASP A 584 21.13 -29.24 -10.62
N LEU A 585 21.18 -30.55 -10.33
CA LEU A 585 20.50 -31.21 -9.24
C LEU A 585 21.43 -32.04 -8.35
N ILE A 586 22.71 -32.14 -8.67
CA ILE A 586 23.59 -33.13 -8.04
C ILE A 586 23.60 -33.15 -6.51
N LEU A 587 23.74 -31.98 -5.85
CA LEU A 587 23.85 -31.90 -4.38
C LEU A 587 22.55 -32.11 -3.60
N TRP A 588 21.46 -32.30 -4.34
CA TRP A 588 20.22 -32.70 -3.71
C TRP A 588 20.27 -34.17 -3.30
N PHE A 589 21.04 -34.96 -4.04
CA PHE A 589 21.05 -36.39 -3.88
C PHE A 589 22.36 -37.02 -3.47
N HIS A 590 23.47 -36.28 -3.60
CA HIS A 590 24.79 -36.83 -3.37
C HIS A 590 25.64 -35.94 -2.53
N HIS A 591 26.30 -36.56 -1.54
CA HIS A 591 27.27 -35.89 -0.72
C HIS A 591 28.59 -36.22 -1.40
N LEU A 592 29.23 -35.21 -1.98
CA LEU A 592 30.41 -35.40 -2.76
C LEU A 592 31.61 -34.67 -2.21
N SER A 593 32.78 -35.25 -2.42
CA SER A 593 34.00 -34.63 -2.00
C SER A 593 34.27 -33.40 -2.86
N TRP A 594 34.95 -32.45 -2.24
CA TRP A 594 35.33 -31.23 -2.93
C TRP A 594 36.19 -31.44 -4.19
N ASP A 595 36.95 -32.53 -4.24
CA ASP A 595 37.76 -32.93 -5.39
C ASP A 595 36.99 -33.64 -6.51
N HIS A 596 35.73 -33.97 -6.32
CA HIS A 596 34.96 -34.55 -7.43
C HIS A 596 35.06 -33.63 -8.68
N ARG A 597 35.37 -34.21 -9.84
CA ARG A 597 35.50 -33.43 -11.06
C ARG A 597 34.21 -33.32 -11.80
N MET A 598 33.85 -32.08 -12.15
CA MET A 598 32.59 -31.82 -12.86
C MET A 598 32.82 -31.89 -14.38
N GLN A 599 31.74 -31.86 -15.14
CA GLN A 599 31.80 -31.95 -16.61
C GLN A 599 32.74 -30.90 -17.24
N SER A 600 32.78 -29.71 -16.63
CA SER A 600 33.62 -28.60 -17.09
C SER A 600 35.13 -28.83 -16.91
N GLY A 601 35.52 -29.78 -16.05
CA GLY A 601 36.90 -30.07 -15.75
C GLY A 601 37.32 -29.55 -14.39
N ARG A 602 36.53 -28.64 -13.83
CA ARG A 602 36.83 -28.07 -12.54
C ARG A 602 36.43 -29.05 -11.46
N ASN A 603 37.06 -28.97 -10.32
CA ASN A 603 36.59 -29.73 -9.16
C ASN A 603 35.30 -29.06 -8.59
N LEU A 604 34.64 -29.75 -7.67
CA LEU A 604 33.36 -29.28 -7.14
C LEU A 604 33.55 -27.93 -6.42
N TRP A 605 34.67 -27.72 -5.73
CA TRP A 605 34.89 -26.40 -5.07
C TRP A 605 35.01 -25.29 -6.10
N GLN A 606 35.76 -25.59 -7.14
CA GLN A 606 35.98 -24.68 -8.26
C GLN A 606 34.69 -24.34 -9.01
N GLU A 607 33.88 -25.37 -9.25
CA GLU A 607 32.61 -25.25 -9.95
C GLU A 607 31.60 -24.45 -9.12
N LEU A 608 31.57 -24.68 -7.83
CA LEU A 608 30.75 -23.87 -6.94
C LEU A 608 31.12 -22.39 -7.02
N VAL A 609 32.40 -22.08 -6.89
CA VAL A 609 32.87 -20.68 -7.04
C VAL A 609 32.52 -20.10 -8.41
N HIS A 610 32.75 -20.88 -9.47
CA HIS A 610 32.48 -20.44 -10.83
C HIS A 610 31.00 -20.06 -11.01
N LYS A 611 30.09 -20.88 -10.48
CA LYS A 611 28.64 -20.64 -10.62
C LYS A 611 28.19 -19.39 -9.89
N TYR A 612 28.66 -19.23 -8.65
CA TYR A 612 28.33 -18.06 -7.86
C TYR A 612 28.76 -16.79 -8.55
N TYR A 613 30.00 -16.79 -9.05
CA TYR A 613 30.53 -15.64 -9.81
C TYR A 613 29.78 -15.42 -11.16
N GLN A 614 29.40 -16.52 -11.79
CA GLN A 614 28.61 -16.47 -13.03
C GLN A 614 27.28 -15.74 -12.82
N GLY A 615 26.59 -16.05 -11.72
CA GLY A 615 25.32 -15.41 -11.40
C GLY A 615 25.42 -13.89 -11.36
N VAL A 616 26.47 -13.38 -10.72
CA VAL A 616 26.70 -11.93 -10.64
C VAL A 616 26.99 -11.34 -12.04
N GLU A 617 27.84 -12.05 -12.81
CA GLU A 617 28.16 -11.63 -14.18
C GLU A 617 26.89 -11.61 -15.03
N GLN A 618 26.02 -12.59 -14.84
CA GLN A 618 24.74 -12.62 -15.55
C GLN A 618 23.87 -11.41 -15.23
N VAL A 619 23.82 -10.98 -13.97
CA VAL A 619 23.09 -9.75 -13.61
C VAL A 619 23.74 -8.51 -14.29
N ARG A 620 25.06 -8.48 -14.30
CA ARG A 620 25.78 -7.34 -14.90
C ARG A 620 25.50 -7.28 -16.39
N ALA A 621 25.41 -8.44 -17.01
CA ALA A 621 25.04 -8.54 -18.41
C ALA A 621 23.58 -8.08 -18.64
N MET A 622 22.69 -8.40 -17.70
CA MET A 622 21.28 -7.93 -17.76
C MET A 622 21.24 -6.42 -17.69
N GLN A 623 22.07 -5.83 -16.83
CA GLN A 623 22.18 -4.36 -16.78
C GLN A 623 22.54 -3.78 -18.16
N ARG A 624 23.59 -4.32 -18.76
CA ARG A 624 24.06 -3.81 -20.04
C ARG A 624 23.01 -3.99 -21.10
N THR A 625 22.38 -5.14 -21.12
CA THR A 625 21.28 -5.39 -22.03
C THR A 625 20.17 -4.34 -21.85
N TRP A 626 19.71 -4.13 -20.63
CA TRP A 626 18.61 -3.18 -20.40
C TRP A 626 19.00 -1.76 -20.83
N ASP A 627 20.24 -1.36 -20.55
CA ASP A 627 20.73 -0.03 -20.94
C ASP A 627 20.66 0.24 -22.44
N GLN A 628 20.90 -0.79 -23.24
CA GLN A 628 20.81 -0.62 -24.69
C GLN A 628 19.34 -0.46 -25.21
N GLN A 629 18.33 -0.51 -24.33
CA GLN A 629 16.92 -0.46 -24.74
C GLN A 629 16.22 0.85 -24.51
N GLU A 630 16.97 1.87 -24.12
CA GLU A 630 16.40 3.17 -23.75
C GLU A 630 15.54 3.82 -24.81
N ALA A 631 15.88 3.59 -26.08
CA ALA A 631 15.09 4.11 -27.20
C ALA A 631 13.73 3.46 -27.40
N TYR A 632 13.52 2.28 -26.85
CA TYR A 632 12.27 1.51 -27.08
C TYR A 632 11.27 1.51 -25.94
N VAL A 633 11.68 1.97 -24.78
CA VAL A 633 10.84 1.97 -23.60
C VAL A 633 10.55 3.39 -23.15
N ASP A 634 9.41 3.60 -22.51
CA ASP A 634 9.10 4.92 -21.92
C ASP A 634 10.14 5.27 -20.84
N ALA A 635 10.39 6.55 -20.68
CA ALA A 635 11.41 7.02 -19.74
C ALA A 635 11.20 6.56 -18.28
N ALA A 636 9.94 6.50 -17.81
CA ALA A 636 9.68 6.16 -16.38
C ALA A 636 9.99 4.69 -16.09
N ARG A 637 9.34 3.76 -16.81
CA ARG A 637 9.65 2.34 -16.61
C ARG A 637 11.10 1.99 -16.89
N PHE A 638 11.72 2.63 -17.90
CA PHE A 638 13.13 2.43 -18.18
C PHE A 638 14.00 2.75 -16.97
N ALA A 639 13.77 3.92 -16.38
CA ALA A 639 14.53 4.38 -15.22
C ALA A 639 14.33 3.50 -13.98
N GLN A 640 13.11 3.01 -13.83
CA GLN A 640 12.77 2.18 -12.68
C GLN A 640 13.47 0.85 -12.83
N VAL A 641 13.34 0.21 -13.98
CA VAL A 641 14.00 -1.09 -14.16
C VAL A 641 15.53 -0.96 -14.07
N LYS A 642 16.10 0.09 -14.65
CA LYS A 642 17.56 0.35 -14.57
C LYS A 642 18.00 0.42 -13.10
N ALA A 643 17.26 1.19 -12.31
CA ALA A 643 17.57 1.37 -10.90
C ALA A 643 17.45 0.05 -10.12
N LEU A 644 16.41 -0.70 -10.37
CA LEU A 644 16.20 -1.98 -9.68
C LEU A 644 17.31 -2.96 -10.01
N LEU A 645 17.75 -2.97 -11.27
CA LEU A 645 18.87 -3.82 -11.66
C LEU A 645 20.18 -3.46 -10.91
N GLN A 646 20.35 -2.16 -10.61
CA GLN A 646 21.51 -1.73 -9.82
C GLN A 646 21.38 -2.32 -8.43
N VAL A 647 20.18 -2.30 -7.85
CA VAL A 647 19.96 -2.89 -6.52
C VAL A 647 20.21 -4.40 -6.54
N GLN A 648 19.72 -5.05 -7.60
CA GLN A 648 19.89 -6.49 -7.73
C GLN A 648 21.41 -6.87 -7.87
N GLU A 649 22.16 -6.07 -8.62
CA GLU A 649 23.60 -6.32 -8.80
C GLU A 649 24.30 -6.26 -7.45
N ARG A 650 23.93 -5.27 -6.66
CA ARG A 650 24.52 -5.05 -5.36
C ARG A 650 24.23 -6.22 -4.40
N GLU A 651 22.98 -6.65 -4.42
CA GLU A 651 22.56 -7.83 -3.63
C GLU A 651 23.13 -9.14 -4.14
N ALA A 652 23.25 -9.30 -5.45
CA ALA A 652 23.85 -10.53 -6.02
C ALA A 652 25.34 -10.63 -5.62
N VAL A 653 26.03 -9.50 -5.59
CA VAL A 653 27.41 -9.43 -5.10
C VAL A 653 27.43 -9.82 -3.62
N ARG A 654 26.45 -9.34 -2.85
CA ARG A 654 26.38 -9.65 -1.43
C ARG A 654 26.11 -11.14 -1.26
N TRP A 655 25.23 -11.69 -2.09
CA TRP A 655 24.89 -13.10 -2.06
C TRP A 655 26.13 -13.95 -2.40
N ARG A 656 26.79 -13.59 -3.50
CA ARG A 656 28.00 -14.26 -3.94
C ARG A 656 29.16 -14.28 -2.90
N ASN A 657 29.50 -13.12 -2.39
CA ASN A 657 30.55 -12.96 -1.41
C ASN A 657 30.25 -13.71 -0.12
N SER A 658 28.99 -13.63 0.34
CA SER A 658 28.57 -14.29 1.57
C SER A 658 28.64 -15.80 1.47
N CYS A 659 28.17 -16.33 0.36
CA CYS A 659 28.13 -17.77 0.20
C CYS A 659 29.51 -18.34 -0.08
N VAL A 660 30.23 -17.74 -1.03
CA VAL A 660 31.60 -18.21 -1.37
C VAL A 660 32.52 -18.14 -0.15
N LEU A 661 32.46 -17.05 0.60
CA LEU A 661 33.33 -16.92 1.77
C LEU A 661 32.93 -17.86 2.88
N TYR A 662 31.62 -18.14 3.00
CA TYR A 662 31.13 -19.09 4.01
C TYR A 662 31.60 -20.50 3.65
N PHE A 663 31.35 -20.94 2.42
CA PHE A 663 31.79 -22.29 2.02
C PHE A 663 33.33 -22.43 2.04
N GLN A 664 34.02 -21.34 1.73
CA GLN A 664 35.48 -21.30 1.91
C GLN A 664 35.92 -21.56 3.33
N SER A 665 35.22 -20.96 4.31
CA SER A 665 35.58 -21.13 5.70
C SER A 665 35.40 -22.56 6.14
N VAL A 666 34.48 -23.27 5.50
CA VAL A 666 34.25 -24.66 5.83
C VAL A 666 35.22 -25.55 5.06
N ALA A 667 35.35 -25.33 3.75
CA ALA A 667 36.18 -26.16 2.90
C ALA A 667 37.66 -25.88 3.07
N GLY A 668 38.03 -24.65 3.40
CA GLY A 668 39.43 -24.27 3.54
C GLY A 668 40.23 -24.33 2.25
N ARG A 669 39.60 -23.88 1.18
CA ARG A 669 40.19 -23.88 -0.13
C ARG A 669 40.16 -22.44 -0.64
N PRO A 670 41.14 -22.05 -1.45
CA PRO A 670 41.16 -20.68 -1.93
C PRO A 670 40.25 -20.45 -3.10
N ILE A 671 39.84 -19.19 -3.23
CA ILE A 671 39.07 -18.75 -4.39
C ILE A 671 40.15 -18.60 -5.50
N PRO A 672 39.99 -19.21 -6.66
CA PRO A 672 40.99 -19.00 -7.72
C PRO A 672 41.23 -17.49 -8.05
N ALA A 673 42.51 -17.16 -8.28
CA ALA A 673 42.93 -15.76 -8.56
C ALA A 673 42.25 -15.03 -9.74
N ASN A 674 41.72 -15.77 -10.72
CA ASN A 674 40.97 -15.13 -11.84
C ASN A 674 39.57 -14.55 -11.42
N TYR A 675 39.15 -14.76 -10.18
CA TYR A 675 37.89 -14.23 -9.66
C TYR A 675 38.22 -13.09 -8.73
N GLU A 676 37.45 -12.02 -8.83
CA GLU A 676 37.58 -10.86 -7.94
C GLU A 676 37.34 -11.29 -6.48
N GLN A 677 38.34 -11.11 -5.63
CA GLN A 677 38.22 -11.49 -4.22
C GLN A 677 37.23 -10.52 -3.59
N PRO A 678 36.30 -11.05 -2.78
CA PRO A 678 35.33 -10.21 -2.09
C PRO A 678 35.94 -9.01 -1.37
N GLU A 679 35.21 -7.89 -1.45
CA GLU A 679 35.57 -6.62 -0.82
C GLU A 679 35.95 -6.74 0.67
N HIS A 680 35.23 -7.60 1.42
CA HIS A 680 35.45 -7.84 2.87
C HIS A 680 35.50 -9.35 3.30
N ASP A 681 35.61 -9.62 4.61
CA ASP A 681 35.64 -10.97 5.17
C ASP A 681 34.26 -11.55 5.60
N LEU A 682 34.24 -12.82 5.97
CA LEU A 682 32.99 -13.52 6.32
C LEU A 682 32.25 -12.86 7.48
N GLU A 683 32.96 -12.39 8.52
CA GLU A 683 32.27 -11.71 9.62
C GLU A 683 31.53 -10.47 9.15
N TYR A 684 32.09 -9.74 8.20
CA TYR A 684 31.43 -8.56 7.67
C TYR A 684 30.11 -8.92 6.99
N TYR A 685 30.10 -10.02 6.21
CA TYR A 685 28.88 -10.45 5.56
C TYR A 685 27.86 -11.00 6.55
N LYS A 686 28.29 -11.61 7.64
CA LYS A 686 27.39 -11.95 8.73
C LYS A 686 26.72 -10.70 9.33
N MET A 687 27.52 -9.65 9.54
CA MET A 687 27.05 -8.34 10.02
C MET A 687 26.10 -7.70 9.02
N LEU A 688 26.44 -7.76 7.73
CA LEU A 688 25.53 -7.30 6.70
C LEU A 688 24.20 -8.07 6.72
N ALA A 689 24.23 -9.37 6.99
CA ALA A 689 22.99 -10.14 7.05
C ALA A 689 22.11 -9.68 8.21
N ARG A 690 22.72 -9.29 9.32
CA ARG A 690 21.98 -8.76 10.48
C ARG A 690 21.42 -7.35 10.29
N THR A 691 22.03 -6.56 9.41
CA THR A 691 21.70 -5.14 9.30
C THR A 691 21.14 -4.62 7.99
N THR A 692 21.19 -5.42 6.92
CA THR A 692 20.76 -4.97 5.59
C THR A 692 19.23 -5.00 5.58
N TYR A 693 18.64 -3.86 5.29
CA TYR A 693 17.18 -3.74 5.30
C TYR A 693 16.45 -4.81 4.49
N VAL A 694 15.46 -5.41 5.12
CA VAL A 694 14.62 -6.43 4.51
C VAL A 694 13.37 -5.71 3.95
N PRO A 695 13.22 -5.59 2.61
CA PRO A 695 12.12 -4.78 2.04
C PRO A 695 10.79 -5.49 1.82
N GLU A 696 10.15 -5.78 2.93
CA GLU A 696 8.83 -6.38 2.96
C GLU A 696 8.12 -5.91 4.25
N PRO A 697 6.95 -5.30 4.13
CA PRO A 697 6.19 -4.92 5.32
C PRO A 697 5.85 -6.09 6.27
N TRP A 698 5.47 -7.24 5.73
CA TRP A 698 5.02 -8.35 6.54
C TRP A 698 6.04 -8.96 7.45
N HIS A 699 7.21 -9.39 6.94
CA HIS A 699 8.11 -10.14 7.82
C HIS A 699 8.70 -9.26 8.92
N PRO A 700 8.67 -9.69 10.18
CA PRO A 700 9.24 -8.91 11.31
C PRO A 700 10.70 -8.39 11.16
N ALA A 701 11.51 -9.06 10.34
CA ALA A 701 12.89 -8.62 10.05
C ALA A 701 12.95 -7.17 9.49
N SER A 702 11.88 -6.73 8.81
CA SER A 702 11.82 -5.36 8.31
C SER A 702 11.75 -4.28 9.43
N SER A 703 11.38 -4.71 10.63
CA SER A 703 11.33 -3.86 11.82
C SER A 703 12.57 -4.06 12.72
N SER A 704 13.51 -4.90 12.29
CA SER A 704 14.66 -5.21 13.13
C SER A 704 15.54 -3.96 13.30
N ARG A 705 15.78 -3.59 14.56
CA ARG A 705 16.67 -2.46 14.90
C ARG A 705 18.11 -2.89 15.18
N VAL A 706 18.44 -4.14 14.84
CA VAL A 706 19.82 -4.63 14.94
C VAL A 706 20.74 -3.76 14.07
N LEU A 707 21.81 -3.26 14.68
CA LEU A 707 22.75 -2.33 14.05
C LEU A 707 24.20 -2.80 14.05
N LYS A 708 24.47 -4.01 14.57
CA LYS A 708 25.83 -4.58 14.61
C LYS A 708 25.81 -6.03 14.24
N GLU B 1 -10.54 10.60 -13.26
CA GLU B 1 -10.08 11.16 -11.95
C GLU B 1 -9.84 10.10 -10.86
N ASP B 2 -8.58 9.88 -10.55
CA ASP B 2 -8.27 8.94 -9.49
C ASP B 2 -7.57 9.59 -8.31
N GLY B 3 -7.62 10.91 -8.24
CA GLY B 3 -7.09 11.68 -7.14
C GLY B 3 -5.59 11.82 -7.02
N TYR B 4 -4.81 11.24 -7.93
CA TYR B 4 -3.35 11.33 -7.86
C TYR B 4 -2.83 12.76 -7.94
N ASP B 5 -3.47 13.62 -8.70
CA ASP B 5 -3.06 14.99 -8.81
C ASP B 5 -3.51 15.89 -7.66
N MET B 6 -4.33 15.33 -6.78
CA MET B 6 -4.90 16.07 -5.64
C MET B 6 -5.52 17.40 -6.12
N TRP B 7 -5.07 18.54 -5.62
CA TRP B 7 -5.64 19.84 -5.98
C TRP B 7 -4.92 20.50 -7.14
N LEU B 8 -3.94 19.82 -7.75
CA LEU B 8 -3.17 20.37 -8.88
C LEU B 8 -3.69 19.75 -10.17
N ARG B 9 -4.97 19.96 -10.42
CA ARG B 9 -5.64 19.45 -11.59
C ARG B 9 -5.58 20.54 -12.62
N TYR B 10 -4.78 20.33 -13.64
CA TYR B 10 -4.61 21.35 -14.67
C TYR B 10 -5.44 21.01 -15.91
N GLN B 11 -6.75 21.02 -15.69
CA GLN B 11 -7.72 20.77 -16.75
C GLN B 11 -8.19 22.12 -17.30
N PRO B 12 -8.57 22.17 -18.57
CA PRO B 12 -8.98 23.44 -19.18
C PRO B 12 -10.13 24.12 -18.45
N ILE B 13 -10.02 25.44 -18.32
CA ILE B 13 -11.02 26.25 -17.62
C ILE B 13 -12.34 26.06 -18.37
N ALA B 14 -13.37 25.64 -17.63
CA ALA B 14 -14.69 25.30 -18.18
C ALA B 14 -15.47 26.52 -18.67
N ASP B 15 -15.36 27.62 -17.94
CA ASP B 15 -16.05 28.85 -18.31
C ASP B 15 -15.31 29.41 -19.51
N GLN B 16 -15.93 29.27 -20.68
CA GLN B 16 -15.31 29.70 -21.93
C GLN B 16 -15.01 31.19 -22.02
N THR B 17 -15.88 32.06 -21.51
CA THR B 17 -15.61 33.52 -21.48
C THR B 17 -14.32 33.80 -20.70
N LEU B 18 -14.24 33.20 -19.50
CA LEU B 18 -13.07 33.29 -18.63
C LEU B 18 -11.80 32.75 -19.28
N LEU B 19 -11.91 31.60 -19.89
CA LEU B 19 -10.79 30.97 -20.59
C LEU B 19 -10.16 31.91 -21.60
N LYS B 20 -11.00 32.59 -22.40
CA LYS B 20 -10.53 33.53 -23.43
C LYS B 20 -9.78 34.67 -22.83
N THR B 21 -10.31 35.22 -21.76
CA THR B 21 -9.62 36.27 -21.02
C THR B 21 -8.23 35.85 -20.53
N TYR B 22 -8.09 34.64 -19.96
CA TYR B 22 -6.79 34.15 -19.51
C TYR B 22 -5.85 33.92 -20.70
N GLN B 23 -6.40 33.37 -21.78
CA GLN B 23 -5.63 33.14 -23.04
C GLN B 23 -5.10 34.44 -23.65
N LYS B 24 -5.85 35.52 -23.52
CA LYS B 24 -5.41 36.83 -24.00
C LYS B 24 -4.35 37.46 -23.07
N GLN B 25 -4.47 37.20 -21.78
CA GLN B 25 -3.55 37.78 -20.79
C GLN B 25 -2.22 37.02 -20.69
N ILE B 26 -2.23 35.69 -20.78
CA ILE B 26 -0.98 34.94 -20.67
C ILE B 26 -0.74 34.21 -21.94
N ARG B 27 0.07 34.79 -22.82
CA ARG B 27 0.44 34.16 -24.09
C ARG B 27 1.84 33.58 -24.09
N HIS B 28 2.71 34.10 -23.23
CA HIS B 28 4.05 33.61 -23.10
C HIS B 28 4.45 33.52 -21.63
N LEU B 29 5.48 32.72 -21.42
CA LEU B 29 6.10 32.48 -20.12
C LEU B 29 7.56 32.80 -20.23
N HIS B 30 7.96 33.88 -19.54
CA HIS B 30 9.31 34.38 -19.54
C HIS B 30 10.01 34.06 -18.23
N VAL B 31 11.11 33.31 -18.31
CA VAL B 31 11.89 32.89 -17.15
C VAL B 31 13.36 33.01 -17.49
N ALA B 32 14.02 33.98 -16.86
CA ALA B 32 15.46 34.23 -17.09
C ALA B 32 16.37 33.32 -16.26
N GLY B 33 15.92 33.00 -15.04
CA GLY B 33 16.70 32.20 -14.12
C GLY B 33 16.81 30.74 -14.51
N ASP B 34 17.75 30.04 -13.89
CA ASP B 34 17.96 28.62 -14.21
C ASP B 34 18.43 27.75 -13.04
N SER B 35 18.23 28.23 -11.81
CA SER B 35 18.52 27.45 -10.62
C SER B 35 17.52 26.30 -10.55
N PRO B 36 17.85 25.23 -9.81
CA PRO B 36 16.89 24.14 -9.63
C PRO B 36 15.49 24.59 -9.17
N THR B 37 15.42 25.53 -8.24
CA THR B 37 14.13 26.03 -7.77
C THR B 37 13.34 26.81 -8.81
N ILE B 38 14.03 27.67 -9.55
CA ILE B 38 13.39 28.41 -10.63
C ILE B 38 12.94 27.47 -11.72
N ASN B 39 13.80 26.50 -12.08
CA ASN B 39 13.42 25.46 -13.06
C ASN B 39 12.15 24.70 -12.65
N ALA B 40 12.01 24.41 -11.37
CA ALA B 40 10.83 23.71 -10.87
C ALA B 40 9.59 24.58 -11.00
N ALA B 41 9.78 25.88 -10.79
CA ALA B 41 8.68 26.84 -10.92
C ALA B 41 8.28 26.94 -12.34
N ALA B 42 9.26 27.03 -13.22
CA ALA B 42 9.02 27.17 -14.63
C ALA B 42 8.31 25.93 -15.14
N ALA B 43 8.77 24.77 -14.67
CA ALA B 43 8.14 23.49 -15.04
C ALA B 43 6.68 23.41 -14.60
N GLU B 44 6.40 23.89 -13.39
CA GLU B 44 5.06 23.90 -12.87
C GLU B 44 4.15 24.84 -13.67
N LEU B 45 4.62 26.05 -13.93
CA LEU B 45 3.87 27.02 -14.74
C LEU B 45 3.66 26.46 -16.17
N GLN B 46 4.68 25.83 -16.75
CA GLN B 46 4.52 25.26 -18.10
C GLN B 46 3.41 24.19 -18.18
N ARG B 47 3.47 23.18 -17.31
CA ARG B 47 2.44 22.15 -17.26
C ARG B 47 1.11 22.72 -16.82
N GLY B 48 1.14 23.57 -15.81
CA GLY B 48 -0.05 24.21 -15.29
C GLY B 48 -0.78 25.18 -16.21
N LEU B 49 -0.07 26.16 -16.72
CA LEU B 49 -0.65 27.07 -17.73
C LEU B 49 -1.10 26.33 -19.00
N SER B 50 -0.28 25.40 -19.49
CA SER B 50 -0.67 24.66 -20.71
C SER B 50 -1.96 23.91 -20.54
N GLY B 51 -2.13 23.27 -19.40
CA GLY B 51 -3.31 22.48 -19.13
C GLY B 51 -4.57 23.33 -18.92
N LEU B 52 -4.45 24.34 -18.04
CA LEU B 52 -5.54 25.24 -17.69
C LEU B 52 -5.98 26.13 -18.85
N LEU B 53 -5.05 26.55 -19.70
CA LEU B 53 -5.35 27.45 -20.86
C LEU B 53 -5.56 26.69 -22.19
N ASN B 54 -5.38 25.36 -22.15
CA ASN B 54 -5.61 24.48 -23.29
C ASN B 54 -4.82 24.87 -24.55
N LYS B 55 -3.56 25.21 -24.36
CA LYS B 55 -2.64 25.62 -25.44
C LYS B 55 -1.18 25.54 -24.95
N PRO B 56 -0.22 25.25 -25.84
CA PRO B 56 1.17 25.06 -25.39
C PRO B 56 1.78 26.36 -24.93
N ILE B 57 2.14 26.41 -23.64
CA ILE B 57 2.82 27.56 -23.06
C ILE B 57 4.14 26.97 -22.67
N VAL B 58 5.24 27.48 -23.22
CA VAL B 58 6.56 26.93 -22.97
C VAL B 58 7.43 28.00 -22.31
N ALA B 59 8.11 27.64 -21.20
CA ALA B 59 9.01 28.57 -20.54
C ALA B 59 10.18 28.86 -21.47
N ARG B 60 10.48 30.14 -21.65
CA ARG B 60 11.59 30.60 -22.52
C ARG B 60 12.26 31.80 -21.93
N ASP B 61 13.54 31.98 -22.23
CA ASP B 61 14.27 33.16 -21.87
C ASP B 61 14.55 33.81 -23.21
N GLU B 62 13.76 34.82 -23.53
CA GLU B 62 13.90 35.53 -24.81
C GLU B 62 13.52 36.99 -24.65
N LYS B 63 13.70 37.77 -25.71
CA LYS B 63 13.24 39.15 -25.72
C LYS B 63 11.75 39.17 -25.32
N LEU B 64 11.43 39.99 -24.33
CA LEU B 64 10.11 40.05 -23.77
C LEU B 64 9.04 40.28 -24.84
N LYS B 65 8.00 39.45 -24.78
CA LYS B 65 6.88 39.57 -25.67
C LYS B 65 5.69 40.16 -24.93
N ASP B 66 4.79 40.78 -25.70
CA ASP B 66 3.54 41.35 -25.18
C ASP B 66 2.68 40.19 -24.63
N TYR B 67 2.04 40.41 -23.49
CA TYR B 67 1.14 39.47 -22.77
C TYR B 67 1.87 38.20 -22.28
N SER B 68 2.88 38.47 -21.46
CA SER B 68 3.72 37.43 -20.90
C SER B 68 3.54 37.34 -19.38
N LEU B 69 3.75 36.13 -18.85
CA LEU B 69 3.90 35.94 -17.41
C LEU B 69 5.42 35.96 -17.22
N VAL B 70 5.93 36.87 -16.39
CA VAL B 70 7.36 37.02 -16.18
C VAL B 70 7.69 36.68 -14.75
N ILE B 71 8.60 35.73 -14.54
CA ILE B 71 8.94 35.33 -13.16
C ILE B 71 10.41 35.53 -12.84
N GLY B 72 10.71 35.82 -11.58
CA GLY B 72 12.08 35.89 -11.12
C GLY B 72 12.25 36.81 -9.94
N THR B 73 13.52 36.97 -9.57
CA THR B 73 13.92 37.90 -8.52
C THR B 73 14.71 39.01 -9.24
N PRO B 74 14.92 40.16 -8.58
CA PRO B 74 15.83 41.20 -9.14
C PRO B 74 17.21 40.66 -9.49
N ASP B 75 17.69 39.70 -8.71
CA ASP B 75 18.98 39.08 -8.90
C ASP B 75 19.08 38.17 -10.11
N ASN B 76 17.97 37.53 -10.49
CA ASN B 76 17.99 36.58 -11.63
C ASN B 76 17.20 37.01 -12.87
N SER B 77 16.43 38.09 -12.77
CA SER B 77 15.60 38.55 -13.87
C SER B 77 15.71 40.08 -14.07
N PRO B 78 16.57 40.52 -15.00
CA PRO B 78 16.71 41.96 -15.29
C PRO B 78 15.38 42.68 -15.45
N LEU B 79 14.41 41.99 -16.09
CA LEU B 79 13.06 42.56 -16.29
C LEU B 79 12.39 42.89 -14.98
N ILE B 80 12.46 41.97 -14.02
CA ILE B 80 11.91 42.19 -12.68
C ILE B 80 12.64 43.33 -11.97
N ALA B 81 13.96 43.33 -12.08
CA ALA B 81 14.81 44.37 -11.49
C ALA B 81 14.51 45.79 -12.05
N SER B 82 14.25 45.86 -13.35
CA SER B 82 13.93 47.12 -14.06
C SER B 82 12.67 47.80 -13.55
N LEU B 83 11.80 47.06 -12.86
CA LEU B 83 10.60 47.66 -12.28
C LEU B 83 10.87 48.43 -10.99
N ASN B 84 12.08 48.29 -10.43
CA ASN B 84 12.51 48.98 -9.19
C ASN B 84 11.46 48.91 -8.09
N LEU B 85 11.12 47.69 -7.73
CA LEU B 85 10.04 47.46 -6.76
C LEU B 85 10.35 47.96 -5.34
N GLY B 86 11.63 47.99 -4.99
CA GLY B 86 12.08 48.51 -3.69
C GLY B 86 11.42 47.97 -2.43
N GLU B 87 10.87 48.90 -1.62
CA GLU B 87 10.15 48.61 -0.36
C GLU B 87 9.06 47.55 -0.47
N ARG B 88 8.43 47.51 -1.64
CA ARG B 88 7.38 46.55 -1.97
C ARG B 88 7.92 45.14 -1.87
N LEU B 89 9.10 44.92 -2.46
CA LEU B 89 9.77 43.63 -2.39
C LEU B 89 10.41 43.37 -1.05
N GLN B 90 10.98 44.40 -0.42
CA GLN B 90 11.62 44.27 0.92
C GLN B 90 10.71 43.68 2.01
N ALA B 91 9.46 44.10 2.02
CA ALA B 91 8.44 43.61 3.00
C ALA B 91 8.06 42.11 2.86
N LEU B 92 8.40 41.51 1.72
CA LEU B 92 8.13 40.11 1.42
C LEU B 92 9.11 39.10 2.05
N GLY B 93 10.28 39.55 2.49
CA GLY B 93 11.24 38.74 3.18
C GLY B 93 11.76 37.61 2.36
N ALA B 94 12.12 36.51 3.03
CA ALA B 94 12.85 35.41 2.38
C ALA B 94 11.96 34.38 1.65
N GLU B 95 10.65 34.40 1.93
CA GLU B 95 9.68 33.45 1.33
C GLU B 95 8.44 34.10 0.67
N GLY B 96 8.28 35.42 0.76
CA GLY B 96 7.18 36.13 0.15
C GLY B 96 7.29 36.41 -1.34
N TYR B 97 6.20 36.91 -1.89
CA TYR B 97 6.15 37.21 -3.32
C TYR B 97 5.14 38.29 -3.63
N LEU B 98 5.26 38.84 -4.83
CA LEU B 98 4.31 39.84 -5.33
C LEU B 98 3.78 39.30 -6.67
N LEU B 99 2.46 39.37 -6.82
CA LEU B 99 1.78 39.00 -8.06
C LEU B 99 1.18 40.29 -8.55
N GLU B 100 1.49 40.67 -9.80
CA GLU B 100 1.05 41.98 -10.30
C GLU B 100 0.97 42.11 -11.78
N GLN B 101 -0.20 42.57 -12.27
CA GLN B 101 -0.42 42.92 -13.70
C GLN B 101 0.15 44.31 -13.86
N THR B 102 1.11 44.47 -14.76
CA THR B 102 1.80 45.75 -14.92
C THR B 102 2.38 45.88 -16.32
N ARG B 103 3.37 46.77 -16.52
CA ARG B 103 4.00 46.96 -17.84
C ARG B 103 5.51 47.00 -17.73
N ILE B 104 6.17 46.35 -18.67
CA ILE B 104 7.62 46.50 -18.88
C ILE B 104 7.93 46.96 -20.30
N ASN B 105 8.47 48.19 -20.39
CA ASN B 105 8.72 48.77 -21.70
C ASN B 105 7.56 48.58 -22.67
N LYS B 106 6.35 48.97 -22.20
CA LYS B 106 5.20 49.01 -23.10
C LYS B 106 4.47 47.66 -23.19
N ARG B 107 5.19 46.59 -22.80
CA ARG B 107 4.64 45.25 -22.95
C ARG B 107 3.73 44.87 -21.77
N HIS B 108 2.51 44.42 -22.11
CA HIS B 108 1.62 43.94 -21.07
C HIS B 108 2.19 42.71 -20.37
N VAL B 109 2.35 42.74 -19.05
CA VAL B 109 2.88 41.60 -18.29
C VAL B 109 2.13 41.34 -17.01
N VAL B 110 2.31 40.12 -16.52
CA VAL B 110 2.09 39.69 -15.14
C VAL B 110 3.33 39.08 -14.47
N ILE B 111 3.72 39.68 -13.33
CA ILE B 111 4.94 39.28 -12.74
C ILE B 111 4.72 38.43 -11.53
N VAL B 112 5.65 37.50 -11.39
CA VAL B 112 5.76 36.81 -10.16
C VAL B 112 7.11 37.19 -9.61
N ALA B 113 7.09 38.08 -8.63
CA ALA B 113 8.35 38.60 -8.17
C ALA B 113 8.56 38.26 -6.70
N ALA B 114 9.82 38.04 -6.29
CA ALA B 114 10.17 37.77 -4.91
C ALA B 114 11.67 38.10 -4.72
N ASN B 115 12.12 38.02 -3.49
CA ASN B 115 13.57 38.21 -3.19
C ASN B 115 14.39 36.93 -3.40
N SER B 116 13.77 35.77 -3.11
CA SER B 116 14.39 34.45 -3.28
C SER B 116 13.75 33.60 -4.38
N ASP B 117 14.45 32.55 -4.77
CA ASP B 117 13.90 31.59 -5.73
C ASP B 117 12.67 30.83 -5.18
N VAL B 118 12.70 30.47 -3.91
CA VAL B 118 11.56 29.75 -3.29
C VAL B 118 10.30 30.64 -3.25
N GLY B 119 10.53 31.94 -3.01
CA GLY B 119 9.50 32.94 -3.05
C GLY B 119 8.86 32.97 -4.43
N VAL B 120 9.70 32.91 -5.47
CA VAL B 120 9.16 32.80 -6.84
C VAL B 120 8.32 31.51 -7.04
N LEU B 121 8.81 30.39 -6.50
CA LEU B 121 8.09 29.12 -6.58
C LEU B 121 6.72 29.22 -5.90
N TYR B 122 6.69 29.72 -4.66
CA TYR B 122 5.43 29.89 -3.92
C TYR B 122 4.49 30.85 -4.66
N GLY B 123 5.03 31.93 -5.21
CA GLY B 123 4.22 32.87 -5.98
C GLY B 123 3.65 32.23 -7.26
N SER B 124 4.44 31.37 -7.90
CA SER B 124 4.04 30.63 -9.11
C SER B 124 2.85 29.70 -8.82
N PHE B 125 2.91 28.97 -7.72
CA PHE B 125 1.77 28.19 -7.28
C PHE B 125 0.52 29.02 -6.95
N HIS B 126 0.70 30.20 -6.36
CA HIS B 126 -0.46 31.07 -6.12
C HIS B 126 -1.08 31.59 -7.42
N LEU B 127 -0.20 31.97 -8.37
CA LEU B 127 -0.69 32.40 -9.67
C LEU B 127 -1.56 31.34 -10.32
N LEU B 128 -1.06 30.08 -10.26
CA LEU B 128 -1.83 28.98 -10.80
C LEU B 128 -3.17 28.82 -10.08
N ARG B 129 -3.09 28.99 -8.73
CA ARG B 129 -4.28 28.85 -7.92
C ARG B 129 -5.36 29.88 -8.29
N LEU B 130 -4.90 31.12 -8.56
CA LEU B 130 -5.84 32.14 -9.01
C LEU B 130 -6.64 31.65 -10.21
N ILE B 131 -5.89 31.10 -11.19
CA ILE B 131 -6.52 30.60 -12.40
C ILE B 131 -7.39 29.38 -12.12
N GLN B 132 -6.86 28.50 -11.26
CA GLN B 132 -7.60 27.28 -10.93
C GLN B 132 -8.93 27.60 -10.26
N THR B 133 -8.96 28.74 -9.55
CA THR B 133 -10.17 29.12 -8.85
C THR B 133 -10.96 30.20 -9.60
N GLN B 134 -10.55 30.43 -10.87
CA GLN B 134 -11.25 31.38 -11.71
C GLN B 134 -11.33 32.78 -11.10
N HIS B 135 -10.18 33.25 -10.57
CA HIS B 135 -10.03 34.64 -10.19
C HIS B 135 -9.47 35.43 -11.34
N ALA B 136 -9.88 36.69 -11.41
CA ALA B 136 -9.51 37.56 -12.50
C ALA B 136 -8.10 38.08 -12.31
N LEU B 137 -7.36 38.06 -13.41
CA LEU B 137 -6.01 38.62 -13.46
C LEU B 137 -6.01 40.12 -13.72
N GLU B 138 -7.09 40.67 -14.26
CA GLU B 138 -7.11 42.11 -14.54
C GLU B 138 -6.98 42.91 -13.25
N LYS B 139 -6.09 43.87 -13.30
CA LYS B 139 -5.74 44.74 -12.20
C LYS B 139 -5.12 43.99 -10.98
N LEU B 140 -4.63 42.77 -11.20
CA LEU B 140 -4.06 41.98 -10.13
C LEU B 140 -2.91 42.74 -9.50
N SER B 141 -2.95 42.84 -8.18
CA SER B 141 -1.85 43.41 -7.42
C SER B 141 -1.97 42.85 -6.02
N LEU B 142 -1.17 41.83 -5.74
CA LEU B 142 -1.17 41.27 -4.39
C LEU B 142 0.17 40.76 -3.93
N SER B 143 0.35 40.80 -2.62
CA SER B 143 1.58 40.32 -2.05
C SER B 143 1.24 39.41 -0.89
N SER B 144 2.16 38.49 -0.59
CA SER B 144 1.96 37.60 0.53
C SER B 144 3.26 37.09 1.05
N ALA B 145 3.32 36.92 2.35
CA ALA B 145 4.47 36.35 3.01
C ALA B 145 3.93 35.40 4.05
N PRO B 146 4.64 34.30 4.31
CA PRO B 146 4.14 33.36 5.32
C PRO B 146 4.24 33.97 6.70
N ARG B 147 3.31 33.60 7.59
CA ARG B 147 3.31 34.11 8.95
C ARG B 147 4.02 33.23 9.99
N LEU B 148 4.39 32.02 9.58
CA LEU B 148 5.14 31.08 10.41
C LEU B 148 6.36 30.59 9.65
N GLN B 149 7.46 30.44 10.38
CA GLN B 149 8.73 30.05 9.77
C GLN B 149 8.81 28.60 9.31
N HIS B 150 8.41 27.71 10.23
CA HIS B 150 8.50 26.26 10.04
C HIS B 150 7.12 25.65 9.78
N ARG B 151 6.80 25.52 8.48
CA ARG B 151 5.53 24.91 8.12
C ARG B 151 5.73 23.49 7.57
N VAL B 152 5.58 22.53 8.49
CA VAL B 152 6.01 21.17 8.20
C VAL B 152 4.87 20.15 8.35
N VAL B 153 5.09 19.01 7.69
CA VAL B 153 4.22 17.86 7.91
C VAL B 153 4.97 16.77 8.64
N ASN B 154 4.21 15.88 9.30
CA ASN B 154 4.86 14.80 10.03
C ASN B 154 4.36 13.44 9.53
N HIS B 155 5.33 12.52 9.35
CA HIS B 155 5.03 11.17 8.90
C HIS B 155 5.30 10.15 10.00
N TRP B 156 4.25 9.53 10.55
CA TRP B 156 4.48 8.46 11.53
C TRP B 156 4.74 7.13 10.83
N ASP B 157 5.74 7.17 9.92
CA ASP B 157 6.07 5.99 9.13
C ASP B 157 7.13 5.12 9.80
N ASN B 158 6.81 3.83 9.93
CA ASN B 158 7.83 2.88 10.33
C ASN B 158 8.66 2.46 9.12
N LEU B 159 9.89 2.00 9.38
CA LEU B 159 10.80 1.70 8.29
C LEU B 159 10.40 0.42 7.53
N ASN B 160 9.59 -0.43 8.13
CA ASN B 160 8.92 -1.54 7.39
C ASN B 160 7.83 -1.06 6.39
N ARG B 161 7.58 0.24 6.41
CA ARG B 161 6.66 0.94 5.54
C ARG B 161 5.20 0.89 5.99
N VAL B 162 4.95 0.33 7.18
CA VAL B 162 3.63 0.44 7.79
C VAL B 162 3.55 1.82 8.49
N VAL B 163 2.44 2.50 8.28
CA VAL B 163 2.23 3.84 8.88
C VAL B 163 1.39 3.73 10.16
N GLU B 164 1.90 4.27 11.24
CA GLU B 164 1.17 4.28 12.53
C GLU B 164 0.08 5.39 12.48
N ARG B 165 -1.18 4.99 12.65
CA ARG B 165 -2.35 5.89 12.43
C ARG B 165 -2.34 6.32 10.95
N GLY B 166 -2.21 5.28 10.09
CA GLY B 166 -2.10 5.39 8.64
C GLY B 166 -3.23 4.70 7.90
N TYR B 167 -4.07 5.48 7.27
CA TYR B 167 -5.28 4.95 6.67
C TYR B 167 -5.25 5.11 5.17
N ALA B 168 -4.06 5.41 4.63
CA ALA B 168 -3.94 5.73 3.23
C ALA B 168 -2.87 4.92 2.52
N GLY B 169 -2.56 3.73 3.03
CA GLY B 169 -1.56 2.85 2.43
C GLY B 169 -0.22 2.81 3.12
N LEU B 170 0.75 2.21 2.43
CA LEU B 170 2.09 2.07 2.95
C LEU B 170 2.81 3.39 2.85
N SER B 171 3.90 3.50 3.61
CA SER B 171 4.77 4.68 3.57
C SER B 171 5.23 4.87 2.13
N LEU B 172 5.31 6.14 1.72
CA LEU B 172 5.76 6.53 0.40
C LEU B 172 7.23 6.16 0.11
N TRP B 173 8.02 6.02 1.16
CA TRP B 173 9.45 5.86 1.04
C TRP B 173 9.80 4.37 0.83
N ASP B 174 10.21 4.07 -0.39
CA ASP B 174 10.53 2.72 -0.83
C ASP B 174 11.99 2.43 -0.57
N TRP B 175 12.28 2.14 0.70
CA TRP B 175 13.65 1.95 1.20
C TRP B 175 14.45 0.86 0.46
N GLY B 176 13.74 -0.16 -0.02
CA GLY B 176 14.37 -1.21 -0.76
C GLY B 176 14.96 -0.82 -2.09
N SER B 177 14.41 0.24 -2.70
CA SER B 177 14.91 0.75 -4.00
C SER B 177 15.68 2.05 -3.87
N LEU B 178 15.74 2.60 -2.65
CA LEU B 178 16.54 3.81 -2.39
C LEU B 178 17.97 3.45 -2.07
N PRO B 179 18.97 4.28 -2.40
CA PRO B 179 18.85 5.59 -3.08
C PRO B 179 18.74 5.52 -4.60
N ASN B 180 18.93 4.35 -5.18
CA ASN B 180 19.03 4.18 -6.63
C ASN B 180 17.84 4.64 -7.45
N TYR B 181 16.63 4.34 -6.96
CA TYR B 181 15.42 4.71 -7.68
C TYR B 181 14.78 5.98 -7.19
N LEU B 182 14.89 7.03 -8.00
CA LEU B 182 14.29 8.33 -7.70
C LEU B 182 12.90 8.35 -8.33
N ALA B 183 11.94 7.81 -7.59
CA ALA B 183 10.58 7.66 -8.05
C ALA B 183 9.94 9.02 -8.38
N PRO B 184 9.24 9.13 -9.51
CA PRO B 184 8.48 10.36 -9.83
C PRO B 184 7.60 10.81 -8.64
N ARG B 185 7.06 9.86 -7.90
CA ARG B 185 6.16 10.21 -6.78
C ARG B 185 6.83 11.06 -5.70
N TYR B 186 8.14 10.88 -5.50
CA TYR B 186 8.88 11.72 -4.56
C TYR B 186 8.79 13.18 -4.98
N THR B 187 8.89 13.42 -6.27
CA THR B 187 8.81 14.78 -6.82
C THR B 187 7.37 15.32 -6.71
N ASP B 188 6.40 14.47 -7.00
CA ASP B 188 5.01 14.88 -6.89
C ASP B 188 4.61 15.20 -5.46
N TYR B 189 5.20 14.48 -4.49
CA TYR B 189 5.02 14.76 -3.08
C TYR B 189 5.54 16.13 -2.73
N ALA B 190 6.72 16.46 -3.26
CA ALA B 190 7.31 17.79 -3.08
C ALA B 190 6.45 18.93 -3.69
N ARG B 191 5.88 18.65 -4.86
CA ARG B 191 5.01 19.59 -5.60
C ARG B 191 3.75 19.86 -4.76
N ILE B 192 3.16 18.79 -4.23
CA ILE B 192 1.96 18.91 -3.40
C ILE B 192 2.19 19.83 -2.22
N ASN B 193 3.25 19.54 -1.48
CA ASN B 193 3.57 20.33 -0.29
C ASN B 193 4.04 21.77 -0.61
N ALA B 194 4.86 21.91 -1.64
CA ALA B 194 5.33 23.25 -2.09
C ALA B 194 4.18 24.11 -2.57
N SER B 195 3.15 23.49 -3.16
CA SER B 195 1.96 24.21 -3.58
C SER B 195 1.25 24.97 -2.41
N LEU B 196 1.43 24.48 -1.19
CA LEU B 196 0.87 24.99 0.05
C LEU B 196 1.85 25.87 0.79
N GLY B 197 3.11 25.80 0.33
CA GLY B 197 4.03 26.67 1.06
C GLY B 197 4.76 25.91 2.16
N ILE B 198 4.44 24.61 2.28
CA ILE B 198 5.12 23.78 3.27
C ILE B 198 6.60 23.60 2.91
N ASN B 199 7.47 23.92 3.89
CA ASN B 199 8.90 23.95 3.58
C ASN B 199 9.71 22.96 4.43
N GLY B 200 9.00 21.95 4.97
CA GLY B 200 9.70 20.98 5.80
C GLY B 200 8.88 19.70 6.01
N THR B 201 9.59 18.58 6.14
CA THR B 201 8.90 17.33 6.38
C THR B 201 9.69 16.41 7.32
N VAL B 202 8.98 15.91 8.34
CA VAL B 202 9.54 14.83 9.13
C VAL B 202 9.02 13.49 8.61
N ILE B 203 9.89 12.68 8.02
CA ILE B 203 9.43 11.52 7.24
C ILE B 203 9.23 10.23 8.02
N ASN B 204 9.73 10.19 9.27
CA ASN B 204 9.72 8.97 10.06
C ASN B 204 9.05 9.07 11.42
N ASN B 205 8.54 7.92 11.86
CA ASN B 205 7.80 7.81 13.11
C ASN B 205 8.47 8.45 14.33
N VAL B 206 7.66 9.16 15.09
CA VAL B 206 8.08 9.75 16.36
C VAL B 206 8.45 8.64 17.39
N ASN B 207 7.78 7.48 17.26
CA ASN B 207 8.20 6.24 17.93
C ASN B 207 9.36 5.80 17.07
N ALA B 208 10.53 6.30 17.45
CA ALA B 208 11.62 6.37 16.54
C ALA B 208 12.54 5.18 16.48
N ASP B 209 12.95 4.91 15.26
CA ASP B 209 13.79 3.80 14.89
C ASP B 209 15.21 4.40 14.72
N PRO B 210 16.17 3.93 15.50
CA PRO B 210 17.54 4.47 15.42
C PRO B 210 18.25 4.19 14.09
N ARG B 211 17.73 3.28 13.25
CA ARG B 211 18.34 2.96 11.95
C ARG B 211 18.41 4.15 11.00
N VAL B 212 17.51 5.12 11.16
CA VAL B 212 17.49 6.28 10.27
C VAL B 212 18.81 7.08 10.35
N LEU B 213 19.54 6.96 11.45
CA LEU B 213 20.86 7.62 11.64
C LEU B 213 22.05 6.83 11.16
N SER B 214 21.82 5.64 10.61
CA SER B 214 22.91 4.84 10.09
C SER B 214 23.24 5.26 8.65
N ASP B 215 24.48 5.00 8.23
CA ASP B 215 24.88 5.29 6.84
C ASP B 215 23.94 4.64 5.84
N GLN B 216 23.58 3.37 6.09
CA GLN B 216 22.63 2.65 5.22
C GLN B 216 21.41 3.51 4.90
N PHE B 217 20.74 4.02 5.93
CA PHE B 217 19.53 4.84 5.74
C PHE B 217 19.78 6.29 5.43
N LEU B 218 20.88 6.87 5.92
CA LEU B 218 21.17 8.27 5.55
C LEU B 218 21.40 8.42 4.05
N GLN B 219 22.00 7.43 3.41
CA GLN B 219 22.17 7.45 1.95
C GLN B 219 20.81 7.46 1.26
N LYS B 220 19.85 6.70 1.81
CA LYS B 220 18.49 6.64 1.23
C LYS B 220 17.74 7.98 1.43
N ILE B 221 17.78 8.48 2.66
CA ILE B 221 17.13 9.73 3.03
C ILE B 221 17.69 10.95 2.26
N ALA B 222 18.99 10.94 2.00
CA ALA B 222 19.61 12.01 1.21
C ALA B 222 19.04 12.05 -0.22
N ALA B 223 18.74 10.91 -0.81
CA ALA B 223 18.13 10.87 -2.14
C ALA B 223 16.74 11.51 -2.06
N LEU B 224 16.05 11.28 -0.94
CA LEU B 224 14.75 11.96 -0.73
C LEU B 224 14.94 13.46 -0.55
N ALA B 225 15.92 13.84 0.27
CA ALA B 225 16.24 15.26 0.47
C ALA B 225 16.60 15.93 -0.86
N ASP B 226 17.39 15.27 -1.69
CA ASP B 226 17.72 15.77 -3.02
C ASP B 226 16.49 16.05 -3.88
N ALA B 227 15.53 15.14 -3.86
CA ALA B 227 14.29 15.33 -4.60
C ALA B 227 13.44 16.47 -4.08
N PHE B 228 13.44 16.67 -2.75
CA PHE B 228 12.63 17.68 -2.05
C PHE B 228 13.19 19.11 -2.15
N ARG B 229 14.52 19.19 -2.21
CA ARG B 229 15.29 20.45 -2.18
C ARG B 229 14.90 21.53 -3.19
N PRO B 230 14.77 21.23 -4.48
CA PRO B 230 14.36 22.29 -5.42
C PRO B 230 12.95 22.84 -5.14
N TYR B 231 12.17 22.09 -4.36
CA TYR B 231 10.85 22.53 -3.94
C TYR B 231 10.84 23.27 -2.64
N GLY B 232 12.03 23.57 -2.10
CA GLY B 232 12.16 24.32 -0.87
C GLY B 232 11.88 23.58 0.41
N ILE B 233 11.71 22.26 0.34
CA ILE B 233 11.38 21.44 1.49
C ILE B 233 12.61 20.83 2.12
N LYS B 234 12.86 21.19 3.39
CA LYS B 234 13.97 20.66 4.13
C LYS B 234 13.62 19.36 4.73
N MET B 235 14.64 18.55 4.91
CA MET B 235 14.49 17.21 5.53
C MET B 235 14.71 17.27 7.06
N TYR B 236 13.82 16.58 7.77
CA TYR B 236 13.91 16.41 9.21
C TYR B 236 13.67 14.95 9.58
N LEU B 237 14.18 14.57 10.74
CA LEU B 237 14.06 13.18 11.17
C LEU B 237 13.68 13.12 12.61
N SER B 238 12.74 12.22 12.93
CA SER B 238 12.48 11.89 14.33
C SER B 238 13.64 11.06 14.82
N ILE B 239 14.04 11.27 16.07
CA ILE B 239 15.15 10.53 16.65
C ILE B 239 14.74 9.80 17.92
N ASN B 240 15.49 8.74 18.20
CA ASN B 240 15.36 7.93 19.38
C ASN B 240 16.49 8.43 20.31
N PHE B 241 16.09 8.92 21.48
CA PHE B 241 17.03 9.52 22.44
C PHE B 241 18.12 8.54 22.94
N ASN B 242 17.79 7.25 22.93
CA ASN B 242 18.75 6.18 23.26
C ASN B 242 19.67 5.74 22.12
N SER B 243 19.78 6.53 21.04
CA SER B 243 20.59 6.13 19.88
C SER B 243 22.04 5.79 20.18
N PRO B 244 22.75 6.53 21.03
CA PRO B 244 24.14 6.17 21.35
C PRO B 244 24.27 4.72 21.89
N ARG B 245 23.29 4.27 22.64
CA ARG B 245 23.21 2.88 23.16
C ARG B 245 22.83 1.88 22.10
N ALA B 246 21.84 2.22 21.29
CA ALA B 246 21.31 1.35 20.21
C ALA B 246 22.37 1.02 19.15
N PHE B 247 23.27 1.97 18.90
CA PHE B 247 24.38 1.78 17.97
C PHE B 247 25.55 1.03 18.62
N GLY B 248 25.49 0.83 19.93
CA GLY B 248 26.52 0.11 20.65
C GLY B 248 27.78 0.89 20.88
N ASP B 249 27.66 2.22 20.92
CA ASP B 249 28.82 3.13 21.06
C ASP B 249 29.08 3.70 22.43
N VAL B 250 28.02 3.89 23.22
CA VAL B 250 28.09 4.37 24.62
C VAL B 250 27.13 3.55 25.46
N ASP B 251 27.45 3.39 26.74
CA ASP B 251 26.63 2.61 27.67
C ASP B 251 25.54 3.40 28.37
N THR B 252 25.31 4.61 27.92
CA THR B 252 24.22 5.40 28.47
C THR B 252 23.82 6.37 27.42
N ALA B 253 22.70 7.02 27.68
CA ALA B 253 22.22 8.11 26.79
C ALA B 253 22.06 9.43 27.54
N ASP B 254 22.53 9.44 28.77
CA ASP B 254 22.45 10.61 29.64
C ASP B 254 23.03 11.83 28.90
N PRO B 255 22.22 12.90 28.70
CA PRO B 255 22.65 14.09 27.95
C PRO B 255 23.82 14.88 28.60
N LEU B 256 24.06 14.70 29.90
CA LEU B 256 25.15 15.41 30.61
C LEU B 256 26.45 14.62 30.56
N ASP B 257 26.41 13.40 30.01
CA ASP B 257 27.61 12.61 29.88
C ASP B 257 28.38 13.11 28.63
N PRO B 258 29.64 13.52 28.78
CA PRO B 258 30.40 14.01 27.61
C PRO B 258 30.44 13.05 26.41
N ARG B 259 30.48 11.74 26.64
CA ARG B 259 30.49 10.78 25.52
C ARG B 259 29.22 10.88 24.67
N VAL B 260 28.08 11.07 25.34
CA VAL B 260 26.78 11.20 24.69
C VAL B 260 26.71 12.51 23.91
N GLN B 261 27.17 13.60 24.53
CA GLN B 261 27.21 14.89 23.84
C GLN B 261 28.04 14.78 22.55
N GLN B 262 29.15 14.07 22.65
CA GLN B 262 30.06 13.90 21.52
C GLN B 262 29.48 12.97 20.44
N TRP B 263 28.76 11.93 20.87
CA TRP B 263 28.13 10.98 19.92
C TRP B 263 27.16 11.74 18.98
N TRP B 264 26.33 12.60 19.57
CA TRP B 264 25.36 13.38 18.80
C TRP B 264 26.00 14.43 17.92
N LYS B 265 27.10 15.04 18.39
CA LYS B 265 27.80 16.01 17.57
C LYS B 265 28.45 15.30 16.38
N THR B 266 29.06 14.13 16.62
CA THR B 266 29.67 13.37 15.53
C THR B 266 28.60 12.86 14.53
N ARG B 267 27.45 12.46 15.07
CA ARG B 267 26.34 11.98 14.24
C ARG B 267 25.74 13.11 13.40
N ALA B 268 25.63 14.30 13.99
CA ALA B 268 25.17 15.49 13.27
C ALA B 268 26.08 15.78 12.09
N GLN B 269 27.40 15.70 12.31
CA GLN B 269 28.39 15.90 11.25
C GLN B 269 28.12 14.91 10.10
N LYS B 270 27.91 13.65 10.48
CA LYS B 270 27.62 12.62 9.49
C LYS B 270 26.35 13.01 8.70
N ILE B 271 25.30 13.38 9.40
CA ILE B 271 24.04 13.76 8.74
C ILE B 271 24.24 14.89 7.73
N TYR B 272 24.98 15.92 8.15
CA TYR B 272 25.17 17.10 7.31
C TYR B 272 26.12 16.85 6.13
N SER B 273 26.95 15.82 6.23
CA SER B 273 27.82 15.41 5.11
C SER B 273 26.97 14.84 3.99
N TYR B 274 25.85 14.22 4.35
CA TYR B 274 24.91 13.68 3.36
C TYR B 274 23.87 14.72 2.91
N ILE B 275 23.41 15.52 3.87
CA ILE B 275 22.34 16.49 3.65
C ILE B 275 22.81 17.83 4.25
N PRO B 276 23.48 18.70 3.48
CA PRO B 276 24.05 19.93 4.05
C PRO B 276 23.05 21.00 4.50
N ASP B 277 21.79 20.86 4.11
CA ASP B 277 20.75 21.78 4.58
C ASP B 277 19.67 21.06 5.44
N PHE B 278 20.07 19.97 6.11
CA PHE B 278 19.19 19.17 6.96
C PHE B 278 18.55 20.11 7.94
N GLY B 279 17.22 20.00 8.07
CA GLY B 279 16.50 20.91 8.95
C GLY B 279 16.69 20.69 10.43
N GLY B 280 16.77 19.41 10.84
CA GLY B 280 16.85 19.07 12.25
C GLY B 280 16.08 17.86 12.72
N PHE B 281 15.77 17.86 14.00
CA PHE B 281 15.17 16.71 14.67
C PHE B 281 13.79 16.94 15.28
N LEU B 282 12.95 15.92 15.16
CA LEU B 282 11.66 15.84 15.87
C LEU B 282 11.88 14.84 16.99
N VAL B 283 11.46 15.15 18.23
CA VAL B 283 11.72 14.25 19.35
C VAL B 283 10.51 13.94 20.20
N LYS B 284 10.14 12.66 20.21
CA LYS B 284 9.22 12.11 21.27
C LYS B 284 10.03 11.39 22.38
N ALA B 285 10.02 12.00 23.59
CA ALA B 285 10.81 11.44 24.68
C ALA B 285 10.01 11.40 25.96
N ASP B 286 10.25 10.34 26.75
CA ASP B 286 9.69 10.10 28.06
C ASP B 286 8.17 10.14 27.99
N SER B 287 7.69 9.47 26.95
CA SER B 287 6.29 9.45 26.63
C SER B 287 5.92 8.12 26.04
N GLU B 288 4.90 7.50 26.62
CA GLU B 288 4.37 6.23 26.10
C GLU B 288 5.42 5.13 25.92
N GLY B 289 6.36 5.09 26.87
CA GLY B 289 7.48 4.17 26.82
C GLY B 289 8.64 4.55 25.91
N GLN B 290 8.63 5.72 25.25
CA GLN B 290 9.76 6.11 24.40
C GLN B 290 10.89 6.64 25.29
N PRO B 291 12.16 6.38 24.94
CA PRO B 291 13.30 6.81 25.77
C PRO B 291 13.43 8.33 25.88
N GLY B 292 14.08 8.77 26.95
CA GLY B 292 14.36 10.17 27.12
C GLY B 292 15.25 10.54 28.31
N PRO B 293 15.51 11.83 28.45
CA PRO B 293 16.37 12.35 29.54
C PRO B 293 15.91 11.92 30.97
N GLN B 294 14.60 11.90 31.20
CA GLN B 294 14.04 11.48 32.51
C GLN B 294 14.42 10.03 32.85
N GLY B 295 14.68 9.20 31.83
CA GLY B 295 15.25 7.87 32.02
C GLY B 295 16.65 7.86 32.65
N TYR B 296 17.26 9.03 32.71
CA TYR B 296 18.62 9.20 33.23
C TYR B 296 18.58 10.20 34.37
N GLY B 297 17.38 10.47 34.87
CA GLY B 297 17.11 11.45 35.90
C GLY B 297 17.43 12.86 35.49
N ARG B 298 17.40 13.19 34.21
CA ARG B 298 17.64 14.55 33.68
C ARG B 298 16.34 15.18 33.21
N ASP B 299 16.32 16.48 32.96
CA ASP B 299 15.06 17.11 32.47
C ASP B 299 15.07 17.32 30.95
N HIS B 300 13.93 17.77 30.46
CA HIS B 300 13.72 17.95 29.01
C HIS B 300 14.53 19.08 28.41
N ALA B 301 14.79 20.13 29.19
CA ALA B 301 15.74 21.19 28.73
C ALA B 301 17.15 20.61 28.53
N GLU B 302 17.62 19.84 29.50
CA GLU B 302 18.94 19.20 29.44
C GLU B 302 19.03 18.26 28.25
N GLY B 303 17.94 17.54 27.98
CA GLY B 303 17.97 16.62 26.85
C GLY B 303 17.91 17.36 25.51
N ALA B 304 16.99 18.28 25.42
CA ALA B 304 16.79 19.06 24.21
C ALA B 304 18.02 19.92 23.86
N ASN B 305 18.60 20.56 24.86
CA ASN B 305 19.77 21.42 24.60
C ASN B 305 21.02 20.69 24.12
N MET B 306 21.20 19.46 24.61
CA MET B 306 22.33 18.64 24.19
C MET B 306 22.17 18.31 22.70
N LEU B 307 20.98 17.90 22.26
CA LEU B 307 20.72 17.70 20.82
C LEU B 307 20.87 19.02 20.04
N ALA B 308 20.35 20.10 20.60
CA ALA B 308 20.45 21.41 19.98
C ALA B 308 21.92 21.89 19.84
N ALA B 309 22.75 21.64 20.85
CA ALA B 309 24.22 21.95 20.76
C ALA B 309 24.89 21.22 19.56
N ALA B 310 24.50 19.97 19.33
CA ALA B 310 24.97 19.18 18.18
C ALA B 310 24.54 19.76 16.84
N LEU B 311 23.32 20.31 16.76
CA LEU B 311 22.80 20.87 15.51
C LEU B 311 23.17 22.33 15.23
N LYS B 312 23.42 23.07 16.28
CA LYS B 312 23.72 24.52 16.18
C LYS B 312 24.76 24.98 15.15
N PRO B 313 25.93 24.35 15.04
CA PRO B 313 26.91 24.80 14.06
C PRO B 313 26.45 24.59 12.63
N PHE B 314 25.46 23.73 12.39
CA PHE B 314 24.95 23.47 11.06
C PHE B 314 23.63 24.20 10.77
N GLY B 315 23.11 24.97 11.71
CA GLY B 315 21.87 25.69 11.52
C GLY B 315 20.63 24.85 11.77
N GLY B 316 20.80 23.68 12.37
CA GLY B 316 19.63 22.80 12.50
C GLY B 316 18.85 23.14 13.76
N VAL B 317 17.59 22.65 13.90
CA VAL B 317 16.80 22.96 15.08
C VAL B 317 16.23 21.69 15.71
N VAL B 318 15.77 21.79 16.96
CA VAL B 318 15.13 20.66 17.57
C VAL B 318 13.65 20.97 17.85
N PHE B 319 12.79 20.17 17.25
CA PHE B 319 11.37 20.21 17.49
C PHE B 319 11.17 19.19 18.63
N TRP B 320 11.00 19.69 19.83
CA TRP B 320 10.87 18.85 21.02
C TRP B 320 9.42 18.77 21.38
N ARG B 321 8.85 17.58 21.35
CA ARG B 321 7.41 17.47 21.59
C ARG B 321 7.06 17.57 23.08
N ALA B 322 5.97 18.31 23.36
CA ALA B 322 5.52 18.43 24.75
C ALA B 322 4.44 17.40 25.09
N PHE B 323 4.17 16.51 24.11
CA PHE B 323 3.19 15.44 24.35
C PHE B 323 3.72 14.44 25.39
N VAL B 324 3.77 14.90 26.65
CA VAL B 324 4.25 14.04 27.71
C VAL B 324 3.29 14.04 28.91
N TYR B 325 3.12 12.83 29.49
CA TYR B 325 2.29 12.72 30.66
C TYR B 325 2.53 11.39 31.38
N HIS B 326 2.69 11.47 32.71
CA HIS B 326 2.98 10.23 33.42
C HIS B 326 1.77 9.73 34.20
N PRO B 327 1.70 8.38 34.24
CA PRO B 327 0.49 7.68 34.65
C PRO B 327 -0.01 7.95 36.08
N ASP B 328 0.88 8.49 36.95
CA ASP B 328 0.48 8.59 38.37
C ASP B 328 0.15 10.02 38.81
N ILE B 329 -0.05 10.92 37.84
CA ILE B 329 -0.61 12.24 38.15
C ILE B 329 -2.10 12.13 38.38
N GLU B 330 -2.64 13.10 39.09
CA GLU B 330 -4.07 13.13 39.37
C GLU B 330 -4.91 13.29 38.09
N ASP B 331 -4.45 14.14 37.20
CA ASP B 331 -5.26 14.53 36.05
C ASP B 331 -4.38 14.73 34.82
N ARG B 332 -4.48 13.83 33.84
CA ARG B 332 -3.70 13.92 32.59
C ARG B 332 -3.84 15.27 31.89
N PHE B 333 -5.02 15.88 31.99
CA PHE B 333 -5.24 17.25 31.49
C PHE B 333 -4.14 18.23 31.93
N ARG B 334 -3.65 18.10 33.16
CA ARG B 334 -2.64 18.99 33.73
C ARG B 334 -1.20 18.68 33.36
N GLY B 335 -0.97 17.49 32.84
CA GLY B 335 0.34 16.94 32.56
C GLY B 335 1.39 17.78 31.89
N ALA B 336 1.14 18.13 30.63
CA ALA B 336 2.15 18.87 29.82
C ALA B 336 2.52 20.22 30.46
N TYR B 337 1.51 20.99 30.90
CA TYR B 337 1.74 22.28 31.53
C TYR B 337 2.59 22.10 32.79
N ASP B 338 2.27 21.13 33.64
CA ASP B 338 3.10 20.91 34.85
C ASP B 338 4.53 20.40 34.55
N GLU B 339 4.69 19.67 33.46
CA GLU B 339 6.01 19.23 33.00
C GLU B 339 6.89 20.36 32.50
N PHE B 340 6.31 21.26 31.69
CA PHE B 340 7.13 22.24 30.97
C PHE B 340 7.19 23.64 31.54
N MET B 341 6.17 24.08 32.24
CA MET B 341 6.24 25.41 32.85
C MET B 341 7.49 25.71 33.67
N PRO B 342 7.96 24.82 34.54
CA PRO B 342 9.23 25.08 35.27
C PRO B 342 10.50 25.21 34.39
N LEU B 343 10.41 24.82 33.11
CA LEU B 343 11.53 24.86 32.17
C LEU B 343 11.47 26.03 31.22
N ASP B 344 10.48 26.89 31.42
CA ASP B 344 10.31 28.05 30.54
C ASP B 344 11.57 28.91 30.65
N GLY B 345 12.17 29.23 29.52
CA GLY B 345 13.43 29.97 29.45
C GLY B 345 14.69 29.15 29.58
N LYS B 346 14.57 27.85 29.82
CA LYS B 346 15.77 26.98 29.96
C LYS B 346 16.16 26.29 28.67
N PHE B 347 15.39 26.51 27.61
CA PHE B 347 15.68 25.84 26.33
C PHE B 347 16.54 26.76 25.51
N ALA B 348 17.45 26.17 24.76
CA ALA B 348 18.29 26.90 23.83
C ALA B 348 17.42 27.50 22.69
N ASP B 349 17.96 28.56 22.06
CA ASP B 349 17.28 29.34 21.01
C ASP B 349 16.89 28.53 19.74
N ASN B 350 17.55 27.39 19.52
CA ASN B 350 17.27 26.50 18.42
C ASN B 350 16.48 25.27 18.83
N VAL B 351 15.82 25.35 19.99
CA VAL B 351 14.84 24.38 20.43
C VAL B 351 13.47 25.06 20.32
N ILE B 352 12.54 24.35 19.70
CA ILE B 352 11.11 24.73 19.63
C ILE B 352 10.26 23.62 20.27
N LEU B 353 9.37 24.02 21.19
CA LEU B 353 8.50 23.06 21.86
C LEU B 353 7.27 22.83 20.98
N GLN B 354 7.08 21.59 20.54
CA GLN B 354 5.98 21.21 19.64
C GLN B 354 4.83 20.66 20.45
N ILE B 355 3.76 21.43 20.43
CA ILE B 355 2.62 21.24 21.29
C ILE B 355 1.35 20.95 20.51
N LYS B 356 0.69 19.86 20.90
CA LYS B 356 -0.63 19.55 20.33
C LYS B 356 -1.67 20.66 20.62
N ASN B 357 -2.69 20.78 19.80
CA ASN B 357 -3.69 21.84 19.99
C ASN B 357 -4.40 21.84 21.37
N GLY B 358 -4.53 20.67 21.95
CA GLY B 358 -5.15 20.49 23.24
C GLY B 358 -4.31 19.58 24.11
N PRO B 359 -4.65 19.51 25.42
CA PRO B 359 -3.86 18.77 26.40
C PRO B 359 -3.99 17.28 26.46
N ILE B 360 -4.96 16.68 25.74
CA ILE B 360 -5.13 15.23 25.78
C ILE B 360 -4.49 14.58 24.55
N ASP B 361 -5.24 14.35 23.48
CA ASP B 361 -4.69 13.69 22.32
C ASP B 361 -5.64 13.80 21.14
N PHE B 362 -5.65 14.97 20.51
CA PHE B 362 -6.30 15.19 19.23
C PHE B 362 -7.76 14.80 19.19
N GLN B 363 -8.42 14.88 20.33
CA GLN B 363 -9.86 14.48 20.44
C GLN B 363 -10.76 15.46 19.63
N PRO B 364 -11.95 15.02 19.19
CA PRO B 364 -12.74 15.84 18.26
C PRO B 364 -12.97 17.30 18.66
N ARG B 365 -13.04 17.57 19.96
CA ARG B 365 -12.91 18.94 20.46
C ARG B 365 -12.14 18.88 21.78
N GLU B 366 -11.11 19.72 21.88
CA GLU B 366 -10.36 19.90 23.11
C GLU B 366 -10.19 21.42 23.32
N PRO B 367 -10.17 21.85 24.56
CA PRO B 367 -9.83 23.23 24.82
C PRO B 367 -8.32 23.42 24.48
N PHE B 368 -7.89 24.65 24.30
CA PHE B 368 -6.50 24.91 23.92
C PHE B 368 -5.52 24.46 24.98
N SER B 369 -4.36 23.99 24.54
CA SER B 369 -3.27 23.60 25.42
C SER B 369 -2.81 24.83 26.24
N ALA B 370 -2.90 24.72 27.57
CA ALA B 370 -2.55 25.83 28.47
C ALA B 370 -1.12 26.31 28.26
N LEU B 371 -0.24 25.40 27.85
CA LEU B 371 1.17 25.78 27.58
C LEU B 371 1.30 26.94 26.59
N PHE B 372 0.41 27.03 25.60
CA PHE B 372 0.48 28.15 24.62
C PHE B 372 0.34 29.51 25.29
N ALA B 373 -0.48 29.62 26.33
CA ALA B 373 -0.66 30.92 27.02
C ALA B 373 0.28 31.13 28.20
N GLY B 374 1.01 30.09 28.60
CA GLY B 374 1.86 30.16 29.78
C GLY B 374 3.33 30.28 29.50
N MET B 375 3.84 29.71 28.41
CA MET B 375 5.28 29.76 28.14
C MET B 375 5.61 31.05 27.43
N SER B 376 6.38 31.92 28.09
CA SER B 376 6.71 33.24 27.57
C SER B 376 8.15 33.46 27.11
N ARG B 377 9.02 32.47 27.36
CA ARG B 377 10.45 32.58 27.08
C ARG B 377 10.97 31.35 26.35
N THR B 378 10.07 30.65 25.66
CA THR B 378 10.40 29.44 24.94
C THR B 378 9.76 29.48 23.55
N ASN B 379 10.49 29.03 22.54
CA ASN B 379 9.92 28.93 21.21
C ASN B 379 8.85 27.83 21.21
N MET B 380 7.72 28.08 20.57
CA MET B 380 6.64 27.10 20.55
C MET B 380 6.17 26.90 19.12
N MET B 381 5.61 25.72 18.86
CA MET B 381 4.95 25.46 17.59
C MET B 381 3.77 24.53 17.83
N MET B 382 2.82 24.59 16.93
CA MET B 382 1.58 23.79 16.99
C MET B 382 1.73 22.45 16.31
N GLU B 383 1.10 21.42 16.91
CA GLU B 383 0.94 20.13 16.28
C GLU B 383 -0.53 19.82 16.09
N PHE B 384 -0.95 19.70 14.84
CA PHE B 384 -2.33 19.39 14.45
C PHE B 384 -2.30 18.02 13.79
N GLN B 385 -3.44 17.33 13.85
CA GLN B 385 -3.59 16.01 13.24
C GLN B 385 -4.53 16.10 12.01
N ILE B 386 -4.09 15.56 10.89
CA ILE B 386 -4.84 15.53 9.66
C ILE B 386 -5.38 14.14 9.44
N THR B 387 -4.50 13.15 9.60
CA THR B 387 -4.90 11.77 9.52
C THR B 387 -6.00 11.56 10.53
N GLN B 388 -7.02 10.79 10.17
CA GLN B 388 -8.21 10.69 11.01
C GLN B 388 -8.18 9.60 12.06
N GLU B 389 -7.21 9.69 12.95
CA GLU B 389 -7.12 8.73 14.04
C GLU B 389 -8.41 8.69 14.83
N TYR B 390 -8.98 9.87 15.03
CA TYR B 390 -10.13 10.05 15.89
C TYR B 390 -11.36 10.53 15.14
N PHE B 391 -11.25 10.66 13.80
CA PHE B 391 -12.34 11.12 12.95
C PHE B 391 -12.76 10.08 11.91
N GLY B 392 -12.44 8.79 12.16
CA GLY B 392 -12.94 7.68 11.40
C GLY B 392 -12.08 7.13 10.27
N PHE B 393 -10.77 7.27 10.41
CA PHE B 393 -9.81 6.55 9.56
C PHE B 393 -9.98 7.01 8.12
N ALA B 394 -10.20 6.10 7.16
CA ALA B 394 -10.41 6.46 5.76
C ALA B 394 -11.86 6.26 5.28
N THR B 395 -12.77 6.05 6.20
CA THR B 395 -14.16 5.80 5.83
C THR B 395 -15.11 6.94 6.19
N HIS B 396 -14.73 7.86 7.06
CA HIS B 396 -15.62 8.97 7.43
C HIS B 396 -15.15 10.27 6.79
N LEU B 397 -16.10 11.06 6.33
CA LEU B 397 -15.85 12.38 5.76
C LEU B 397 -15.75 13.37 6.92
N ALA B 398 -14.56 13.98 7.10
CA ALA B 398 -14.34 14.89 8.24
C ALA B 398 -13.30 15.96 7.93
N TYR B 399 -13.74 17.01 7.22
CA TYR B 399 -12.90 18.15 6.88
C TYR B 399 -12.42 18.78 8.16
N GLN B 400 -11.11 18.88 8.33
CA GLN B 400 -10.55 19.38 9.59
C GLN B 400 -10.33 20.90 9.67
N GLY B 401 -10.55 21.58 8.54
CA GLY B 401 -10.49 23.03 8.50
C GLY B 401 -11.10 23.75 9.71
N PRO B 402 -12.35 23.42 10.07
CA PRO B 402 -12.99 24.05 11.22
C PRO B 402 -12.32 23.82 12.57
N LEU B 403 -11.71 22.66 12.80
CA LEU B 403 -10.94 22.38 14.00
C LEU B 403 -9.70 23.27 14.11
N PHE B 404 -8.97 23.35 13.00
CA PHE B 404 -7.75 24.16 12.95
C PHE B 404 -8.10 25.63 13.12
N GLU B 405 -9.10 26.12 12.39
CA GLU B 405 -9.54 27.51 12.53
C GLU B 405 -9.99 27.81 13.99
N GLU B 406 -10.79 26.92 14.56
CA GLU B 406 -11.30 27.11 15.89
C GLU B 406 -10.15 27.30 16.88
N SER B 407 -9.15 26.43 16.75
CA SER B 407 -7.94 26.50 17.55
C SER B 407 -7.19 27.82 17.34
N LEU B 408 -6.86 28.12 16.09
CA LEU B 408 -6.04 29.29 15.75
C LEU B 408 -6.71 30.63 16.09
N LYS B 409 -8.04 30.69 16.00
CA LYS B 409 -8.74 31.92 16.40
C LYS B 409 -9.14 31.96 17.88
N THR B 410 -8.73 30.98 18.69
CA THR B 410 -9.10 30.94 20.10
C THR B 410 -8.40 32.04 20.85
N GLU B 411 -9.19 32.90 21.48
CA GLU B 411 -8.67 33.92 22.39
C GLU B 411 -8.23 33.26 23.69
N THR B 412 -6.95 33.45 24.03
CA THR B 412 -6.38 32.95 25.29
C THR B 412 -6.30 34.01 26.42
N HIS B 413 -6.30 35.31 26.08
CA HIS B 413 -6.12 36.43 27.01
C HIS B 413 -4.76 36.41 27.72
N ALA B 414 -3.76 35.81 27.08
CA ALA B 414 -2.43 35.63 27.68
C ALA B 414 -1.80 36.98 28.00
N ARG B 415 -1.92 37.91 27.08
CA ARG B 415 -1.35 39.27 27.25
C ARG B 415 -2.29 40.24 26.53
N GLY B 416 -3.44 40.45 27.13
CA GLY B 416 -4.45 41.32 26.55
C GLY B 416 -5.31 40.61 25.51
N GLU B 417 -6.30 41.34 25.00
CA GLU B 417 -7.10 40.87 23.86
C GLU B 417 -6.25 40.76 22.63
N GLY B 418 -6.58 39.80 21.78
CA GLY B 418 -5.82 39.54 20.59
C GLY B 418 -4.72 38.52 20.86
N SER B 419 -4.69 37.90 22.04
CA SER B 419 -3.74 36.82 22.36
C SER B 419 -4.34 35.49 21.82
N THR B 420 -4.64 35.47 20.54
CA THR B 420 -5.12 34.24 19.92
C THR B 420 -3.93 33.24 19.80
N ILE B 421 -4.30 31.97 19.70
CA ILE B 421 -3.33 30.93 19.48
C ILE B 421 -2.51 31.27 18.26
N GLY B 422 -3.20 31.71 17.21
CA GLY B 422 -2.53 32.13 15.97
C GLY B 422 -1.50 33.23 16.20
N ASN B 423 -1.89 34.23 16.96
CA ASN B 423 -0.99 35.37 17.27
C ASN B 423 0.17 34.96 18.16
N ILE B 424 -0.08 34.01 19.07
CA ILE B 424 0.98 33.44 19.90
C ILE B 424 1.95 32.68 18.99
N LEU B 425 1.41 31.81 18.14
CA LEU B 425 2.26 31.05 17.21
C LEU B 425 3.09 31.97 16.34
N GLU B 426 2.51 33.07 15.88
CA GLU B 426 3.27 33.99 15.05
C GLU B 426 4.49 34.65 15.78
N GLY B 427 4.49 34.62 17.11
CA GLY B 427 5.57 35.17 17.91
C GLY B 427 5.31 36.61 18.35
N LYS B 428 4.17 37.19 18.00
CA LYS B 428 3.82 38.58 18.39
C LYS B 428 3.45 38.78 19.85
N VAL B 429 3.01 37.71 20.51
CA VAL B 429 2.47 37.86 21.87
C VAL B 429 3.64 37.85 22.84
N PHE B 430 4.50 36.85 22.71
CA PHE B 430 5.63 36.64 23.61
C PHE B 430 6.96 37.04 23.10
N LYS B 431 7.04 37.43 21.82
CA LYS B 431 8.29 37.86 21.15
C LYS B 431 9.30 36.74 21.07
N THR B 432 8.99 35.70 20.31
CA THR B 432 9.90 34.56 20.16
C THR B 432 10.51 34.47 18.77
N ARG B 433 11.58 33.68 18.70
CA ARG B 433 12.51 33.61 17.57
C ARG B 433 12.19 32.66 16.45
N HIS B 434 11.62 31.55 16.81
CA HIS B 434 11.38 30.48 15.89
C HIS B 434 9.93 30.11 16.05
N THR B 435 9.20 30.06 14.94
CA THR B 435 7.77 29.79 14.95
C THR B 435 7.39 28.71 13.95
N GLY B 436 6.23 28.11 14.17
CA GLY B 436 5.84 27.06 13.27
C GLY B 436 4.56 26.35 13.60
N MET B 437 4.27 25.42 12.72
CA MET B 437 3.10 24.55 12.77
C MET B 437 3.45 23.25 12.05
N ALA B 438 3.15 22.12 12.71
CA ALA B 438 3.39 20.79 12.18
C ALA B 438 2.05 20.07 11.98
N GLY B 439 1.94 19.29 10.93
CA GLY B 439 0.72 18.61 10.59
C GLY B 439 0.93 17.13 10.34
N VAL B 440 0.28 16.30 11.17
CA VAL B 440 0.45 14.86 11.07
C VAL B 440 -0.47 14.39 9.96
N ILE B 441 0.09 14.20 8.77
CA ILE B 441 -0.73 13.89 7.59
C ILE B 441 -0.90 12.42 7.32
N ASN B 442 0.15 11.65 7.56
CA ASN B 442 0.17 10.20 7.36
C ASN B 442 -0.44 9.67 6.05
N PRO B 443 -0.06 10.24 4.92
CA PRO B 443 -0.54 9.70 3.64
C PRO B 443 0.22 8.43 3.30
N GLY B 444 -0.22 7.76 2.24
CA GLY B 444 0.44 6.55 1.82
C GLY B 444 0.37 6.32 0.33
N THR B 445 0.69 5.09 -0.07
CA THR B 445 0.77 4.68 -1.48
C THR B 445 -0.57 4.53 -2.20
N ASP B 446 -1.69 4.69 -1.48
CA ASP B 446 -2.99 4.68 -2.15
C ASP B 446 -2.92 5.73 -3.26
N ARG B 447 -3.58 5.42 -4.37
CA ARG B 447 -3.52 6.28 -5.57
C ARG B 447 -3.86 7.75 -5.31
N ASN B 448 -4.82 8.00 -4.44
CA ASN B 448 -5.22 9.37 -4.09
C ASN B 448 -4.51 9.91 -2.84
N TRP B 449 -3.42 9.24 -2.39
CA TRP B 449 -2.55 9.67 -1.27
C TRP B 449 -3.14 9.66 0.16
N THR B 450 -4.46 9.90 0.31
CA THR B 450 -5.10 10.05 1.60
C THR B 450 -6.18 9.02 1.92
N GLY B 451 -6.52 8.15 0.96
CA GLY B 451 -7.48 7.10 1.21
C GLY B 451 -8.83 7.67 0.93
N HIS B 452 -9.37 8.39 1.91
CA HIS B 452 -10.63 9.10 1.76
C HIS B 452 -10.34 10.37 0.96
N PRO B 453 -11.03 10.63 -0.14
CA PRO B 453 -10.76 11.84 -0.92
C PRO B 453 -10.75 13.17 -0.14
N PHE B 454 -11.64 13.32 0.84
CA PHE B 454 -11.80 14.53 1.65
C PHE B 454 -10.69 14.77 2.66
N VAL B 455 -9.87 13.74 2.96
CA VAL B 455 -8.69 13.95 3.81
C VAL B 455 -7.70 14.93 3.11
N GLN B 456 -7.71 14.93 1.77
CA GLN B 456 -6.95 15.89 0.99
C GLN B 456 -7.33 17.34 1.37
N SER B 457 -8.60 17.58 1.66
CA SER B 457 -9.09 18.91 2.06
C SER B 457 -8.50 19.38 3.39
N SER B 458 -8.29 18.43 4.28
CA SER B 458 -7.68 18.70 5.59
C SER B 458 -6.19 19.00 5.47
N TRP B 459 -5.49 18.26 4.62
CA TRP B 459 -4.05 18.54 4.31
C TRP B 459 -3.97 19.95 3.68
N TYR B 460 -4.90 20.22 2.77
CA TYR B 460 -4.93 21.50 2.07
C TYR B 460 -5.12 22.66 3.05
N ALA B 461 -6.08 22.54 3.93
CA ALA B 461 -6.39 23.59 4.91
C ALA B 461 -5.25 23.82 5.85
N PHE B 462 -4.63 22.72 6.30
CA PHE B 462 -3.51 22.79 7.20
C PHE B 462 -2.41 23.65 6.57
N GLY B 463 -2.04 23.35 5.32
CA GLY B 463 -0.97 24.06 4.67
C GLY B 463 -1.28 25.53 4.45
N ARG B 464 -2.51 25.85 4.06
CA ARG B 464 -2.94 27.24 3.86
C ARG B 464 -2.89 28.00 5.19
N MET B 465 -3.35 27.35 6.26
CA MET B 465 -3.34 27.93 7.61
C MET B 465 -1.93 28.05 8.20
N ALA B 466 -0.99 27.19 7.80
CA ALA B 466 0.42 27.31 8.18
C ALA B 466 1.06 28.54 7.52
N TRP B 467 0.59 28.87 6.31
CA TRP B 467 1.03 30.07 5.61
C TRP B 467 0.41 31.32 6.24
N ASP B 468 -0.91 31.29 6.40
CA ASP B 468 -1.64 32.39 7.04
C ASP B 468 -2.65 31.85 8.00
N HIS B 469 -2.36 32.01 9.30
CA HIS B 469 -3.20 31.42 10.37
C HIS B 469 -4.58 32.01 10.58
N GLN B 470 -4.88 33.12 9.91
CA GLN B 470 -6.19 33.72 9.94
C GLN B 470 -7.06 33.23 8.77
N ILE B 471 -6.52 32.38 7.88
CA ILE B 471 -7.32 31.89 6.76
C ILE B 471 -8.45 31.04 7.35
N SER B 472 -9.65 31.21 6.83
CA SER B 472 -10.80 30.51 7.37
C SER B 472 -10.93 29.12 6.77
N ALA B 473 -11.63 28.27 7.48
CA ALA B 473 -11.94 26.92 6.95
C ALA B 473 -12.81 27.05 5.70
N ALA B 474 -13.69 28.04 5.73
CA ALA B 474 -14.58 28.31 4.59
C ALA B 474 -13.79 28.69 3.34
N THR B 475 -12.82 29.60 3.49
CA THR B 475 -11.97 30.02 2.37
C THR B 475 -11.13 28.85 1.82
N ALA B 476 -10.54 28.05 2.71
CA ALA B 476 -9.70 26.95 2.27
C ALA B 476 -10.58 25.90 1.54
N ALA B 477 -11.82 25.69 2.00
CA ALA B 477 -12.72 24.72 1.35
C ALA B 477 -13.17 25.24 -0.02
N ASP B 478 -13.40 26.54 -0.10
CA ASP B 478 -13.79 27.13 -1.38
C ASP B 478 -12.70 26.92 -2.43
N GLU B 479 -11.46 27.26 -2.07
CA GLU B 479 -10.33 27.02 -2.95
C GLU B 479 -10.17 25.54 -3.33
N TRP B 480 -10.20 24.67 -2.34
CA TRP B 480 -9.99 23.23 -2.57
C TRP B 480 -11.04 22.59 -3.48
N LEU B 481 -12.30 22.95 -3.24
CA LEU B 481 -13.38 22.39 -4.07
C LEU B 481 -13.24 22.79 -5.54
N ARG B 482 -12.88 24.02 -5.73
CA ARG B 482 -12.67 24.55 -7.06
C ARG B 482 -11.51 23.88 -7.73
N MET B 483 -10.42 23.70 -7.00
CA MET B 483 -9.22 23.05 -7.55
C MET B 483 -9.42 21.55 -7.77
N THR B 484 -10.25 20.89 -6.94
CA THR B 484 -10.37 19.44 -6.92
C THR B 484 -11.51 18.90 -7.71
N PHE B 485 -12.62 19.63 -7.71
CA PHE B 485 -13.84 19.13 -8.31
C PHE B 485 -14.50 20.01 -9.39
N SER B 486 -14.87 21.21 -9.04
CA SER B 486 -15.65 22.05 -9.92
C SER B 486 -15.71 23.48 -9.48
N ASN B 487 -15.89 24.34 -10.46
CA ASN B 487 -16.09 25.76 -10.23
C ASN B 487 -17.55 26.18 -10.32
N GLN B 488 -18.45 25.22 -10.45
CA GLN B 488 -19.88 25.52 -10.51
C GLN B 488 -20.41 26.02 -9.15
N PRO B 489 -20.94 27.26 -9.08
CA PRO B 489 -21.43 27.81 -7.79
C PRO B 489 -22.51 26.94 -7.17
N ALA B 490 -23.35 26.31 -7.99
CA ALA B 490 -24.38 25.44 -7.43
C ALA B 490 -23.85 24.18 -6.72
N PHE B 491 -22.63 23.76 -7.08
CA PHE B 491 -21.89 22.68 -6.43
C PHE B 491 -21.11 23.21 -5.22
N ILE B 492 -20.43 24.33 -5.39
CA ILE B 492 -19.54 24.82 -4.35
C ILE B 492 -20.28 25.09 -3.03
N GLU B 493 -21.39 25.81 -3.11
CA GLU B 493 -22.11 26.19 -1.88
C GLU B 493 -22.52 25.02 -0.98
N PRO B 494 -23.32 24.09 -1.45
CA PRO B 494 -23.76 23.00 -0.58
C PRO B 494 -22.60 22.07 -0.17
N VAL B 495 -21.65 21.76 -1.04
CA VAL B 495 -20.53 20.88 -0.67
C VAL B 495 -19.60 21.61 0.32
N LYS B 496 -19.44 22.93 0.19
CA LYS B 496 -18.67 23.70 1.15
C LYS B 496 -19.34 23.64 2.54
N GLN B 497 -20.67 23.81 2.58
CA GLN B 497 -21.39 23.72 3.86
C GLN B 497 -21.36 22.31 4.47
N MET B 498 -21.46 21.27 3.65
CA MET B 498 -21.29 19.86 4.04
C MET B 498 -19.89 19.63 4.68
N MET B 499 -18.84 20.13 4.02
CA MET B 499 -17.48 20.06 4.57
C MET B 499 -17.46 20.76 5.91
N LEU B 500 -18.03 21.96 5.97
CA LEU B 500 -18.00 22.73 7.19
C LEU B 500 -18.74 22.11 8.37
N VAL B 501 -19.77 21.32 8.14
CA VAL B 501 -20.50 20.70 9.22
C VAL B 501 -19.93 19.33 9.64
N SER B 502 -19.13 18.72 8.74
CA SER B 502 -18.61 17.36 8.95
C SER B 502 -17.79 17.17 10.25
N ARG B 503 -16.97 18.15 10.62
CA ARG B 503 -16.22 18.06 11.86
C ARG B 503 -17.17 17.97 13.04
N GLU B 504 -18.14 18.87 13.06
CA GLU B 504 -19.08 18.97 14.15
C GLU B 504 -19.94 17.74 14.23
N ALA B 505 -20.26 17.18 13.07
CA ALA B 505 -20.99 15.91 13.03
C ALA B 505 -20.15 14.83 13.74
N GLY B 506 -18.83 14.79 13.49
CA GLY B 506 -17.97 13.82 14.13
C GLY B 506 -17.81 14.00 15.63
N VAL B 507 -17.97 15.23 16.09
CA VAL B 507 -18.04 15.50 17.53
C VAL B 507 -19.38 14.96 18.06
N ASN B 508 -20.49 15.27 17.36
CA ASN B 508 -21.83 14.94 17.86
C ASN B 508 -22.09 13.46 18.05
N TYR B 509 -21.72 12.62 17.06
CA TYR B 509 -21.98 11.18 17.21
C TYR B 509 -20.95 10.43 18.07
N ARG B 510 -19.86 11.08 18.52
CA ARG B 510 -18.85 10.43 19.35
C ARG B 510 -18.81 10.88 20.81
N SER B 511 -18.70 12.19 20.99
CA SER B 511 -18.47 12.76 22.32
C SER B 511 -18.78 14.24 22.37
N PRO B 512 -20.06 14.59 22.42
CA PRO B 512 -20.45 15.99 22.48
C PRO B 512 -20.35 16.57 23.89
N LEU B 513 -20.58 17.87 23.98
CA LEU B 513 -20.71 18.60 25.27
C LEU B 513 -19.52 18.59 26.17
N GLY B 514 -18.32 18.34 25.63
CA GLY B 514 -17.13 18.28 26.47
C GLY B 514 -16.75 16.87 26.89
N LEU B 515 -17.58 15.89 26.53
CA LEU B 515 -17.16 14.51 26.68
C LEU B 515 -16.00 14.30 25.73
N THR B 516 -15.23 13.25 26.03
CA THR B 516 -13.98 12.97 25.32
C THR B 516 -13.46 11.58 25.61
N HIS B 517 -12.63 11.09 24.67
CA HIS B 517 -11.88 9.86 24.88
C HIS B 517 -12.77 8.62 25.12
N LEU B 518 -13.81 8.50 24.28
CA LEU B 518 -14.75 7.37 24.35
C LEU B 518 -14.47 6.26 23.36
N TYR B 519 -13.27 6.23 22.83
CA TYR B 519 -12.87 5.28 21.78
C TYR B 519 -12.47 3.89 22.26
N SER B 520 -12.74 2.91 21.39
CA SER B 520 -12.14 1.60 21.48
C SER B 520 -10.63 1.76 21.57
N GLN B 521 -10.04 1.10 22.57
CA GLN B 521 -8.59 1.16 22.80
C GLN B 521 -7.94 -0.12 22.38
N GLY B 522 -6.77 -0.08 21.76
CA GLY B 522 -6.32 1.26 21.45
C GLY B 522 -6.21 1.49 19.94
N ASP B 523 -7.23 1.00 19.21
CA ASP B 523 -7.23 1.20 17.76
C ASP B 523 -7.88 2.54 17.40
N HIS B 524 -9.02 2.83 18.04
CA HIS B 524 -9.59 4.17 17.94
C HIS B 524 -10.64 4.30 16.84
N TYR B 525 -10.99 3.15 16.21
CA TYR B 525 -11.98 3.21 15.15
C TYR B 525 -13.39 3.43 15.68
N GLY B 526 -13.81 2.60 16.62
CA GLY B 526 -15.20 2.55 17.02
C GLY B 526 -15.46 2.98 18.44
N PRO B 527 -16.74 3.01 18.83
CA PRO B 527 -17.10 3.43 20.18
C PRO B 527 -16.72 2.41 21.24
N ALA B 528 -16.30 2.89 22.41
CA ALA B 528 -16.17 2.03 23.57
C ALA B 528 -16.19 2.90 24.88
N PRO B 529 -17.30 3.61 25.13
CA PRO B 529 -17.37 4.51 26.30
C PRO B 529 -17.30 3.80 27.69
N TRP B 530 -17.54 2.50 27.70
CA TRP B 530 -17.41 1.62 28.88
C TRP B 530 -15.95 1.25 29.25
N THR B 531 -14.99 1.53 28.38
CA THR B 531 -13.61 1.11 28.55
C THR B 531 -13.06 1.50 29.91
N ASP B 532 -12.64 0.47 30.67
CA ASP B 532 -11.90 0.69 31.90
C ASP B 532 -10.88 -0.43 32.08
N ASP B 533 -10.22 -0.41 33.26
CA ASP B 533 -9.31 -1.51 33.58
C ASP B 533 -8.23 -1.73 32.51
N LEU B 534 -7.51 -0.64 32.22
CA LEU B 534 -6.29 -0.76 31.44
C LEU B 534 -5.08 -0.53 32.34
N PRO B 535 -3.90 -1.01 31.88
CA PRO B 535 -2.67 -0.84 32.66
C PRO B 535 -2.54 0.57 33.24
N ARG B 536 -2.96 1.60 32.46
CA ARG B 536 -3.15 2.87 33.15
C ARG B 536 -4.52 3.51 32.85
N ALA B 537 -5.05 4.16 33.92
CA ALA B 537 -6.44 4.59 33.89
C ALA B 537 -6.68 5.73 32.91
N ASP B 538 -5.60 6.50 32.65
CA ASP B 538 -5.78 7.65 31.77
C ASP B 538 -5.85 7.23 30.31
N TRP B 539 -5.86 5.91 30.07
CA TRP B 539 -6.02 5.44 28.70
C TRP B 539 -7.42 4.89 28.47
N THR B 540 -8.21 4.92 29.56
CA THR B 540 -9.58 4.40 29.51
C THR B 540 -10.57 5.52 29.21
N ALA B 541 -11.84 5.15 29.10
CA ALA B 541 -12.92 6.08 28.82
C ALA B 541 -13.58 6.58 30.09
N VAL B 542 -13.78 5.70 31.09
CA VAL B 542 -14.43 6.09 32.34
C VAL B 542 -13.66 7.16 33.11
N TYR B 543 -12.35 7.17 32.92
CA TYR B 543 -11.47 8.13 33.58
C TYR B 543 -11.88 9.56 33.26
N TYR B 544 -12.32 9.77 32.02
CA TYR B 544 -12.66 11.11 31.52
C TYR B 544 -14.10 11.56 31.76
N HIS B 545 -15.05 10.66 31.56
CA HIS B 545 -16.49 11.04 31.67
C HIS B 545 -16.99 10.98 33.08
N ARG B 546 -16.45 10.06 33.88
CA ARG B 546 -16.86 9.81 35.27
C ARG B 546 -18.36 9.71 35.47
N ALA B 547 -19.04 9.09 34.53
CA ALA B 547 -20.49 8.97 34.57
C ALA B 547 -20.99 8.14 35.76
N SER B 548 -22.10 8.56 36.34
CA SER B 548 -22.74 7.83 37.42
C SER B 548 -24.25 8.08 37.36
N LYS B 549 -24.95 7.48 38.29
CA LYS B 549 -26.40 7.69 38.38
C LYS B 549 -26.76 9.14 38.62
N THR B 550 -25.91 9.90 39.29
CA THR B 550 -26.25 11.28 39.58
C THR B 550 -25.73 12.29 38.62
N GLY B 551 -24.65 12.01 37.89
CA GLY B 551 -24.13 12.95 36.93
C GLY B 551 -23.01 12.49 36.01
N ILE B 552 -22.41 13.46 35.33
CA ILE B 552 -21.32 13.16 34.38
C ILE B 552 -20.41 14.38 34.27
N GLY B 553 -19.18 14.16 33.84
CA GLY B 553 -18.19 15.22 33.67
C GLY B 553 -17.03 15.15 34.58
N PHE B 554 -16.02 15.93 34.27
CA PHE B 554 -14.77 15.94 35.06
C PHE B 554 -14.55 17.34 35.67
N ASN B 555 -14.43 17.40 36.98
CA ASN B 555 -14.30 18.64 37.71
C ASN B 555 -12.84 19.08 37.66
N ARG B 556 -12.62 20.14 36.93
CA ARG B 556 -11.31 20.74 36.74
C ARG B 556 -11.29 22.16 37.25
N THR B 557 -12.30 22.51 38.06
CA THR B 557 -12.35 23.80 38.75
C THR B 557 -11.55 23.71 40.05
N LYS B 558 -11.54 24.81 40.80
CA LYS B 558 -10.85 24.88 42.10
C LYS B 558 -11.30 23.81 43.09
N THR B 559 -12.51 23.26 42.96
CA THR B 559 -12.95 22.21 43.88
C THR B 559 -12.59 20.82 43.37
N GLY B 560 -12.03 20.76 42.15
CA GLY B 560 -11.59 19.51 41.56
C GLY B 560 -10.08 19.49 41.36
N SER B 561 -9.65 19.20 40.13
CA SER B 561 -8.22 19.10 39.82
C SER B 561 -7.54 20.45 39.64
N ASN B 562 -8.35 21.50 39.58
CA ASN B 562 -7.94 22.87 39.36
C ASN B 562 -7.01 23.10 38.18
N ALA B 563 -7.28 22.38 37.09
CA ALA B 563 -6.57 22.54 35.84
C ALA B 563 -6.89 23.95 35.27
N LEU B 564 -8.07 24.48 35.58
CA LEU B 564 -8.41 25.81 35.10
C LEU B 564 -7.41 26.88 35.56
N ALA B 565 -6.77 26.63 36.72
CA ALA B 565 -5.82 27.61 37.23
C ALA B 565 -4.54 27.65 36.40
N GLN B 566 -4.45 26.69 35.45
CA GLN B 566 -3.32 26.69 34.55
C GLN B 566 -3.53 27.67 33.39
N TYR B 567 -4.79 28.15 33.29
CA TYR B 567 -5.16 29.13 32.27
C TYR B 567 -5.07 30.56 32.80
N PRO B 568 -4.94 31.52 31.88
CA PRO B 568 -5.04 32.94 32.22
C PRO B 568 -6.36 33.26 32.92
N GLU B 569 -6.28 34.24 33.84
CA GLU B 569 -7.39 34.48 34.77
C GLU B 569 -8.76 34.53 34.09
N PRO B 570 -8.87 35.33 33.02
CA PRO B 570 -10.15 35.52 32.33
C PRO B 570 -10.73 34.20 31.80
N ILE B 571 -9.82 33.32 31.31
CA ILE B 571 -10.29 32.03 30.80
C ILE B 571 -10.79 31.13 31.93
N ALA B 572 -10.00 31.07 33.01
CA ALA B 572 -10.42 30.29 34.17
C ALA B 572 -11.79 30.75 34.68
N LYS B 573 -11.95 32.08 34.77
CA LYS B 573 -13.22 32.65 35.19
C LYS B 573 -14.38 32.16 34.30
N ALA B 574 -14.25 32.49 33.00
CA ALA B 574 -15.33 32.18 32.07
C ALA B 574 -15.70 30.69 32.07
N TRP B 575 -14.65 29.84 32.05
CA TRP B 575 -14.90 28.40 31.97
C TRP B 575 -15.34 27.81 33.31
N GLY B 576 -15.05 28.55 34.40
CA GLY B 576 -15.30 28.00 35.74
C GLY B 576 -16.68 28.39 36.27
N ASP B 577 -17.28 29.39 35.61
CA ASP B 577 -18.62 29.81 35.96
C ASP B 577 -19.63 29.12 35.03
N LEU B 578 -20.64 28.48 35.64
CA LEU B 578 -21.60 27.73 34.83
C LEU B 578 -22.40 28.65 33.90
N ASN B 579 -22.39 29.94 34.24
CA ASN B 579 -23.14 30.92 33.44
C ASN B 579 -22.44 31.23 32.11
N SER B 580 -21.10 31.07 32.11
CA SER B 580 -20.36 31.57 30.96
C SER B 580 -19.57 30.49 30.20
N VAL B 581 -19.42 29.31 30.82
CA VAL B 581 -18.65 28.27 30.13
C VAL B 581 -19.35 27.77 28.87
N PRO B 582 -18.68 27.68 27.73
CA PRO B 582 -19.33 27.16 26.53
C PRO B 582 -19.81 25.74 26.76
N GLU B 583 -21.01 25.47 26.28
CA GLU B 583 -21.59 24.15 26.41
C GLU B 583 -20.80 23.14 25.60
N ASP B 584 -20.17 23.55 24.51
CA ASP B 584 -19.33 22.62 23.76
C ASP B 584 -18.07 22.11 24.48
N LEU B 585 -17.77 22.66 25.66
CA LEU B 585 -16.62 22.30 26.49
C LEU B 585 -17.00 21.97 27.93
N ILE B 586 -18.27 22.13 28.29
CA ILE B 586 -18.68 22.10 29.70
C ILE B 586 -18.22 20.89 30.55
N LEU B 587 -18.35 19.67 30.01
CA LEU B 587 -18.00 18.42 30.71
C LEU B 587 -16.47 18.17 30.85
N TRP B 588 -15.68 19.01 30.18
CA TRP B 588 -14.25 19.02 30.39
C TRP B 588 -13.92 19.58 31.78
N PHE B 589 -14.76 20.49 32.28
CA PHE B 589 -14.44 21.25 33.49
C PHE B 589 -15.41 21.07 34.63
N HIS B 590 -16.58 20.47 34.38
CA HIS B 590 -17.61 20.39 35.41
C HIS B 590 -18.25 19.04 35.42
N HIS B 591 -18.45 18.52 36.63
CA HIS B 591 -19.21 17.33 36.85
C HIS B 591 -20.62 17.83 37.23
N LEU B 592 -21.58 17.57 36.36
CA LEU B 592 -22.93 18.07 36.50
C LEU B 592 -23.94 16.97 36.65
N SER B 593 -24.97 17.27 37.45
CA SER B 593 -26.10 16.38 37.60
C SER B 593 -26.85 16.24 36.27
N TRP B 594 -27.43 15.07 36.06
CA TRP B 594 -28.21 14.83 34.85
C TRP B 594 -29.42 15.77 34.66
N ASP B 595 -29.89 16.36 35.76
CA ASP B 595 -30.99 17.36 35.74
C ASP B 595 -30.56 18.80 35.45
N HIS B 596 -29.26 19.07 35.28
CA HIS B 596 -28.83 20.41 34.92
C HIS B 596 -29.54 20.82 33.62
N ARG B 597 -30.09 22.04 33.57
CA ARG B 597 -30.74 22.48 32.33
C ARG B 597 -29.82 23.25 31.45
N MET B 598 -29.84 22.88 30.17
CA MET B 598 -28.95 23.49 29.16
C MET B 598 -29.67 24.67 28.53
N GLN B 599 -28.95 25.44 27.73
CA GLN B 599 -29.51 26.62 27.02
C GLN B 599 -30.74 26.29 26.21
N SER B 600 -30.79 25.10 25.61
CA SER B 600 -31.94 24.66 24.81
C SER B 600 -33.26 24.35 25.57
N GLY B 601 -33.22 24.22 26.90
CA GLY B 601 -34.38 23.85 27.69
C GLY B 601 -34.34 22.40 28.13
N ARG B 602 -33.52 21.58 27.46
CA ARG B 602 -33.39 20.19 27.80
C ARG B 602 -32.53 20.02 29.02
N ASN B 603 -32.78 18.98 29.81
CA ASN B 603 -31.82 18.62 30.86
C ASN B 603 -30.57 17.99 30.15
N LEU B 604 -29.53 17.75 30.94
CA LEU B 604 -28.24 17.28 30.42
C LEU B 604 -28.37 15.91 29.77
N TRP B 605 -29.15 15.02 30.37
CA TRP B 605 -29.35 13.69 29.75
C TRP B 605 -30.00 13.85 28.36
N GLN B 606 -31.05 14.66 28.32
CA GLN B 606 -31.82 14.92 27.10
C GLN B 606 -30.94 15.56 26.02
N GLU B 607 -30.12 16.53 26.44
CA GLU B 607 -29.23 17.25 25.55
C GLU B 607 -28.20 16.27 25.07
N LEU B 608 -27.70 15.40 25.95
CA LEU B 608 -26.72 14.39 25.52
C LEU B 608 -27.26 13.52 24.38
N VAL B 609 -28.46 13.00 24.58
CA VAL B 609 -29.14 12.18 23.60
C VAL B 609 -29.39 12.93 22.28
N HIS B 610 -29.84 14.18 22.40
CA HIS B 610 -30.12 15.04 21.27
C HIS B 610 -28.90 15.23 20.40
N LYS B 611 -27.75 15.48 21.03
CA LYS B 611 -26.50 15.68 20.26
C LYS B 611 -26.09 14.42 19.53
N TYR B 612 -26.14 13.28 20.20
CA TYR B 612 -25.76 12.00 19.60
C TYR B 612 -26.63 11.67 18.42
N TYR B 613 -27.92 11.88 18.56
CA TYR B 613 -28.86 11.68 17.44
C TYR B 613 -28.65 12.75 16.34
N GLN B 614 -28.34 13.97 16.73
CA GLN B 614 -28.01 15.03 15.77
C GLN B 614 -26.83 14.70 14.83
N GLY B 615 -25.78 14.09 15.37
CA GLY B 615 -24.60 13.73 14.61
C GLY B 615 -24.96 12.77 13.49
N VAL B 616 -25.79 11.76 13.79
CA VAL B 616 -26.24 10.78 12.78
C VAL B 616 -27.09 11.49 11.71
N GLU B 617 -27.95 12.39 12.14
CA GLU B 617 -28.78 13.15 11.19
C GLU B 617 -27.94 14.05 10.31
N GLN B 618 -26.86 14.59 10.86
CA GLN B 618 -25.99 15.42 10.06
C GLN B 618 -25.28 14.58 8.98
N VAL B 619 -24.91 13.34 9.30
CA VAL B 619 -24.28 12.45 8.32
C VAL B 619 -25.32 12.08 7.23
N ARG B 620 -26.55 11.84 7.64
CA ARG B 620 -27.61 11.52 6.68
C ARG B 620 -27.87 12.69 5.75
N ALA B 621 -27.84 13.90 6.28
CA ALA B 621 -27.94 15.13 5.50
C ALA B 621 -26.74 15.30 4.55
N MET B 622 -25.54 14.92 5.00
CA MET B 622 -24.37 14.91 4.11
C MET B 622 -24.58 13.96 2.94
N GLN B 623 -25.17 12.78 3.19
CA GLN B 623 -25.46 11.81 2.11
C GLN B 623 -26.36 12.45 1.06
N ARG B 624 -27.42 13.09 1.53
CA ARG B 624 -28.41 13.68 0.62
C ARG B 624 -27.77 14.82 -0.17
N THR B 625 -26.99 15.64 0.52
CA THR B 625 -26.25 16.69 -0.14
C THR B 625 -25.35 16.12 -1.24
N TRP B 626 -24.57 15.10 -0.93
CA TRP B 626 -23.63 14.60 -1.91
C TRP B 626 -24.35 14.00 -3.13
N ASP B 627 -25.44 13.25 -2.92
CA ASP B 627 -26.26 12.73 -4.02
C ASP B 627 -26.75 13.79 -5.00
N GLN B 628 -26.94 15.02 -4.52
CA GLN B 628 -27.35 16.10 -5.39
C GLN B 628 -26.24 16.67 -6.30
N GLN B 629 -25.01 16.14 -6.17
CA GLN B 629 -23.86 16.65 -6.91
C GLN B 629 -23.37 15.80 -8.04
N GLU B 630 -24.14 14.78 -8.39
CA GLU B 630 -23.70 13.79 -9.36
C GLU B 630 -23.39 14.38 -10.72
N ALA B 631 -24.11 15.42 -11.11
CA ALA B 631 -23.88 16.10 -12.37
C ALA B 631 -22.57 16.93 -12.42
N TYR B 632 -21.99 17.23 -11.27
CA TYR B 632 -20.82 18.09 -11.18
C TYR B 632 -19.51 17.37 -10.94
N VAL B 633 -19.58 16.11 -10.57
CA VAL B 633 -18.40 15.35 -10.20
C VAL B 633 -18.26 14.18 -11.15
N ASP B 634 -17.02 13.79 -11.43
CA ASP B 634 -16.76 12.61 -12.29
C ASP B 634 -17.36 11.37 -11.61
N ALA B 635 -17.86 10.43 -12.42
CA ALA B 635 -18.54 9.22 -11.91
C ALA B 635 -17.76 8.40 -10.85
N ALA B 636 -16.45 8.27 -11.02
CA ALA B 636 -15.62 7.45 -10.10
C ALA B 636 -15.53 8.02 -8.69
N ARG B 637 -15.09 9.27 -8.57
CA ARG B 637 -15.03 9.89 -7.27
C ARG B 637 -16.40 10.06 -6.66
N PHE B 638 -17.41 10.37 -7.49
CA PHE B 638 -18.78 10.47 -6.98
C PHE B 638 -19.18 9.16 -6.30
N ALA B 639 -18.99 8.05 -6.99
CA ALA B 639 -19.36 6.73 -6.46
C ALA B 639 -18.60 6.38 -5.23
N GLN B 640 -17.31 6.75 -5.18
CA GLN B 640 -16.48 6.41 -4.05
C GLN B 640 -16.94 7.19 -2.82
N VAL B 641 -17.18 8.48 -2.96
CA VAL B 641 -17.61 9.28 -1.80
C VAL B 641 -19.03 8.88 -1.33
N LYS B 642 -19.90 8.58 -2.29
CA LYS B 642 -21.25 8.05 -2.01
C LYS B 642 -21.19 6.81 -1.14
N ALA B 643 -20.36 5.84 -1.56
CA ALA B 643 -20.21 4.60 -0.79
C ALA B 643 -19.58 4.79 0.58
N LEU B 644 -18.53 5.60 0.67
CA LEU B 644 -17.89 5.88 1.97
C LEU B 644 -18.85 6.52 2.98
N LEU B 645 -19.67 7.46 2.49
CA LEU B 645 -20.73 8.09 3.28
C LEU B 645 -21.76 7.07 3.78
N GLN B 646 -22.04 6.04 2.98
CA GLN B 646 -22.88 4.94 3.50
C GLN B 646 -22.21 4.20 4.67
N VAL B 647 -20.89 3.98 4.58
CA VAL B 647 -20.14 3.30 5.65
C VAL B 647 -20.12 4.20 6.88
N GLN B 648 -19.89 5.48 6.64
CA GLN B 648 -19.89 6.48 7.73
C GLN B 648 -21.25 6.55 8.44
N GLU B 649 -22.35 6.52 7.67
CA GLU B 649 -23.69 6.53 8.31
C GLU B 649 -23.92 5.30 9.20
N ARG B 650 -23.51 4.15 8.70
CA ARG B 650 -23.64 2.89 9.44
C ARG B 650 -22.83 2.96 10.74
N GLU B 651 -21.60 3.46 10.63
CA GLU B 651 -20.76 3.62 11.81
C GLU B 651 -21.25 4.68 12.79
N ALA B 652 -21.80 5.76 12.24
CA ALA B 652 -22.31 6.85 13.06
C ALA B 652 -23.47 6.32 13.92
N VAL B 653 -24.30 5.50 13.31
CA VAL B 653 -25.39 4.86 14.03
C VAL B 653 -24.86 3.94 15.11
N ARG B 654 -23.84 3.15 14.77
CA ARG B 654 -23.23 2.25 15.75
C ARG B 654 -22.65 3.06 16.93
N TRP B 655 -21.97 4.16 16.60
CA TRP B 655 -21.43 5.07 17.64
C TRP B 655 -22.57 5.64 18.54
N ARG B 656 -23.58 6.19 17.89
CA ARG B 656 -24.75 6.78 18.57
C ARG B 656 -25.43 5.79 19.53
N ASN B 657 -25.79 4.64 18.98
CA ASN B 657 -26.41 3.58 19.76
C ASN B 657 -25.57 3.07 20.93
N SER B 658 -24.30 2.83 20.69
CA SER B 658 -23.37 2.31 21.69
C SER B 658 -23.19 3.28 22.86
N CYS B 659 -23.07 4.57 22.52
CA CYS B 659 -22.86 5.61 23.52
C CYS B 659 -24.15 5.93 24.30
N VAL B 660 -25.26 6.15 23.57
CA VAL B 660 -26.56 6.44 24.21
C VAL B 660 -26.96 5.29 25.12
N LEU B 661 -26.81 4.06 24.63
CA LEU B 661 -27.16 2.88 25.45
C LEU B 661 -26.23 2.68 26.64
N TYR B 662 -24.94 3.01 26.48
CA TYR B 662 -24.01 2.94 27.59
C TYR B 662 -24.33 3.97 28.69
N PHE B 663 -24.46 5.24 28.32
CA PHE B 663 -24.80 6.26 29.29
C PHE B 663 -26.20 6.07 29.89
N GLN B 664 -27.14 5.48 29.13
CA GLN B 664 -28.44 5.13 29.68
C GLN B 664 -28.28 4.09 30.78
N SER B 665 -27.43 3.10 30.54
CA SER B 665 -27.23 2.03 31.53
C SER B 665 -26.61 2.55 32.82
N VAL B 666 -25.95 3.69 32.74
CA VAL B 666 -25.34 4.29 33.91
C VAL B 666 -26.33 5.25 34.53
N ALA B 667 -26.90 6.14 33.72
CA ALA B 667 -27.86 7.16 34.19
C ALA B 667 -29.20 6.60 34.67
N GLY B 668 -29.68 5.57 33.99
CA GLY B 668 -30.96 4.95 34.30
C GLY B 668 -32.12 5.83 33.87
N ARG B 669 -31.98 6.49 32.71
CA ARG B 669 -33.00 7.40 32.22
C ARG B 669 -33.48 6.94 30.85
N PRO B 670 -34.72 7.23 30.49
CA PRO B 670 -35.21 6.76 29.20
C PRO B 670 -34.72 7.63 28.08
N ILE B 671 -34.62 7.02 26.90
CA ILE B 671 -34.37 7.76 25.66
C ILE B 671 -35.76 8.33 25.30
N PRO B 672 -35.92 9.66 25.17
CA PRO B 672 -37.20 10.25 24.83
C PRO B 672 -37.87 9.59 23.62
N ALA B 673 -39.18 9.38 23.72
CA ALA B 673 -39.96 8.62 22.71
C ALA B 673 -39.92 9.10 21.26
N ASN B 674 -39.63 10.37 21.00
CA ASN B 674 -39.53 10.85 19.62
C ASN B 674 -38.32 10.31 18.83
N TYR B 675 -37.30 9.82 19.54
CA TYR B 675 -36.10 9.26 18.91
C TYR B 675 -36.31 7.81 18.57
N GLU B 676 -35.68 7.37 17.50
CA GLU B 676 -35.72 5.96 17.12
C GLU B 676 -34.94 5.17 18.17
N GLN B 677 -35.66 4.31 18.88
CA GLN B 677 -35.06 3.49 19.93
C GLN B 677 -34.19 2.42 19.28
N PRO B 678 -32.96 2.23 19.74
CA PRO B 678 -32.17 1.11 19.27
C PRO B 678 -32.88 -0.21 19.62
N GLU B 679 -32.83 -1.16 18.68
CA GLU B 679 -33.53 -2.44 18.84
C GLU B 679 -32.72 -3.39 19.70
N HIS B 680 -31.40 -3.36 19.55
CA HIS B 680 -30.51 -4.20 20.33
C HIS B 680 -30.15 -3.49 21.62
N ASP B 681 -29.64 -4.27 22.57
CA ASP B 681 -29.23 -3.78 23.87
C ASP B 681 -27.72 -3.42 23.87
N LEU B 682 -27.23 -2.96 25.00
CA LEU B 682 -25.83 -2.59 25.19
C LEU B 682 -24.85 -3.75 24.98
N GLU B 683 -25.21 -4.96 25.46
CA GLU B 683 -24.35 -6.12 25.27
C GLU B 683 -24.06 -6.39 23.79
N TYR B 684 -25.07 -6.20 22.95
CA TYR B 684 -24.88 -6.36 21.51
C TYR B 684 -23.84 -5.37 20.94
N TYR B 685 -23.89 -4.13 21.41
CA TYR B 685 -22.94 -3.10 20.93
C TYR B 685 -21.53 -3.34 21.50
N LYS B 686 -21.46 -3.95 22.68
CA LYS B 686 -20.17 -4.39 23.19
C LYS B 686 -19.60 -5.50 22.30
N MET B 687 -20.50 -6.39 21.86
CA MET B 687 -20.16 -7.47 20.96
C MET B 687 -19.71 -6.87 19.62
N LEU B 688 -20.42 -5.89 19.10
CA LEU B 688 -20.00 -5.29 17.83
C LEU B 688 -18.62 -4.62 17.97
N ALA B 689 -18.34 -4.03 19.13
CA ALA B 689 -17.05 -3.44 19.37
C ALA B 689 -15.93 -4.46 19.37
N ARG B 690 -16.24 -5.66 19.83
CA ARG B 690 -15.22 -6.71 19.81
C ARG B 690 -15.01 -7.30 18.40
N THR B 691 -16.03 -7.23 17.54
CA THR B 691 -16.01 -7.96 16.26
C THR B 691 -16.04 -7.16 14.99
N THR B 692 -16.28 -5.85 15.07
CA THR B 692 -16.37 -5.00 13.89
C THR B 692 -14.94 -4.72 13.41
N TYR B 693 -14.69 -5.06 12.14
CA TYR B 693 -13.38 -4.90 11.54
C TYR B 693 -12.87 -3.49 11.67
N VAL B 694 -11.60 -3.39 12.08
CA VAL B 694 -10.88 -2.13 12.30
C VAL B 694 -10.06 -1.93 11.02
N PRO B 695 -10.37 -0.96 10.17
CA PRO B 695 -9.67 -0.79 8.89
C PRO B 695 -8.40 0.03 8.90
N GLU B 696 -7.38 -0.58 9.48
CA GLU B 696 -6.03 -0.03 9.48
C GLU B 696 -5.04 -1.18 9.57
N PRO B 697 -4.09 -1.23 8.63
CA PRO B 697 -3.00 -2.23 8.70
C PRO B 697 -2.17 -2.22 9.99
N TRP B 698 -1.80 -1.04 10.48
CA TRP B 698 -0.92 -0.93 11.64
C TRP B 698 -1.45 -1.50 12.96
N HIS B 699 -2.60 -1.02 13.43
CA HIS B 699 -3.00 -1.43 14.78
C HIS B 699 -3.34 -2.92 14.87
N PRO B 700 -2.83 -3.64 15.90
CA PRO B 700 -3.12 -5.06 16.11
C PRO B 700 -4.62 -5.49 16.07
N ALA B 701 -5.54 -4.61 16.47
CA ALA B 701 -6.97 -4.87 16.39
C ALA B 701 -7.43 -5.37 14.99
N SER B 702 -6.81 -4.86 13.90
CA SER B 702 -7.20 -5.35 12.56
C SER B 702 -6.93 -6.86 12.28
N SER B 703 -6.03 -7.46 13.09
CA SER B 703 -5.72 -8.89 13.07
C SER B 703 -6.49 -9.71 14.13
N SER B 704 -7.34 -9.04 14.92
CA SER B 704 -8.13 -9.69 15.94
C SER B 704 -9.13 -10.69 15.37
N ARG B 705 -9.03 -11.94 15.84
CA ARG B 705 -9.93 -12.99 15.39
C ARG B 705 -11.10 -13.23 16.36
N VAL B 706 -11.31 -12.29 17.29
CA VAL B 706 -12.44 -12.37 18.21
C VAL B 706 -13.72 -12.38 17.39
N LEU B 707 -14.57 -13.37 17.68
CA LEU B 707 -15.82 -13.59 16.95
C LEU B 707 -17.11 -13.55 17.78
N LYS B 708 -16.98 -13.27 19.07
CA LYS B 708 -18.11 -13.26 19.99
C LYS B 708 -18.02 -12.04 20.91
O1 XYP C . 7.85 -16.81 11.57
O1 XYP C . 8.00 -16.10 9.40
C1 XYP C . 8.12 -17.23 10.26
C1 XYP C . 8.01 -17.23 10.24
C2 XYP C . 9.49 -17.80 10.29
C2 XYP C . 9.38 -17.82 10.28
C3 XYP C . 9.89 -18.36 8.93
C3 XYP C . 9.80 -18.37 8.92
C4 XYP C . 8.79 -19.28 8.40
C4 XYP C . 8.73 -19.30 8.38
C5 XYP C . 7.43 -18.63 8.58
C5 XYP C . 7.35 -18.67 8.52
O2 XYP C . 10.34 -16.76 10.71
O2 XYP C . 10.24 -16.77 10.69
O3 XYP C . 11.15 -19.01 9.07
O3 XYP C . 11.07 -19.01 9.07
O4 XYP C . 8.90 -19.58 7.02
O4 XYP C . 8.89 -19.59 7.01
O5 XYP C . 7.24 -18.20 9.90
O5 XYP C . 7.12 -18.18 9.83
C1 XYP C . 9.59 -20.84 6.87
C2 XYP C . 9.03 -21.55 5.68
C3 XYP C . 9.71 -22.87 5.45
C4 XYP C . 11.21 -22.64 5.43
C5 XYP C . 11.64 -21.85 6.61
O2 XYP C . 7.65 -21.74 5.88
O3 XYP C . 9.27 -23.47 4.25
O4 XYP C . 11.81 -23.91 5.57
O5 XYP C . 10.92 -20.65 6.71
O1 XYP D . 0.08 0.25 21.56
O1 XYP D . -1.43 1.01 20.17
C1 XYP D . -0.74 1.37 21.44
C1 XYP D . -0.89 1.17 21.47
C2 XYP D . -1.90 1.25 22.39
C2 XYP D . -2.03 1.17 22.43
C3 XYP D . -2.78 2.48 22.27
C3 XYP D . -2.87 2.44 22.28
C4 XYP D . -1.92 3.72 22.38
C4 XYP D . -1.97 3.66 22.36
C5 XYP D . -0.69 3.64 21.48
C5 XYP D . -0.77 3.53 21.43
O2 XYP D . -2.66 0.11 22.05
O2 XYP D . -2.84 0.04 22.18
O3 XYP D . -3.77 2.43 23.30
O3 XYP D . -3.87 2.43 23.29
O4 XYP D . -2.61 4.88 22.00
O4 XYP D . -2.61 4.85 22.00
O5 XYP D . -0.01 2.45 21.80
O5 XYP D . -0.12 2.28 21.62
C1 XYP D . -2.99 5.57 23.19
C2 XYP D . -2.68 7.00 22.93
C3 XYP D . -3.12 7.87 24.07
C4 XYP D . -4.58 7.58 24.33
C5 XYP D . -4.83 6.11 24.51
O2 XYP D . -1.30 7.19 22.64
O3 XYP D . -2.94 9.23 23.75
O4 XYP D . -4.97 8.21 25.53
O5 XYP D . -4.29 5.28 23.50
C1 EDO E . -6.82 -17.81 -23.77
O1 EDO E . -6.38 -17.47 -25.08
C2 EDO E . -7.05 -16.55 -23.01
O2 EDO E . -5.76 -15.99 -22.78
C1 EDO F . -13.15 -1.11 -15.99
O1 EDO F . -11.86 -0.66 -16.38
C2 EDO F . -13.36 -0.67 -14.56
O2 EDO F . -12.98 0.67 -14.50
C1 EDO G . -3.69 -19.71 -27.66
O1 EDO G . -2.81 -18.61 -27.65
C2 EDO G . -3.95 -20.07 -26.23
O2 EDO G . -2.78 -20.65 -25.65
C1 EDO H . -5.91 -4.29 -16.50
O1 EDO H . -5.28 -3.65 -17.58
C2 EDO H . -5.31 -3.81 -15.19
O2 EDO H . -5.76 -2.52 -14.91
C1 EDO I . -10.82 2.98 -1.61
O1 EDO I . -10.83 1.58 -1.63
C2 EDO I . -11.99 3.44 -0.76
O2 EDO I . -12.04 4.84 -0.77
C1 EDO J . 24.89 0.74 -15.44
O1 EDO J . 24.29 -0.42 -16.03
C2 EDO J . 24.21 1.06 -14.12
O2 EDO J . 22.79 1.10 -14.24
CO CO K . 21.18 -10.24 -20.78
CO CO L . 5.43 -1.27 -14.44
CO CO M . 40.59 -26.52 -4.91
CO CO N . 0.35 -9.34 9.25
C1 EDO O . 1.66 29.16 -1.45
O1 EDO O . 0.43 28.40 -1.44
C2 EDO O . 1.35 30.48 -0.80
O2 EDO O . 0.43 31.21 -1.62
C1 EDO P . 6.70 15.21 -12.04
O1 EDO P . 5.31 15.23 -12.23
C2 EDO P . 7.17 13.78 -12.17
O2 EDO P . 8.57 13.91 -12.10
C1 EDO Q . -17.91 22.24 39.22
O1 EDO Q . -19.07 22.74 38.63
C2 EDO Q . -18.23 20.93 39.90
O2 EDO Q . -17.77 19.88 39.09
C1 EDO R . 0.63 16.56 -7.35
O1 EDO R . -0.37 16.98 -8.21
C2 EDO R . 0.32 15.17 -6.83
O2 EDO R . 0.66 14.18 -7.77
C1 EDO S . -6.90 45.15 25.79
O1 EDO S . -6.74 43.80 26.16
C2 EDO S . -7.71 45.86 26.84
O2 EDO S . -8.68 46.63 26.17
C1 EDO T . -2.61 34.14 -0.33
O1 EDO T . -3.60 33.24 -0.83
C2 EDO T . -1.71 33.39 0.62
O2 EDO T . -2.57 32.89 1.63
CO CO U . -24.89 18.66 4.37
CO CO V . -9.75 11.11 -4.76
CO CO W . 4.48 -1.69 12.23
CO CO X . -34.56 12.52 31.95
#